data_3K92
#
_entry.id   3K92
#
_cell.length_a   137.614
_cell.length_b   143.072
_cell.length_c   162.607
_cell.angle_alpha   90.000
_cell.angle_beta   90.000
_cell.angle_gamma   90.000
#
_symmetry.space_group_name_H-M   'P 21 21 21'
#
loop_
_entity.id
_entity.type
_entity.pdbx_description
1 polymer 'NAD-specific glutamate dehydrogenase'
2 non-polymer DI(HYDROXYETHYL)ETHER
3 water water
#
_entity_poly.entity_id   1
_entity_poly.type   'polypeptide(L)'
_entity_poly.pdbx_seq_one_letter_code
;MSAKQVSKDEEKEALNLFLSTQTIIKEALRKLGYPGDMYELMKEPQRMLTVRIPVKMDNGSVKVFTGYRSQHNDAVGPTK
GGVRFHPEVNEEKVKALSIWMTLKCGIANLPYGGGKGGIICDPRTMSFGELERLSRGYVRAISQIVGPTKDIPAPDVYTN
SQIMAWMMDEYSRLREFDSPGFITGKPLVLGGSQGRETATAQGVTICIEEAVKKKGIKLQNARIIIQGFGNAGSFLAKFM
HDAGAKVIGISDANGGLYNPDGLDIPYLLDKRDSFGMVTNLFTDVITNEELLEKDCDILVPAAISNQITAKNAHNIQASI
VVERANGPTTIDATKILNERGVLLVPDILASAGGVTVSYFEWVQNNQGYYWSEEEVAEKLRSVMVSSFETIYQTAATHKV
DMRLAAYMTGIRKSAEASRFRGWV
;
_entity_poly.pdbx_strand_id   A,B,C,D,E,F
#
# COMPACT_ATOMS: atom_id res chain seq x y z
N SER A 7 20.03 -38.59 -9.35
CA SER A 7 20.18 -39.94 -8.71
C SER A 7 19.26 -40.15 -7.52
N LYS A 8 18.66 -41.32 -7.47
CA LYS A 8 17.92 -41.79 -6.29
C LYS A 8 18.74 -41.68 -5.00
N ASP A 9 20.03 -41.95 -5.09
CA ASP A 9 20.85 -41.92 -3.90
C ASP A 9 20.81 -40.55 -3.27
N GLU A 10 21.06 -39.54 -4.08
CA GLU A 10 21.17 -38.18 -3.60
C GLU A 10 19.81 -37.71 -3.06
N GLU A 11 18.72 -38.09 -3.71
CA GLU A 11 17.38 -37.71 -3.28
C GLU A 11 16.99 -38.46 -1.99
N LYS A 12 17.42 -39.71 -1.88
CA LYS A 12 17.29 -40.49 -0.64
C LYS A 12 18.04 -39.82 0.52
N GLU A 13 19.25 -39.37 0.26
CA GLU A 13 20.02 -38.62 1.27
C GLU A 13 19.33 -37.27 1.69
N ALA A 14 18.73 -36.60 0.73
CA ALA A 14 18.00 -35.34 0.97
C ALA A 14 16.79 -35.56 1.92
N LEU A 15 16.01 -36.63 1.65
CA LEU A 15 14.86 -36.99 2.46
C LEU A 15 15.31 -37.38 3.84
N ASN A 16 16.28 -38.29 3.94
CA ASN A 16 16.75 -38.74 5.23
C ASN A 16 17.29 -37.58 6.07
N LEU A 17 17.86 -36.55 5.43
CA LEU A 17 18.32 -35.41 6.19
C LEU A 17 17.12 -34.70 6.85
N PHE A 18 16.00 -34.68 6.15
CA PHE A 18 14.78 -34.05 6.65
C PHE A 18 14.22 -34.92 7.81
N LEU A 19 14.11 -36.22 7.60
CA LEU A 19 13.57 -37.15 8.65
C LEU A 19 14.44 -37.14 9.89
N SER A 20 15.74 -37.05 9.69
CA SER A 20 16.66 -37.13 10.79
C SER A 20 16.60 -35.80 11.58
N THR A 21 16.32 -34.70 10.90
CA THR A 21 16.24 -33.49 11.64
C THR A 21 14.91 -33.41 12.37
N GLN A 22 13.86 -33.94 11.77
CA GLN A 22 12.61 -34.08 12.50
C GLN A 22 12.71 -34.93 13.79
N THR A 23 13.45 -36.05 13.71
CA THR A 23 13.75 -36.92 14.84
C THR A 23 14.41 -36.14 16.00
N ILE A 24 15.46 -35.41 15.72
CA ILE A 24 16.21 -34.77 16.80
C ILE A 24 15.43 -33.61 17.37
N ILE A 25 14.72 -32.90 16.48
CA ILE A 25 13.91 -31.76 16.93
C ILE A 25 12.79 -32.24 17.91
N LYS A 26 12.20 -33.38 17.60
CA LYS A 26 11.16 -33.96 18.41
C LYS A 26 11.71 -34.21 19.83
N GLU A 27 12.83 -34.92 19.90
CA GLU A 27 13.51 -35.17 21.14
C GLU A 27 13.88 -33.88 21.82
N ALA A 28 14.36 -32.91 21.06
CA ALA A 28 14.83 -31.68 21.71
C ALA A 28 13.68 -31.10 22.48
N LEU A 29 12.56 -30.96 21.79
CA LEU A 29 11.30 -30.39 22.31
C LEU A 29 10.76 -31.16 23.53
N ARG A 30 10.87 -32.48 23.49
CA ARG A 30 10.48 -33.34 24.60
C ARG A 30 11.36 -33.07 25.82
N LYS A 31 12.66 -33.13 25.61
CA LYS A 31 13.61 -32.84 26.64
C LYS A 31 13.43 -31.39 27.15
N LEU A 32 12.88 -30.51 26.34
CA LEU A 32 12.66 -29.10 26.79
C LEU A 32 11.29 -28.94 27.58
N GLY A 33 10.48 -30.00 27.62
CA GLY A 33 9.29 -30.02 28.43
C GLY A 33 7.96 -29.81 27.68
N TYR A 34 7.98 -29.81 26.32
CA TYR A 34 6.78 -29.57 25.54
C TYR A 34 6.03 -30.87 25.22
N PRO A 35 4.69 -30.81 25.25
CA PRO A 35 3.87 -31.90 24.78
C PRO A 35 3.91 -31.97 23.25
N GLY A 36 3.31 -32.99 22.68
CA GLY A 36 3.44 -33.32 21.27
C GLY A 36 3.10 -32.28 20.22
N ASP A 37 2.29 -31.29 20.58
CA ASP A 37 1.72 -30.39 19.62
C ASP A 37 2.72 -29.32 19.13
N MET A 38 3.65 -28.94 19.99
CA MET A 38 4.71 -28.04 19.60
C MET A 38 5.53 -28.64 18.43
N TYR A 39 5.80 -29.94 18.52
CA TYR A 39 6.51 -30.67 17.45
C TYR A 39 5.71 -30.62 16.14
N GLU A 40 4.38 -30.64 16.25
CA GLU A 40 3.52 -30.65 15.08
C GLU A 40 3.58 -29.30 14.35
N LEU A 41 3.73 -28.25 15.14
CA LEU A 41 4.02 -26.91 14.65
C LEU A 41 5.40 -26.82 13.96
N MET A 42 6.44 -27.42 14.56
CA MET A 42 7.83 -27.18 14.14
C MET A 42 8.33 -28.15 13.06
N LYS A 43 7.66 -29.27 12.92
CA LYS A 43 8.18 -30.31 12.10
C LYS A 43 8.16 -29.91 10.63
N GLU A 44 7.30 -29.01 10.27
CA GLU A 44 7.21 -28.56 8.87
C GLU A 44 7.12 -27.04 8.85
N PRO A 45 7.48 -26.39 7.73
CA PRO A 45 7.42 -24.91 7.74
C PRO A 45 6.06 -24.25 7.70
N GLN A 46 5.93 -23.05 8.28
CA GLN A 46 4.69 -22.29 8.22
C GLN A 46 4.25 -22.14 6.75
N ARG A 47 5.21 -21.81 5.89
CA ARG A 47 5.00 -21.57 4.47
C ARG A 47 6.09 -22.21 3.62
N MET A 48 5.69 -22.94 2.59
CA MET A 48 6.58 -23.42 1.55
C MET A 48 6.00 -22.96 0.22
N LEU A 49 6.78 -22.19 -0.53
CA LEU A 49 6.39 -21.74 -1.82
C LEU A 49 7.24 -22.42 -2.87
N THR A 50 6.56 -23.00 -3.84
CA THR A 50 7.25 -23.47 -5.02
C THR A 50 6.85 -22.74 -6.33
N VAL A 51 7.86 -22.25 -7.05
CA VAL A 51 7.63 -21.37 -8.19
C VAL A 51 8.27 -21.96 -9.51
N ARG A 52 7.69 -21.55 -10.64
CA ARG A 52 8.22 -21.81 -12.02
C ARG A 52 8.56 -20.53 -12.65
N ILE A 53 9.81 -20.40 -13.06
CA ILE A 53 10.41 -19.18 -13.49
C ILE A 53 10.93 -19.31 -14.95
N PRO A 54 10.30 -18.62 -15.89
CA PRO A 54 10.75 -18.63 -17.28
C PRO A 54 11.87 -17.70 -17.56
N VAL A 55 12.96 -18.20 -18.14
CA VAL A 55 14.11 -17.37 -18.44
C VAL A 55 14.53 -17.52 -19.90
N LYS A 56 14.77 -16.39 -20.56
CA LYS A 56 15.24 -16.34 -21.94
C LYS A 56 16.70 -16.69 -21.89
N MET A 57 17.08 -17.77 -22.52
CA MET A 57 18.49 -18.22 -22.53
C MET A 57 19.25 -17.55 -23.68
N ASP A 58 20.58 -17.58 -23.61
CA ASP A 58 21.49 -17.01 -24.65
C ASP A 58 21.23 -17.56 -26.08
N ASN A 59 21.02 -18.84 -26.23
CA ASN A 59 20.70 -19.46 -27.53
C ASN A 59 19.30 -19.14 -28.11
N GLY A 60 18.56 -18.24 -27.47
CA GLY A 60 17.23 -17.82 -27.94
C GLY A 60 16.05 -18.59 -27.37
N SER A 61 16.25 -19.80 -26.91
CA SER A 61 15.17 -20.56 -26.28
C SER A 61 14.70 -19.97 -24.91
N VAL A 62 13.53 -20.43 -24.44
CA VAL A 62 13.15 -20.16 -23.05
C VAL A 62 13.11 -21.41 -22.19
N LYS A 63 13.75 -21.31 -21.02
CA LYS A 63 13.78 -22.44 -20.10
C LYS A 63 13.06 -22.08 -18.80
N VAL A 64 12.29 -23.03 -18.26
CA VAL A 64 11.40 -22.76 -17.09
C VAL A 64 12.00 -23.47 -15.89
N PHE A 65 12.40 -22.72 -14.88
CA PHE A 65 13.16 -23.27 -13.76
C PHE A 65 12.25 -23.45 -12.58
N THR A 66 12.52 -24.45 -11.77
CA THR A 66 11.83 -24.58 -10.52
C THR A 66 12.62 -23.93 -9.38
N GLY A 67 11.93 -23.09 -8.62
CA GLY A 67 12.47 -22.57 -7.36
C GLY A 67 11.59 -22.80 -6.14
N TYR A 68 12.19 -22.60 -4.98
CA TYR A 68 11.59 -22.84 -3.73
C TYR A 68 12.03 -21.79 -2.74
N ARG A 69 11.12 -21.53 -1.77
CA ARG A 69 11.39 -20.75 -0.58
C ARG A 69 10.54 -21.31 0.57
N SER A 70 11.25 -21.77 1.62
CA SER A 70 10.70 -22.41 2.80
C SER A 70 10.91 -21.40 3.95
N GLN A 71 9.83 -21.08 4.64
CA GLN A 71 9.87 -20.14 5.79
C GLN A 71 9.36 -20.96 6.97
N HIS A 72 10.32 -21.37 7.80
CA HIS A 72 10.05 -22.37 8.82
C HIS A 72 9.16 -21.84 9.94
N ASN A 73 9.60 -20.79 10.63
CA ASN A 73 8.82 -20.24 11.71
C ASN A 73 9.22 -18.79 11.96
N ASP A 74 8.28 -17.85 12.06
CA ASP A 74 8.63 -16.49 12.24
C ASP A 74 8.13 -15.88 13.59
N ALA A 75 8.02 -16.74 14.60
CA ALA A 75 7.46 -16.36 15.88
C ALA A 75 8.34 -15.25 16.47
N VAL A 76 9.66 -15.40 16.30
CA VAL A 76 10.67 -14.58 16.94
C VAL A 76 11.08 -13.35 16.07
N GLY A 77 10.80 -13.43 14.78
CA GLY A 77 11.23 -12.39 13.90
C GLY A 77 11.03 -12.89 12.48
N PRO A 78 11.44 -12.08 11.53
CA PRO A 78 11.41 -12.49 10.12
C PRO A 78 12.32 -13.67 9.82
N THR A 79 12.01 -14.41 8.77
CA THR A 79 12.81 -15.55 8.49
C THR A 79 14.14 -15.17 7.82
N LYS A 80 15.16 -16.04 7.90
CA LYS A 80 16.52 -15.68 7.45
C LYS A 80 17.24 -16.89 6.90
N GLY A 81 17.77 -16.78 5.68
CA GLY A 81 18.56 -17.90 5.15
C GLY A 81 18.86 -17.85 3.68
N GLY A 82 19.93 -18.49 3.25
CA GLY A 82 20.43 -18.23 1.92
C GLY A 82 19.62 -18.91 0.78
N VAL A 83 20.09 -18.76 -0.47
CA VAL A 83 19.48 -19.42 -1.66
C VAL A 83 20.56 -20.11 -2.41
N ARG A 84 20.32 -21.36 -2.77
CA ARG A 84 21.26 -22.06 -3.57
C ARG A 84 20.76 -22.34 -4.94
N PHE A 85 21.74 -22.39 -5.83
CA PHE A 85 21.54 -22.70 -7.24
C PHE A 85 22.34 -23.98 -7.44
N HIS A 86 21.68 -25.11 -7.66
CA HIS A 86 22.37 -26.42 -7.75
C HIS A 86 21.43 -27.44 -8.35
N PRO A 87 21.96 -28.37 -9.16
CA PRO A 87 21.06 -29.31 -9.81
C PRO A 87 20.39 -30.29 -8.86
N GLU A 88 20.99 -30.53 -7.71
CA GLU A 88 20.40 -31.40 -6.72
C GLU A 88 19.48 -30.69 -5.70
N VAL A 89 19.14 -29.44 -5.91
CA VAL A 89 18.18 -28.75 -5.02
C VAL A 89 16.91 -29.61 -4.98
N ASN A 90 16.40 -29.85 -3.77
CA ASN A 90 15.05 -30.40 -3.66
C ASN A 90 14.26 -29.90 -2.46
N GLU A 91 12.95 -30.01 -2.56
CA GLU A 91 12.07 -29.47 -1.58
C GLU A 91 12.44 -29.86 -0.16
N GLU A 92 12.67 -31.15 -0.01
CA GLU A 92 12.93 -31.73 1.30
C GLU A 92 14.18 -31.17 1.89
N LYS A 93 15.25 -31.14 1.14
CA LYS A 93 16.45 -30.53 1.63
C LYS A 93 16.29 -29.01 1.91
N VAL A 94 15.54 -28.30 1.08
CA VAL A 94 15.26 -26.87 1.32
C VAL A 94 14.50 -26.68 2.65
N LYS A 95 13.48 -27.50 2.90
CA LYS A 95 12.81 -27.50 4.18
C LYS A 95 13.71 -27.80 5.37
N ALA A 96 14.48 -28.88 5.30
CA ALA A 96 15.42 -29.19 6.37
C ALA A 96 16.38 -28.05 6.70
N LEU A 97 16.96 -27.47 5.67
CA LEU A 97 17.93 -26.38 5.82
C LEU A 97 17.28 -25.17 6.46
N SER A 98 16.01 -24.89 6.07
CA SER A 98 15.26 -23.82 6.74
C SER A 98 15.12 -24.09 8.28
N ILE A 99 14.94 -25.35 8.69
CA ILE A 99 14.90 -25.70 10.10
C ILE A 99 16.29 -25.50 10.75
N TRP A 100 17.35 -25.90 10.04
CA TRP A 100 18.68 -25.61 10.57
C TRP A 100 18.94 -24.16 10.83
N MET A 101 18.40 -23.34 9.95
CA MET A 101 18.58 -21.90 10.08
C MET A 101 17.88 -21.37 11.30
N THR A 102 16.68 -21.85 11.58
CA THR A 102 15.98 -21.51 12.85
C THR A 102 16.90 -21.81 13.96
N LEU A 103 17.57 -22.95 13.89
CA LEU A 103 18.45 -23.41 15.02
C LEU A 103 19.66 -22.54 15.16
N LYS A 104 20.32 -22.23 14.04
CA LYS A 104 21.47 -21.35 14.10
C LYS A 104 21.09 -20.02 14.74
N CYS A 105 19.94 -19.50 14.34
CA CYS A 105 19.47 -18.24 14.83
C CYS A 105 19.18 -18.32 16.33
N GLY A 106 18.51 -19.36 16.78
CA GLY A 106 18.28 -19.48 18.20
C GLY A 106 19.63 -19.56 18.92
N ILE A 107 20.59 -20.31 18.34
CA ILE A 107 21.90 -20.56 18.98
C ILE A 107 22.69 -19.27 19.17
N ALA A 108 22.69 -18.43 18.16
CA ALA A 108 23.35 -17.14 18.17
C ALA A 108 22.47 -16.07 18.83
N ASN A 109 21.27 -16.42 19.24
CA ASN A 109 20.33 -15.51 19.91
C ASN A 109 19.96 -14.34 19.05
N LEU A 110 19.57 -14.61 17.82
CA LEU A 110 19.19 -13.54 16.91
C LEU A 110 17.66 -13.40 16.83
N PRO A 111 17.16 -12.20 16.55
CA PRO A 111 15.72 -12.09 16.44
C PRO A 111 15.16 -12.56 15.04
N TYR A 112 15.36 -13.83 14.70
CA TYR A 112 15.02 -14.31 13.38
C TYR A 112 14.54 -15.70 13.56
N GLY A 113 13.65 -16.18 12.68
CA GLY A 113 13.55 -17.58 12.45
C GLY A 113 14.19 -18.00 11.12
N GLY A 114 13.96 -19.25 10.73
CA GLY A 114 14.72 -19.88 9.61
C GLY A 114 13.99 -19.88 8.25
N GLY A 115 14.69 -19.46 7.22
CA GLY A 115 14.19 -19.48 5.86
C GLY A 115 15.26 -20.04 4.97
N LYS A 116 14.90 -20.72 3.88
CA LYS A 116 15.88 -21.19 2.92
C LYS A 116 15.25 -21.28 1.53
N GLY A 117 16.06 -21.04 0.52
CA GLY A 117 15.55 -21.21 -0.85
C GLY A 117 16.53 -21.94 -1.72
N GLY A 118 16.06 -22.33 -2.91
CA GLY A 118 16.95 -22.81 -3.92
C GLY A 118 16.29 -22.87 -5.30
N ILE A 119 17.13 -22.98 -6.35
CA ILE A 119 16.66 -23.15 -7.72
C ILE A 119 17.39 -24.34 -8.32
N ILE A 120 16.63 -25.22 -8.97
CA ILE A 120 17.15 -26.42 -9.59
C ILE A 120 17.73 -25.95 -10.93
N CYS A 121 19.03 -25.75 -10.94
CA CYS A 121 19.77 -25.32 -12.13
C CYS A 121 21.25 -25.67 -11.93
N ASP A 122 21.97 -25.59 -13.03
CA ASP A 122 23.40 -25.78 -12.94
C ASP A 122 24.12 -24.54 -13.40
N PRO A 123 24.54 -23.70 -12.46
CA PRO A 123 25.23 -22.47 -12.79
C PRO A 123 26.60 -22.66 -13.46
N ARG A 124 27.29 -23.76 -13.23
CA ARG A 124 28.54 -24.03 -13.98
C ARG A 124 28.36 -23.90 -15.51
N THR A 125 27.17 -24.15 -16.04
CA THR A 125 27.02 -24.15 -17.47
C THR A 125 26.16 -23.02 -17.97
N MET A 126 26.02 -21.94 -17.18
CA MET A 126 25.18 -20.80 -17.56
C MET A 126 26.05 -19.57 -17.63
N SER A 127 25.66 -18.61 -18.47
CA SER A 127 26.38 -17.33 -18.55
C SER A 127 26.00 -16.43 -17.39
N PHE A 128 26.76 -15.36 -17.23
CA PHE A 128 26.46 -14.27 -16.30
C PHE A 128 25.12 -13.64 -16.53
N GLY A 129 24.80 -13.40 -17.81
CA GLY A 129 23.54 -12.84 -18.20
C GLY A 129 22.42 -13.74 -17.76
N GLU A 130 22.58 -15.04 -18.02
CA GLU A 130 21.51 -15.96 -17.74
C GLU A 130 21.31 -16.05 -16.23
N LEU A 131 22.41 -16.12 -15.50
CA LEU A 131 22.37 -16.09 -14.07
C LEU A 131 21.65 -14.81 -13.53
N GLU A 132 21.87 -13.65 -14.17
CA GLU A 132 21.23 -12.42 -13.77
C GLU A 132 19.76 -12.53 -14.03
N ARG A 133 19.39 -13.02 -15.19
CA ARG A 133 18.00 -13.08 -15.47
C ARG A 133 17.30 -14.08 -14.55
N LEU A 134 17.93 -15.18 -14.22
CA LEU A 134 17.28 -16.11 -13.32
C LEU A 134 17.13 -15.53 -11.92
N SER A 135 18.13 -14.80 -11.45
CA SER A 135 18.08 -14.21 -10.13
C SER A 135 16.93 -13.22 -10.07
N ARG A 136 16.80 -12.38 -11.10
CA ARG A 136 15.75 -11.37 -11.11
C ARG A 136 14.42 -12.05 -11.16
N GLY A 137 14.29 -13.12 -11.96
CA GLY A 137 13.00 -13.83 -12.05
C GLY A 137 12.56 -14.48 -10.71
N TYR A 138 13.53 -14.98 -9.97
CA TYR A 138 13.31 -15.55 -8.62
C TYR A 138 12.70 -14.49 -7.70
N VAL A 139 13.26 -13.30 -7.69
CA VAL A 139 12.74 -12.22 -6.87
C VAL A 139 11.36 -11.87 -7.34
N ARG A 140 11.19 -11.74 -8.65
CA ARG A 140 9.84 -11.46 -9.16
C ARG A 140 8.84 -12.53 -8.86
N ALA A 141 9.29 -13.78 -8.72
CA ALA A 141 8.33 -14.84 -8.41
C ALA A 141 7.95 -14.88 -6.96
N ILE A 142 8.85 -14.53 -6.04
CA ILE A 142 8.62 -14.70 -4.59
C ILE A 142 8.35 -13.40 -3.79
N SER A 143 8.37 -12.26 -4.46
CA SER A 143 8.42 -10.97 -3.82
C SER A 143 7.23 -10.70 -2.86
N GLN A 144 6.10 -11.34 -3.10
CA GLN A 144 4.98 -11.20 -2.21
C GLN A 144 5.22 -11.73 -0.77
N ILE A 145 6.24 -12.56 -0.54
CA ILE A 145 6.34 -13.19 0.73
C ILE A 145 7.69 -12.93 1.41
N VAL A 146 8.44 -12.03 0.84
CA VAL A 146 9.82 -11.78 1.17
C VAL A 146 10.02 -10.19 1.32
N GLY A 147 11.10 -9.78 1.99
CA GLY A 147 11.46 -8.37 2.20
C GLY A 147 12.09 -8.18 3.58
N PRO A 148 12.57 -6.99 3.88
CA PRO A 148 13.25 -6.66 5.14
C PRO A 148 12.53 -6.96 6.42
N THR A 149 11.22 -7.02 6.43
CA THR A 149 10.44 -7.26 7.65
C THR A 149 9.89 -8.67 7.67
N LYS A 150 10.12 -9.42 6.58
CA LYS A 150 9.50 -10.73 6.37
C LYS A 150 10.47 -11.92 6.35
N ASP A 151 11.43 -11.82 5.44
CA ASP A 151 12.27 -12.99 5.00
C ASP A 151 13.41 -12.45 4.19
N ILE A 152 14.63 -12.67 4.67
CA ILE A 152 15.79 -11.96 4.19
C ILE A 152 16.79 -13.01 3.68
N PRO A 153 16.95 -13.12 2.34
CA PRO A 153 17.86 -14.18 1.85
C PRO A 153 19.33 -13.84 2.02
N ALA A 154 20.19 -14.64 1.37
CA ALA A 154 21.64 -14.55 1.54
C ALA A 154 22.27 -15.52 0.55
N PRO A 155 23.64 -15.51 0.42
CA PRO A 155 24.29 -16.47 -0.45
C PRO A 155 24.39 -17.86 0.14
N ASP A 156 24.63 -18.82 -0.75
CA ASP A 156 24.77 -20.19 -0.38
C ASP A 156 25.49 -20.89 -1.56
N VAL A 157 25.25 -22.17 -1.74
CA VAL A 157 25.93 -22.89 -2.77
C VAL A 157 25.69 -22.27 -4.15
N TYR A 158 26.81 -21.94 -4.83
CA TYR A 158 26.82 -21.25 -6.12
C TYR A 158 26.09 -19.95 -6.22
N THR A 159 25.93 -19.24 -5.10
CA THR A 159 25.50 -17.89 -5.19
C THR A 159 26.44 -17.07 -4.39
N ASN A 160 26.50 -15.78 -4.71
CA ASN A 160 27.58 -14.92 -4.20
C ASN A 160 27.05 -13.51 -4.11
N SER A 161 27.91 -12.58 -3.74
CA SER A 161 27.50 -11.19 -3.58
C SER A 161 27.01 -10.51 -4.86
N GLN A 162 27.44 -10.97 -6.03
CA GLN A 162 26.92 -10.48 -7.29
C GLN A 162 25.46 -10.89 -7.49
N ILE A 163 25.12 -12.12 -7.17
CA ILE A 163 23.71 -12.61 -7.26
C ILE A 163 22.86 -11.76 -6.27
N MET A 164 23.41 -11.54 -5.07
CA MET A 164 22.74 -10.70 -4.04
C MET A 164 22.46 -9.30 -4.55
N ALA A 165 23.42 -8.71 -5.25
CA ALA A 165 23.27 -7.35 -5.83
C ALA A 165 22.18 -7.31 -6.86
N TRP A 166 22.12 -8.35 -7.68
CA TRP A 166 21.06 -8.36 -8.73
C TRP A 166 19.68 -8.55 -8.07
N MET A 167 19.62 -9.35 -7.02
CA MET A 167 18.30 -9.57 -6.37
C MET A 167 17.87 -8.30 -5.60
N MET A 168 18.79 -7.64 -4.95
CA MET A 168 18.45 -6.42 -4.22
C MET A 168 17.89 -5.37 -5.22
N ASP A 169 18.62 -5.25 -6.34
CA ASP A 169 18.25 -4.23 -7.37
C ASP A 169 16.86 -4.50 -7.85
N GLU A 170 16.55 -5.75 -8.14
CA GLU A 170 15.21 -6.01 -8.63
C GLU A 170 14.11 -5.77 -7.58
N TYR A 171 14.34 -6.20 -6.36
CA TYR A 171 13.43 -5.99 -5.27
C TYR A 171 13.23 -4.51 -5.12
N SER A 172 14.33 -3.76 -5.11
CA SER A 172 14.17 -2.29 -4.97
C SER A 172 13.30 -1.61 -6.06
N ARG A 173 13.42 -2.07 -7.29
CA ARG A 173 12.58 -1.55 -8.40
C ARG A 173 11.10 -1.92 -8.19
N LEU A 174 10.81 -3.15 -7.75
CA LEU A 174 9.47 -3.54 -7.49
C LEU A 174 8.86 -2.57 -6.45
N ARG A 175 9.65 -2.19 -5.45
CA ARG A 175 9.22 -1.35 -4.37
C ARG A 175 9.32 0.11 -4.61
N GLU A 176 10.10 0.54 -5.60
CA GLU A 176 10.37 1.99 -5.88
C GLU A 176 11.18 2.70 -4.80
N PHE A 177 11.94 1.96 -4.01
CA PHE A 177 12.96 2.54 -3.16
C PHE A 177 13.98 1.47 -2.87
N ASP A 178 15.23 1.90 -2.77
CA ASP A 178 16.32 1.05 -2.33
C ASP A 178 15.98 0.31 -1.05
N SER A 179 16.08 -1.01 -1.13
CA SER A 179 15.68 -1.92 -0.10
C SER A 179 16.86 -2.85 0.24
N PRO A 180 17.90 -2.28 0.86
CA PRO A 180 19.12 -3.10 1.20
C PRO A 180 18.93 -4.27 2.16
N GLY A 181 18.18 -4.03 3.24
CA GLY A 181 17.75 -4.99 4.17
C GLY A 181 16.94 -6.17 3.66
N PHE A 182 16.51 -6.18 2.39
CA PHE A 182 15.87 -7.37 1.80
C PHE A 182 16.73 -8.60 1.80
N ILE A 183 18.04 -8.38 1.64
CA ILE A 183 18.95 -9.50 1.38
C ILE A 183 20.36 -9.18 1.89
N THR A 184 21.00 -10.18 2.49
CA THR A 184 22.38 -10.02 3.04
C THR A 184 23.44 -10.70 2.14
N GLY A 185 24.70 -10.50 2.52
CA GLY A 185 25.82 -10.87 1.69
C GLY A 185 26.10 -9.91 0.52
N LYS A 186 25.70 -8.66 0.66
CA LYS A 186 25.81 -7.71 -0.46
C LYS A 186 27.23 -7.14 -0.47
N PRO A 187 27.66 -6.60 -1.64
CA PRO A 187 28.87 -5.75 -1.78
C PRO A 187 28.76 -4.58 -0.84
N LEU A 188 29.89 -4.18 -0.32
CA LEU A 188 30.00 -3.07 0.61
C LEU A 188 29.31 -1.82 0.11
N VAL A 189 29.45 -1.48 -1.17
CA VAL A 189 28.94 -0.20 -1.64
C VAL A 189 27.42 -0.22 -1.76
N LEU A 190 26.83 -1.42 -1.64
CA LEU A 190 25.37 -1.57 -1.65
C LEU A 190 24.77 -1.77 -0.22
N GLY A 191 25.49 -1.46 0.84
CA GLY A 191 24.95 -1.73 2.22
C GLY A 191 25.40 -3.08 2.78
N GLY A 192 26.43 -3.67 2.15
CA GLY A 192 27.14 -4.78 2.68
C GLY A 192 27.76 -4.47 4.01
N SER A 193 28.26 -5.51 4.66
CA SER A 193 28.86 -5.38 5.98
C SER A 193 30.31 -5.75 5.98
N GLN A 194 31.13 -5.06 6.76
CA GLN A 194 32.50 -5.56 7.05
C GLN A 194 32.37 -6.92 7.73
N GLY A 195 33.32 -7.82 7.49
CA GLY A 195 33.36 -9.08 8.17
C GLY A 195 32.73 -10.26 7.43
N ARG A 196 31.97 -9.97 6.38
CA ARG A 196 31.16 -10.99 5.72
C ARG A 196 31.97 -12.07 5.05
N GLU A 197 33.03 -11.70 4.36
CA GLU A 197 33.77 -12.69 3.58
C GLU A 197 34.33 -13.78 4.45
N THR A 198 34.82 -13.44 5.64
CA THR A 198 35.41 -14.45 6.49
C THR A 198 34.42 -14.92 7.61
N ALA A 199 33.15 -14.47 7.61
CA ALA A 199 32.25 -14.71 8.77
C ALA A 199 32.16 -16.19 9.22
N THR A 200 31.91 -17.10 8.26
CA THR A 200 31.71 -18.51 8.61
C THR A 200 32.99 -19.13 9.20
N ALA A 201 34.12 -18.95 8.48
CA ALA A 201 35.41 -19.54 8.88
C ALA A 201 35.92 -18.90 10.23
N GLN A 202 35.75 -17.61 10.42
CA GLN A 202 36.10 -16.98 11.66
C GLN A 202 35.31 -17.57 12.83
N GLY A 203 34.02 -17.84 12.57
CA GLY A 203 33.13 -18.48 13.56
C GLY A 203 33.57 -19.91 13.90
N VAL A 204 33.90 -20.69 12.86
CA VAL A 204 34.43 -22.00 13.05
C VAL A 204 35.70 -21.88 13.86
N THR A 205 36.52 -20.87 13.61
CA THR A 205 37.79 -20.89 14.28
C THR A 205 37.68 -20.46 15.79
N ILE A 206 36.75 -19.58 16.15
CA ILE A 206 36.38 -19.32 17.55
C ILE A 206 35.90 -20.63 18.23
N CYS A 207 35.06 -21.39 17.58
CA CYS A 207 34.71 -22.67 18.16
C CYS A 207 35.86 -23.62 18.42
N ILE A 208 36.86 -23.64 17.53
CA ILE A 208 38.10 -24.47 17.69
C ILE A 208 38.90 -23.92 18.88
N GLU A 209 39.00 -22.60 19.02
CA GLU A 209 39.70 -22.01 20.15
C GLU A 209 38.99 -22.39 21.47
N GLU A 210 37.67 -22.46 21.49
CA GLU A 210 36.98 -22.81 22.75
C GLU A 210 37.06 -24.29 23.02
N ALA A 211 36.98 -25.12 22.00
CA ALA A 211 36.99 -26.53 22.24
C ALA A 211 38.34 -26.98 22.85
N VAL A 212 39.39 -26.30 22.45
CA VAL A 212 40.72 -26.81 22.65
C VAL A 212 41.01 -26.54 24.16
N LYS A 213 40.46 -25.44 24.69
CA LYS A 213 40.48 -25.17 26.15
C LYS A 213 39.79 -26.27 26.92
N LYS A 214 38.69 -26.79 26.43
CA LYS A 214 38.01 -27.86 27.18
C LYS A 214 38.81 -29.17 27.22
N LYS A 215 39.69 -29.43 26.26
CA LYS A 215 40.51 -30.65 26.33
C LYS A 215 41.92 -30.40 26.86
N GLY A 216 42.13 -29.25 27.49
CA GLY A 216 43.48 -28.78 27.82
C GLY A 216 44.50 -29.02 26.71
N ILE A 217 44.18 -28.64 25.47
CA ILE A 217 45.19 -28.53 24.40
C ILE A 217 45.46 -27.06 24.10
N LYS A 218 46.72 -26.73 23.87
CA LYS A 218 47.09 -25.40 23.41
C LYS A 218 46.95 -25.43 21.86
N LEU A 219 46.36 -24.37 21.28
CA LEU A 219 46.07 -24.35 19.84
C LEU A 219 47.37 -24.45 19.01
N GLN A 220 48.37 -23.69 19.43
CA GLN A 220 49.75 -23.79 18.96
C GLN A 220 50.18 -25.22 18.75
N ASN A 221 49.87 -26.08 19.71
CA ASN A 221 50.29 -27.46 19.72
C ASN A 221 49.30 -28.41 19.03
N ALA A 222 48.22 -27.92 18.44
CA ALA A 222 47.11 -28.80 18.05
C ALA A 222 47.37 -29.33 16.66
N ARG A 223 46.94 -30.53 16.40
CA ARG A 223 47.15 -31.13 15.09
C ARG A 223 45.83 -31.34 14.36
N ILE A 224 45.69 -30.74 13.19
CA ILE A 224 44.37 -30.62 12.56
C ILE A 224 44.31 -31.20 11.13
N ILE A 225 43.23 -31.94 10.84
CA ILE A 225 42.90 -32.46 9.52
C ILE A 225 41.63 -31.72 9.13
N ILE A 226 41.65 -31.07 7.98
CA ILE A 226 40.46 -30.36 7.46
C ILE A 226 40.08 -31.07 6.19
N GLN A 227 38.84 -31.52 6.09
CA GLN A 227 38.40 -32.25 4.90
C GLN A 227 37.70 -31.20 4.10
N GLY A 228 38.16 -30.96 2.89
CA GLY A 228 37.57 -29.95 2.02
C GLY A 228 38.43 -28.71 1.95
N PHE A 229 38.72 -28.26 0.74
CA PHE A 229 39.58 -27.12 0.50
C PHE A 229 38.92 -26.10 -0.38
N GLY A 230 37.59 -26.12 -0.32
CA GLY A 230 36.76 -24.99 -0.76
C GLY A 230 37.03 -23.80 0.12
N ASN A 231 36.21 -22.77 -0.08
CA ASN A 231 36.25 -21.51 0.67
C ASN A 231 36.37 -21.65 2.20
N ALA A 232 35.47 -22.44 2.78
CA ALA A 232 35.43 -22.72 4.18
C ALA A 232 36.78 -23.28 4.62
N GLY A 233 37.18 -24.40 4.01
CA GLY A 233 38.35 -25.19 4.41
C GLY A 233 39.67 -24.45 4.22
N SER A 234 39.80 -23.74 3.10
CA SER A 234 40.97 -22.92 2.81
C SER A 234 41.09 -21.73 3.74
N PHE A 235 40.01 -21.01 4.02
CA PHE A 235 40.08 -19.92 5.03
C PHE A 235 40.48 -20.45 6.37
N LEU A 236 39.90 -21.60 6.72
CA LEU A 236 40.28 -22.23 7.97
C LEU A 236 41.68 -22.74 8.10
N ALA A 237 42.18 -23.42 7.07
CA ALA A 237 43.59 -23.85 7.06
C ALA A 237 44.50 -22.63 7.25
N LYS A 238 44.11 -21.48 6.70
CA LYS A 238 44.88 -20.25 6.94
C LYS A 238 44.86 -19.78 8.42
N PHE A 239 43.66 -19.62 9.01
CA PHE A 239 43.49 -19.31 10.46
C PHE A 239 44.30 -20.31 11.28
N MET A 240 44.23 -21.59 10.99
CA MET A 240 45.00 -22.52 11.81
C MET A 240 46.50 -22.30 11.63
N HIS A 241 46.91 -22.14 10.39
CA HIS A 241 48.32 -21.96 10.14
C HIS A 241 48.84 -20.68 10.83
N ASP A 242 48.04 -19.62 10.78
CA ASP A 242 48.36 -18.37 11.49
C ASP A 242 48.34 -18.48 13.00
N ALA A 243 47.52 -19.37 13.53
CA ALA A 243 47.45 -19.60 14.97
C ALA A 243 48.69 -20.40 15.42
N GLY A 244 49.41 -21.02 14.47
CA GLY A 244 50.59 -21.86 14.81
C GLY A 244 50.27 -23.36 14.97
N ALA A 245 49.05 -23.75 14.62
CA ALA A 245 48.72 -25.15 14.71
C ALA A 245 49.33 -25.81 13.48
N LYS A 246 49.43 -27.12 13.55
CA LYS A 246 50.03 -27.89 12.50
C LYS A 246 48.87 -28.57 11.75
N VAL A 247 48.69 -28.20 10.48
CA VAL A 247 47.63 -28.79 9.68
C VAL A 247 48.30 -29.95 9.00
N ILE A 248 48.07 -31.14 9.52
CA ILE A 248 48.67 -32.38 9.01
C ILE A 248 47.83 -33.05 7.93
N GLY A 249 46.62 -32.52 7.69
CA GLY A 249 45.71 -33.08 6.68
C GLY A 249 44.78 -32.11 5.98
N ILE A 250 44.67 -32.29 4.67
CA ILE A 250 43.85 -31.46 3.79
C ILE A 250 43.20 -32.37 2.74
N SER A 251 42.08 -31.95 2.18
CA SER A 251 41.50 -32.70 1.08
C SER A 251 40.65 -31.82 0.19
N ASP A 252 40.57 -32.27 -1.05
CA ASP A 252 39.59 -31.73 -1.96
C ASP A 252 38.82 -32.95 -2.47
N ALA A 253 38.00 -32.75 -3.49
CA ALA A 253 37.31 -33.82 -4.20
C ALA A 253 38.20 -35.06 -4.52
N ASN A 254 39.32 -34.86 -5.21
CA ASN A 254 40.20 -36.00 -5.50
C ASN A 254 41.29 -36.05 -4.45
N GLY A 255 40.99 -36.80 -3.39
CA GLY A 255 41.97 -37.22 -2.44
C GLY A 255 42.44 -36.19 -1.43
N GLY A 256 43.25 -36.69 -0.53
CA GLY A 256 43.79 -35.90 0.53
C GLY A 256 45.30 -36.10 0.73
N LEU A 257 45.90 -35.05 1.28
CA LEU A 257 47.30 -35.00 1.61
C LEU A 257 47.37 -35.03 3.10
N TYR A 258 48.24 -35.89 3.61
CA TYR A 258 48.47 -36.07 5.02
C TYR A 258 50.00 -35.95 5.17
N ASN A 259 50.46 -35.33 6.26
CA ASN A 259 51.90 -35.17 6.51
C ASN A 259 52.07 -34.76 7.94
N PRO A 260 52.51 -35.68 8.79
CA PRO A 260 52.63 -35.44 10.23
C PRO A 260 53.69 -34.40 10.61
N ASP A 261 54.51 -34.01 9.64
CA ASP A 261 55.36 -32.82 9.82
C ASP A 261 54.47 -31.58 9.84
N GLY A 262 53.36 -31.58 9.11
CA GLY A 262 52.56 -30.38 8.88
C GLY A 262 52.61 -30.04 7.39
N LEU A 263 51.47 -29.77 6.80
CA LEU A 263 51.50 -29.44 5.42
C LEU A 263 51.93 -27.98 5.28
N ASP A 264 52.52 -27.69 4.11
CA ASP A 264 52.85 -26.33 3.73
C ASP A 264 51.61 -25.63 3.23
N ILE A 265 50.87 -25.00 4.16
CA ILE A 265 49.60 -24.40 3.83
C ILE A 265 49.74 -23.17 2.95
N PRO A 266 50.77 -22.31 3.21
CA PRO A 266 50.88 -21.20 2.28
C PRO A 266 51.06 -21.66 0.85
N TYR A 267 51.90 -22.64 0.60
CA TYR A 267 52.07 -23.16 -0.77
C TYR A 267 50.78 -23.72 -1.37
N LEU A 268 50.12 -24.61 -0.61
CA LEU A 268 48.81 -25.13 -1.02
C LEU A 268 47.83 -24.04 -1.31
N LEU A 269 47.77 -23.01 -0.48
CA LEU A 269 46.82 -21.91 -0.70
C LEU A 269 47.15 -21.08 -1.96
N ASP A 270 48.44 -20.86 -2.22
CA ASP A 270 48.93 -20.21 -3.45
C ASP A 270 48.64 -21.10 -4.68
N LYS A 271 48.79 -22.40 -4.51
CA LYS A 271 48.62 -23.32 -5.63
C LYS A 271 47.18 -23.71 -5.94
N ARG A 272 46.25 -23.57 -4.99
CA ARG A 272 44.86 -23.95 -5.31
C ARG A 272 44.07 -23.09 -6.36
N ASP A 273 43.43 -23.86 -7.26
CA ASP A 273 42.22 -23.50 -8.06
C ASP A 273 41.21 -22.52 -7.52
N SER A 274 40.45 -21.98 -8.48
CA SER A 274 39.11 -21.43 -8.28
C SER A 274 38.14 -22.46 -7.64
N PHE A 275 38.15 -23.67 -8.19
CA PHE A 275 37.36 -24.78 -7.68
C PHE A 275 37.72 -25.19 -6.24
N GLY A 276 38.98 -24.98 -5.84
CA GLY A 276 39.46 -25.47 -4.57
C GLY A 276 40.04 -26.85 -4.67
N MET A 277 40.72 -27.12 -5.81
CA MET A 277 41.51 -28.33 -5.99
C MET A 277 42.98 -27.97 -6.02
N VAL A 278 43.77 -28.89 -5.51
CA VAL A 278 45.18 -28.70 -5.34
C VAL A 278 45.97 -30.02 -5.35
N THR A 279 45.35 -31.09 -4.89
CA THR A 279 45.98 -32.38 -4.65
C THR A 279 46.47 -33.14 -5.91
N ASN A 280 45.92 -32.79 -7.06
CA ASN A 280 46.36 -33.34 -8.34
C ASN A 280 47.88 -33.14 -8.60
N LEU A 281 48.44 -32.05 -8.06
CA LEU A 281 49.86 -31.70 -8.22
C LEU A 281 50.78 -32.61 -7.45
N PHE A 282 50.23 -33.44 -6.58
CA PHE A 282 51.04 -34.40 -5.78
C PHE A 282 50.78 -35.84 -6.19
N THR A 283 51.62 -36.77 -5.74
CA THR A 283 51.47 -38.15 -6.25
C THR A 283 50.86 -39.08 -5.19
N ASP A 284 51.35 -39.05 -3.96
CA ASP A 284 50.74 -39.84 -2.86
C ASP A 284 49.42 -39.26 -2.30
N VAL A 285 48.34 -39.35 -3.08
CA VAL A 285 47.04 -38.90 -2.65
C VAL A 285 46.22 -40.04 -2.01
N ILE A 286 46.15 -40.13 -0.68
CA ILE A 286 45.16 -41.06 -0.03
C ILE A 286 43.71 -40.62 -0.31
N THR A 287 42.72 -41.34 0.21
CA THR A 287 41.28 -41.01 0.00
C THR A 287 40.70 -40.33 1.25
N ASN A 288 39.62 -39.58 1.10
CA ASN A 288 39.01 -38.94 2.27
C ASN A 288 38.70 -39.94 3.38
N GLU A 289 38.11 -41.07 2.99
CA GLU A 289 37.78 -42.18 3.90
C GLU A 289 38.99 -42.46 4.81
N GLU A 290 40.13 -42.73 4.18
CA GLU A 290 41.37 -42.96 4.91
C GLU A 290 41.87 -41.77 5.76
N LEU A 291 41.70 -40.57 5.23
CA LEU A 291 42.10 -39.32 5.91
C LEU A 291 41.31 -39.16 7.20
N LEU A 292 40.01 -39.51 7.18
CA LEU A 292 39.14 -39.36 8.35
C LEU A 292 39.63 -40.16 9.52
N GLU A 293 40.37 -41.24 9.24
CA GLU A 293 40.83 -42.15 10.31
C GLU A 293 42.23 -41.84 10.85
N LYS A 294 42.97 -40.98 10.16
CA LYS A 294 44.34 -40.67 10.57
C LYS A 294 44.38 -39.99 11.90
N ASP A 295 45.50 -40.12 12.60
CA ASP A 295 45.67 -39.57 13.97
C ASP A 295 45.78 -38.05 13.86
N CYS A 296 45.23 -37.36 14.85
CA CYS A 296 45.17 -35.88 14.90
C CYS A 296 44.49 -35.48 16.19
N ASP A 297 44.46 -34.19 16.52
CA ASP A 297 43.72 -33.75 17.70
C ASP A 297 42.29 -33.31 17.29
N ILE A 298 42.22 -32.70 16.08
CA ILE A 298 41.06 -32.03 15.58
C ILE A 298 40.80 -32.45 14.16
N LEU A 299 39.61 -33.01 13.94
CA LEU A 299 39.10 -33.35 12.62
C LEU A 299 37.98 -32.39 12.31
N VAL A 300 38.06 -31.75 11.13
CA VAL A 300 37.06 -30.83 10.68
C VAL A 300 36.48 -31.27 9.34
N PRO A 301 35.37 -32.00 9.37
CA PRO A 301 34.69 -32.25 8.08
C PRO A 301 34.15 -30.95 7.49
N ALA A 302 34.77 -30.44 6.43
CA ALA A 302 34.40 -29.13 5.84
C ALA A 302 33.97 -29.22 4.38
N ALA A 303 33.47 -30.38 3.94
CA ALA A 303 33.15 -30.62 2.50
C ALA A 303 31.69 -31.10 2.42
N ILE A 304 31.46 -32.41 2.43
CA ILE A 304 30.12 -32.94 2.17
C ILE A 304 29.62 -33.70 3.37
N SER A 305 28.36 -34.07 3.29
CA SER A 305 27.64 -34.74 4.37
C SER A 305 27.88 -36.24 4.41
N ASN A 306 27.44 -36.84 5.53
CA ASN A 306 27.50 -38.28 5.78
C ASN A 306 28.89 -38.90 5.68
N GLN A 307 29.89 -38.23 6.27
CA GLN A 307 31.27 -38.70 6.15
C GLN A 307 31.69 -39.54 7.37
N ILE A 308 31.14 -39.20 8.54
CA ILE A 308 31.33 -40.02 9.75
C ILE A 308 29.99 -40.79 9.97
N THR A 309 30.10 -42.12 9.89
CA THR A 309 28.95 -43.03 9.97
C THR A 309 29.17 -44.07 11.05
N ALA A 310 28.18 -44.95 11.18
CA ALA A 310 28.25 -46.09 12.07
C ALA A 310 29.51 -46.94 11.83
N LYS A 311 29.68 -47.42 10.59
CA LYS A 311 30.76 -48.37 10.29
C LYS A 311 31.99 -47.57 10.05
N ASN A 312 32.42 -46.79 11.03
CA ASN A 312 33.41 -45.68 10.81
C ASN A 312 33.79 -44.86 12.03
N ALA A 313 32.79 -44.46 12.80
CA ALA A 313 33.00 -43.54 13.89
C ALA A 313 33.96 -44.02 14.99
N HIS A 314 34.16 -45.35 15.10
CA HIS A 314 35.02 -45.95 16.15
C HIS A 314 36.49 -45.71 15.77
N ASN A 315 36.72 -45.49 14.47
CA ASN A 315 38.06 -45.32 13.89
C ASN A 315 38.55 -43.86 13.86
N ILE A 316 37.74 -42.91 14.29
CA ILE A 316 38.09 -41.49 14.21
C ILE A 316 39.04 -41.30 15.37
N GLN A 317 40.19 -40.67 15.17
CA GLN A 317 41.21 -40.58 16.23
C GLN A 317 41.27 -39.24 16.96
N ALA A 318 40.71 -38.22 16.32
CA ALA A 318 40.45 -36.90 16.92
C ALA A 318 39.83 -36.91 18.31
N SER A 319 40.26 -35.99 19.16
CA SER A 319 39.56 -35.78 20.37
C SER A 319 38.48 -34.64 20.22
N ILE A 320 38.61 -33.85 19.16
CA ILE A 320 37.63 -32.80 18.80
C ILE A 320 37.19 -32.99 17.33
N VAL A 321 35.87 -33.03 17.11
CA VAL A 321 35.25 -33.00 15.74
C VAL A 321 34.44 -31.69 15.64
N VAL A 322 34.90 -30.79 14.76
CA VAL A 322 34.25 -29.50 14.53
C VAL A 322 33.64 -29.60 13.12
N GLU A 323 32.31 -29.60 13.04
CA GLU A 323 31.56 -29.73 11.77
C GLU A 323 31.44 -28.38 11.07
N ARG A 324 32.21 -28.17 10.02
CA ARG A 324 32.10 -26.93 9.24
C ARG A 324 30.96 -27.08 8.30
N ALA A 325 30.95 -28.21 7.60
CA ALA A 325 29.92 -28.52 6.61
C ALA A 325 28.65 -28.99 7.28
N ASN A 326 27.52 -28.83 6.61
CA ASN A 326 26.27 -29.41 7.03
C ASN A 326 26.19 -30.93 7.03
N GLY A 327 25.71 -31.48 8.14
CA GLY A 327 25.37 -32.89 8.22
C GLY A 327 26.45 -33.90 7.89
N PRO A 328 27.71 -33.70 8.31
CA PRO A 328 28.75 -34.74 8.01
C PRO A 328 28.75 -36.00 8.93
N THR A 329 27.98 -35.94 10.01
CA THR A 329 27.95 -36.98 11.03
C THR A 329 26.53 -37.41 11.28
N THR A 330 26.30 -38.72 11.14
CA THR A 330 24.97 -39.37 11.37
C THR A 330 24.60 -39.43 12.85
N ILE A 331 23.31 -39.72 13.08
CA ILE A 331 22.73 -39.92 14.43
C ILE A 331 23.55 -40.99 15.15
N ASP A 332 23.81 -42.11 14.48
CA ASP A 332 24.49 -43.25 15.08
C ASP A 332 25.97 -42.94 15.32
N ALA A 333 26.64 -42.35 14.31
CA ALA A 333 28.01 -41.79 14.50
C ALA A 333 28.01 -40.85 15.68
N THR A 334 27.04 -39.95 15.78
CA THR A 334 27.09 -38.97 16.87
C THR A 334 27.06 -39.71 18.21
N LYS A 335 26.28 -40.78 18.28
CA LYS A 335 26.14 -41.52 19.54
C LYS A 335 27.49 -42.21 19.89
N ILE A 336 28.06 -42.89 18.91
CA ILE A 336 29.38 -43.50 19.11
C ILE A 336 30.41 -42.44 19.56
N LEU A 337 30.55 -41.34 18.80
CA LEU A 337 31.48 -40.26 19.20
C LEU A 337 31.22 -39.76 20.59
N ASN A 338 29.95 -39.58 20.97
CA ASN A 338 29.65 -39.08 22.34
C ASN A 338 30.12 -40.14 23.36
N GLU A 339 29.96 -41.43 23.01
CA GLU A 339 30.27 -42.58 23.92
C GLU A 339 31.77 -42.63 24.18
N ARG A 340 32.55 -42.28 23.17
CA ARG A 340 33.98 -42.35 23.30
C ARG A 340 34.60 -41.13 23.92
N GLY A 341 33.85 -40.11 24.31
CA GLY A 341 34.47 -38.89 24.93
C GLY A 341 34.98 -37.81 23.94
N VAL A 342 34.77 -38.03 22.62
CA VAL A 342 35.00 -36.99 21.61
C VAL A 342 34.17 -35.73 21.97
N LEU A 343 34.81 -34.56 21.96
CA LEU A 343 34.11 -33.27 22.05
C LEU A 343 33.67 -32.86 20.62
N LEU A 344 32.36 -32.88 20.36
CA LEU A 344 31.71 -32.63 19.04
C LEU A 344 31.16 -31.21 19.03
N VAL A 345 31.61 -30.41 18.08
CA VAL A 345 31.07 -29.06 17.88
C VAL A 345 30.14 -29.20 16.62
N PRO A 346 28.81 -29.31 16.84
CA PRO A 346 27.87 -29.55 15.71
C PRO A 346 27.81 -28.40 14.71
N ASP A 347 27.46 -28.75 13.48
CA ASP A 347 27.39 -27.75 12.40
C ASP A 347 26.60 -26.52 12.68
N ILE A 348 25.41 -26.68 13.21
CA ILE A 348 24.54 -25.56 13.53
C ILE A 348 25.17 -24.64 14.58
N LEU A 349 26.16 -25.11 15.35
CA LEU A 349 26.93 -24.18 16.22
C LEU A 349 28.12 -23.61 15.47
N ALA A 350 28.96 -24.52 14.96
CA ALA A 350 30.26 -24.18 14.32
C ALA A 350 30.15 -23.12 13.23
N SER A 351 29.10 -23.27 12.44
CA SER A 351 28.89 -22.39 11.31
C SER A 351 27.94 -21.24 11.54
N ALA A 352 27.56 -20.93 12.77
CA ALA A 352 26.64 -19.83 13.05
C ALA A 352 27.24 -18.44 12.81
N GLY A 353 28.54 -18.36 12.54
CA GLY A 353 29.12 -17.05 12.29
C GLY A 353 28.60 -16.36 11.02
N GLY A 354 28.24 -17.12 9.99
CA GLY A 354 27.74 -16.48 8.74
C GLY A 354 26.43 -15.76 8.93
N VAL A 355 25.45 -16.43 9.51
CA VAL A 355 24.19 -15.78 9.80
C VAL A 355 24.38 -14.73 10.85
N THR A 356 25.33 -14.93 11.77
CA THR A 356 25.57 -13.86 12.76
C THR A 356 25.94 -12.54 12.11
N VAL A 357 26.88 -12.58 11.18
CA VAL A 357 27.29 -11.34 10.49
C VAL A 357 26.24 -10.89 9.46
N SER A 358 25.48 -11.82 8.89
CA SER A 358 24.41 -11.38 7.98
C SER A 358 23.32 -10.62 8.80
N TYR A 359 23.07 -11.07 10.00
CA TYR A 359 22.24 -10.28 10.91
C TYR A 359 22.78 -8.84 11.10
N PHE A 360 24.08 -8.69 11.38
CA PHE A 360 24.62 -7.38 11.60
C PHE A 360 24.42 -6.52 10.36
N GLU A 361 24.56 -7.14 9.19
CA GLU A 361 24.37 -6.39 7.95
C GLU A 361 22.98 -5.80 7.90
N TRP A 362 22.00 -6.64 8.17
CA TRP A 362 20.58 -6.26 8.24
C TRP A 362 20.37 -5.17 9.31
N VAL A 363 20.91 -5.35 10.51
CA VAL A 363 20.79 -4.26 11.47
C VAL A 363 21.33 -2.94 10.91
N GLN A 364 22.46 -2.98 10.22
CA GLN A 364 23.09 -1.73 9.76
C GLN A 364 22.26 -1.13 8.63
N ASN A 365 21.68 -2.00 7.81
CA ASN A 365 20.66 -1.57 6.85
C ASN A 365 19.39 -0.92 7.48
N ASN A 366 18.85 -1.48 8.57
CA ASN A 366 17.68 -0.94 9.22
C ASN A 366 17.98 0.50 9.70
N GLN A 367 19.18 0.71 10.27
CA GLN A 367 19.59 2.01 10.81
C GLN A 367 20.01 2.97 9.68
N GLY A 368 20.53 2.43 8.60
CA GLY A 368 21.23 3.22 7.60
C GLY A 368 22.58 3.76 8.07
N TYR A 369 23.31 2.94 8.84
CA TYR A 369 24.55 3.31 9.46
C TYR A 369 25.45 2.08 9.62
N TYR A 370 26.69 2.23 9.17
CA TYR A 370 27.66 1.11 8.94
C TYR A 370 28.78 1.00 10.00
N TRP A 371 29.12 -0.22 10.44
CA TRP A 371 30.10 -0.44 11.50
C TRP A 371 31.46 -0.76 10.93
N SER A 372 32.49 -0.47 11.70
CA SER A 372 33.86 -0.81 11.27
C SER A 372 34.05 -2.32 11.35
N GLU A 373 35.12 -2.75 10.80
CA GLU A 373 35.52 -4.16 10.80
C GLU A 373 35.81 -4.69 12.22
N GLU A 374 36.43 -3.85 13.05
CA GLU A 374 36.76 -4.16 14.43
C GLU A 374 35.48 -4.37 15.22
N GLU A 375 34.49 -3.50 15.02
CA GLU A 375 33.19 -3.61 15.71
C GLU A 375 32.48 -4.94 15.41
N VAL A 376 32.33 -5.29 14.13
CA VAL A 376 31.76 -6.56 13.72
C VAL A 376 32.55 -7.70 14.31
N ALA A 377 33.87 -7.63 14.18
CA ALA A 377 34.77 -8.68 14.73
C ALA A 377 34.59 -8.87 16.24
N GLU A 378 34.41 -7.78 16.99
CA GLU A 378 34.21 -7.89 18.44
C GLU A 378 32.84 -8.50 18.77
N LYS A 379 31.82 -8.03 18.04
CA LYS A 379 30.45 -8.55 18.26
C LYS A 379 30.31 -10.01 17.82
N LEU A 380 30.91 -10.38 16.69
CA LEU A 380 30.96 -11.78 16.28
C LEU A 380 31.58 -12.66 17.35
N ARG A 381 32.74 -12.26 17.85
CA ARG A 381 33.43 -13.07 18.86
C ARG A 381 32.58 -13.31 20.08
N SER A 382 31.95 -12.27 20.55
CA SER A 382 31.18 -12.37 21.75
C SER A 382 29.88 -13.18 21.56
N VAL A 383 29.27 -13.12 20.38
CA VAL A 383 28.18 -14.04 20.10
C VAL A 383 28.65 -15.48 20.12
N MET A 384 29.73 -15.78 19.42
CA MET A 384 30.16 -17.20 19.26
C MET A 384 30.73 -17.86 20.55
N VAL A 385 31.48 -17.08 21.33
CA VAL A 385 31.97 -17.54 22.64
C VAL A 385 30.75 -17.84 23.52
N SER A 386 29.82 -16.93 23.56
CA SER A 386 28.60 -17.11 24.34
C SER A 386 27.79 -18.31 23.85
N SER A 387 27.61 -18.44 22.55
CA SER A 387 26.91 -19.62 22.00
C SER A 387 27.56 -20.97 22.31
N PHE A 388 28.89 -21.03 22.20
CA PHE A 388 29.60 -22.26 22.54
C PHE A 388 29.36 -22.65 24.00
N GLU A 389 29.56 -21.72 24.95
CA GLU A 389 29.45 -22.07 26.40
C GLU A 389 28.06 -22.49 26.74
N THR A 390 27.06 -21.76 26.23
CA THR A 390 25.69 -22.17 26.50
C THR A 390 25.32 -23.57 26.00
N ILE A 391 25.84 -24.06 24.88
CA ILE A 391 25.42 -25.38 24.44
C ILE A 391 26.23 -26.42 25.21
N TYR A 392 27.50 -26.12 25.50
CA TYR A 392 28.35 -27.02 26.28
C TYR A 392 27.72 -27.30 27.69
N GLN A 393 27.24 -26.24 28.39
CA GLN A 393 26.61 -26.36 29.69
C GLN A 393 25.22 -26.99 29.64
N THR A 394 24.45 -26.71 28.60
CA THR A 394 23.22 -27.45 28.35
C THR A 394 23.50 -28.99 28.20
N ALA A 395 24.57 -29.36 27.47
CA ALA A 395 24.91 -30.80 27.26
C ALA A 395 25.26 -31.41 28.62
N ALA A 396 26.05 -30.69 29.40
CA ALA A 396 26.50 -31.12 30.74
C ALA A 396 25.29 -31.23 31.69
N THR A 397 24.49 -30.16 31.80
CA THR A 397 23.41 -30.22 32.78
C THR A 397 22.33 -31.23 32.39
N HIS A 398 21.97 -31.34 31.13
CA HIS A 398 20.92 -32.30 30.76
C HIS A 398 21.43 -33.69 30.42
N LYS A 399 22.76 -33.88 30.47
CA LYS A 399 23.42 -35.16 30.18
C LYS A 399 23.08 -35.68 28.78
N VAL A 400 23.24 -34.83 27.76
CA VAL A 400 22.95 -35.23 26.39
C VAL A 400 24.14 -34.87 25.53
N ASP A 401 24.26 -35.52 24.37
CA ASP A 401 25.23 -35.17 23.37
C ASP A 401 25.10 -33.71 22.93
N MET A 402 26.16 -33.25 22.29
CA MET A 402 26.30 -31.81 21.96
C MET A 402 25.29 -31.40 20.88
N ARG A 403 24.89 -32.35 20.06
CA ARG A 403 23.95 -32.06 19.01
C ARG A 403 22.53 -31.86 19.52
N LEU A 404 22.03 -32.79 20.32
CA LEU A 404 20.80 -32.59 21.07
C LEU A 404 20.80 -31.31 21.87
N ALA A 405 21.92 -31.01 22.54
CA ALA A 405 22.01 -29.77 23.31
C ALA A 405 21.89 -28.58 22.34
N ALA A 406 22.52 -28.68 21.15
CA ALA A 406 22.50 -27.62 20.11
C ALA A 406 21.08 -27.39 19.62
N TYR A 407 20.35 -28.46 19.38
CA TYR A 407 18.97 -28.31 18.95
C TYR A 407 18.08 -27.73 20.08
N MET A 408 18.32 -28.12 21.31
CA MET A 408 17.51 -27.63 22.41
C MET A 408 17.66 -26.15 22.53
N THR A 409 18.90 -25.69 22.50
CA THR A 409 19.20 -24.25 22.65
C THR A 409 18.72 -23.50 21.38
N GLY A 410 18.83 -24.18 20.26
CA GLY A 410 18.32 -23.67 18.98
C GLY A 410 16.82 -23.47 18.76
N ILE A 411 15.94 -24.40 19.19
CA ILE A 411 14.47 -24.14 19.11
C ILE A 411 13.80 -23.47 20.32
N ARG A 412 14.48 -23.47 21.48
CA ARG A 412 13.90 -22.95 22.75
C ARG A 412 13.12 -21.61 22.55
N LYS A 413 13.74 -20.63 21.91
CA LYS A 413 13.17 -19.28 21.78
C LYS A 413 11.94 -19.32 20.88
N SER A 414 12.07 -19.91 19.68
CA SER A 414 10.92 -20.08 18.81
C SER A 414 9.77 -20.79 19.47
N ALA A 415 10.04 -21.86 20.20
CA ALA A 415 9.00 -22.60 20.97
C ALA A 415 8.33 -21.65 22.01
N GLU A 416 9.15 -20.95 22.76
CA GLU A 416 8.57 -20.03 23.77
C GLU A 416 7.75 -18.95 23.09
N ALA A 417 8.28 -18.41 22.00
CA ALA A 417 7.66 -17.29 21.30
C ALA A 417 6.33 -17.69 20.65
N SER A 418 6.27 -18.92 20.14
CA SER A 418 5.10 -19.44 19.54
C SER A 418 3.97 -19.60 20.59
N ARG A 419 4.39 -20.04 21.78
CA ARG A 419 3.53 -20.12 22.92
C ARG A 419 2.97 -18.78 23.36
N PHE A 420 3.86 -17.84 23.64
CA PHE A 420 3.41 -16.51 24.04
C PHE A 420 2.46 -15.88 23.02
N ARG A 421 2.64 -16.22 21.74
CA ARG A 421 1.83 -15.60 20.69
C ARG A 421 0.46 -16.29 20.54
N GLY A 422 0.26 -17.39 21.26
CA GLY A 422 -1.04 -18.07 21.21
C GLY A 422 -1.23 -19.03 20.05
N TRP A 423 -0.16 -19.44 19.41
CA TRP A 423 -0.27 -20.43 18.33
C TRP A 423 -0.50 -21.90 18.77
N VAL A 424 0.17 -22.30 19.84
CA VAL A 424 -0.01 -23.58 20.45
C VAL A 424 0.28 -23.43 21.93
N ASN B 16 -1.38 -38.39 -11.09
CA ASN B 16 -2.35 -39.22 -11.94
C ASN B 16 -3.65 -38.54 -12.51
N LEU B 17 -4.52 -37.99 -11.66
CA LEU B 17 -5.35 -36.88 -12.15
C LEU B 17 -4.34 -35.85 -12.75
N PHE B 18 -3.22 -35.67 -12.05
CA PHE B 18 -2.25 -34.65 -12.41
C PHE B 18 -1.57 -34.96 -13.75
N LEU B 19 -1.08 -36.18 -13.89
CA LEU B 19 -0.57 -36.68 -15.19
C LEU B 19 -1.64 -36.68 -16.27
N SER B 20 -2.82 -37.20 -16.00
CA SER B 20 -3.86 -37.15 -17.01
C SER B 20 -4.11 -35.72 -17.50
N THR B 21 -4.08 -34.75 -16.59
CA THR B 21 -4.41 -33.39 -16.96
C THR B 21 -3.27 -32.73 -17.69
N GLN B 22 -2.06 -33.09 -17.34
CA GLN B 22 -0.86 -32.69 -18.11
C GLN B 22 -0.85 -33.18 -19.55
N THR B 23 -1.21 -34.42 -19.77
CA THR B 23 -1.20 -34.93 -21.15
C THR B 23 -2.34 -34.23 -21.94
N ILE B 24 -3.44 -33.85 -21.28
CA ILE B 24 -4.50 -33.04 -21.98
C ILE B 24 -3.93 -31.71 -22.40
N ILE B 25 -3.15 -31.09 -21.51
CA ILE B 25 -2.60 -29.80 -21.85
C ILE B 25 -1.61 -29.92 -23.03
N LYS B 26 -0.78 -30.95 -22.98
CA LYS B 26 0.31 -31.17 -23.99
C LYS B 26 -0.33 -31.35 -25.38
N GLU B 27 -1.44 -32.07 -25.40
CA GLU B 27 -2.18 -32.31 -26.66
C GLU B 27 -2.91 -31.12 -27.15
N ALA B 28 -3.59 -30.41 -26.24
CA ALA B 28 -4.31 -29.19 -26.67
C ALA B 28 -3.29 -28.23 -27.22
N LEU B 29 -2.16 -28.08 -26.52
CA LEU B 29 -1.14 -27.10 -27.00
C LEU B 29 -0.46 -27.51 -28.34
N ARG B 30 -0.26 -28.81 -28.52
CA ARG B 30 0.37 -29.34 -29.72
C ARG B 30 -0.58 -29.12 -30.89
N LYS B 31 -1.85 -29.42 -30.71
CA LYS B 31 -2.79 -29.16 -31.79
C LYS B 31 -2.96 -27.68 -32.09
N LEU B 32 -2.74 -26.83 -31.09
CA LEU B 32 -2.79 -25.38 -31.31
C LEU B 32 -1.60 -24.89 -32.11
N GLY B 33 -0.53 -25.68 -32.12
CA GLY B 33 0.68 -25.36 -32.86
C GLY B 33 1.83 -24.76 -32.09
N TYR B 34 1.77 -24.80 -30.75
CA TYR B 34 2.79 -24.21 -29.90
C TYR B 34 3.92 -25.21 -29.70
N PRO B 35 5.15 -24.73 -29.63
CA PRO B 35 6.27 -25.59 -29.30
C PRO B 35 6.33 -25.94 -27.82
N GLY B 36 7.34 -26.71 -27.45
CA GLY B 36 7.42 -27.37 -26.15
C GLY B 36 7.53 -26.38 -24.98
N ASP B 37 8.04 -25.18 -25.28
CA ASP B 37 8.35 -24.26 -24.21
C ASP B 37 7.03 -23.69 -23.58
N MET B 38 5.96 -23.56 -24.38
CA MET B 38 4.66 -23.32 -23.87
C MET B 38 4.16 -24.41 -22.94
N TYR B 39 4.43 -25.68 -23.28
CA TYR B 39 3.99 -26.77 -22.39
C TYR B 39 4.75 -26.72 -21.08
N GLU B 40 6.00 -26.30 -21.11
CA GLU B 40 6.80 -26.34 -19.90
C GLU B 40 6.36 -25.22 -18.94
N LEU B 41 5.89 -24.11 -19.52
CA LEU B 41 5.25 -23.00 -18.81
C LEU B 41 3.92 -23.47 -18.22
N MET B 42 3.12 -24.22 -18.99
CA MET B 42 1.76 -24.55 -18.54
C MET B 42 1.63 -25.78 -17.67
N LYS B 43 2.64 -26.65 -17.67
CA LYS B 43 2.48 -27.97 -17.07
C LYS B 43 2.45 -27.93 -15.53
N GLU B 44 2.89 -26.86 -14.95
CA GLU B 44 3.01 -26.74 -13.52
C GLU B 44 2.54 -25.27 -13.12
N PRO B 45 1.90 -25.10 -11.95
CA PRO B 45 1.50 -23.74 -11.60
C PRO B 45 2.63 -22.73 -11.48
N GLN B 46 2.39 -21.47 -11.85
CA GLN B 46 3.35 -20.44 -11.52
C GLN B 46 3.70 -20.39 -10.02
N ARG B 47 2.70 -20.51 -9.17
CA ARG B 47 2.93 -20.48 -7.67
C ARG B 47 2.14 -21.64 -7.00
N MET B 48 2.82 -22.36 -6.12
CA MET B 48 2.13 -23.35 -5.33
C MET B 48 2.57 -23.07 -3.90
N LEU B 49 1.58 -22.81 -3.05
CA LEU B 49 1.86 -22.46 -1.62
C LEU B 49 1.29 -23.54 -0.74
N THR B 50 2.12 -24.08 0.13
CA THR B 50 1.62 -24.97 1.13
C THR B 50 1.85 -24.38 2.54
N VAL B 51 0.80 -24.44 3.37
CA VAL B 51 0.78 -23.79 4.67
C VAL B 51 0.41 -24.79 5.77
N ARG B 52 0.94 -24.49 6.98
CA ARG B 52 0.59 -25.21 8.16
C ARG B 52 -0.16 -24.26 9.09
N ILE B 53 -1.35 -24.67 9.53
CA ILE B 53 -2.37 -23.86 10.15
C ILE B 53 -2.80 -24.51 11.47
N PRO B 54 -2.32 -23.96 12.57
CA PRO B 54 -2.65 -24.43 13.91
C PRO B 54 -4.02 -23.93 14.35
N VAL B 55 -4.88 -24.84 14.74
CA VAL B 55 -6.24 -24.51 15.07
C VAL B 55 -6.59 -25.12 16.46
N LYS B 56 -7.20 -24.28 17.28
CA LYS B 56 -7.61 -24.60 18.64
C LYS B 56 -8.86 -25.44 18.56
N MET B 57 -8.83 -26.68 19.02
CA MET B 57 -10.02 -27.51 18.89
C MET B 57 -10.99 -27.35 20.08
N ASP B 58 -12.22 -27.79 19.90
CA ASP B 58 -13.22 -27.62 20.97
C ASP B 58 -12.76 -28.25 22.29
N ASN B 59 -12.19 -29.43 22.18
CA ASN B 59 -11.68 -30.16 23.36
C ASN B 59 -10.42 -29.55 24.04
N GLY B 60 -9.90 -28.44 23.56
CA GLY B 60 -8.70 -27.81 24.17
C GLY B 60 -7.33 -28.07 23.52
N SER B 61 -7.19 -29.19 22.81
CA SER B 61 -6.04 -29.48 21.96
C SER B 61 -5.83 -28.46 20.83
N VAL B 62 -4.59 -28.44 20.29
CA VAL B 62 -4.26 -27.70 19.06
C VAL B 62 -3.98 -28.75 17.99
N LYS B 63 -4.61 -28.63 16.84
CA LYS B 63 -4.30 -29.48 15.69
C LYS B 63 -3.74 -28.58 14.56
N VAL B 64 -2.68 -29.06 13.89
CA VAL B 64 -2.02 -28.30 12.83
C VAL B 64 -2.44 -28.97 11.52
N PHE B 65 -3.17 -28.24 10.69
CA PHE B 65 -3.68 -28.68 9.42
C PHE B 65 -2.77 -28.20 8.23
N THR B 66 -2.76 -28.99 7.18
CA THR B 66 -1.98 -28.67 5.99
C THR B 66 -2.96 -28.11 4.97
N GLY B 67 -2.64 -26.92 4.50
CA GLY B 67 -3.44 -26.32 3.47
C GLY B 67 -2.64 -26.02 2.20
N TYR B 68 -3.38 -25.80 1.09
CA TYR B 68 -2.73 -25.47 -0.15
C TYR B 68 -3.41 -24.42 -0.93
N ARG B 69 -2.60 -23.77 -1.77
CA ARG B 69 -3.17 -22.90 -2.77
C ARG B 69 -2.30 -22.89 -4.00
N SER B 70 -2.87 -23.30 -5.15
CA SER B 70 -2.21 -23.37 -6.48
C SER B 70 -2.76 -22.31 -7.38
N GLN B 71 -1.87 -21.48 -7.92
CA GLN B 71 -2.15 -20.39 -8.82
C GLN B 71 -1.49 -20.78 -10.16
N HIS B 72 -2.29 -21.30 -11.07
CA HIS B 72 -1.77 -21.93 -12.27
C HIS B 72 -1.09 -20.92 -13.15
N ASN B 73 -1.82 -19.89 -13.55
CA ASN B 73 -1.28 -18.92 -14.52
C ASN B 73 -2.09 -17.65 -14.50
N ASP B 74 -1.47 -16.49 -14.36
CA ASP B 74 -2.23 -15.24 -14.26
C ASP B 74 -1.95 -14.26 -15.44
N ALA B 75 -1.48 -14.80 -16.57
CA ALA B 75 -1.25 -13.97 -17.81
C ALA B 75 -2.49 -13.25 -18.17
N VAL B 76 -3.64 -13.87 -18.04
CA VAL B 76 -4.92 -13.28 -18.48
C VAL B 76 -5.62 -12.39 -17.42
N GLY B 77 -5.39 -12.70 -16.18
CA GLY B 77 -5.92 -11.86 -15.12
C GLY B 77 -5.63 -12.63 -13.85
N PRO B 78 -6.31 -12.27 -12.78
CA PRO B 78 -6.05 -12.97 -11.54
C PRO B 78 -6.54 -14.37 -11.60
N THR B 79 -6.13 -15.19 -10.65
CA THR B 79 -6.53 -16.58 -10.69
C THR B 79 -7.81 -16.75 -9.88
N LYS B 80 -8.49 -17.87 -10.10
CA LYS B 80 -9.88 -18.05 -9.65
C LYS B 80 -10.20 -19.52 -9.48
N GLY B 81 -10.73 -19.87 -8.33
CA GLY B 81 -11.21 -21.22 -8.11
C GLY B 81 -11.45 -21.60 -6.67
N GLY B 82 -12.23 -22.63 -6.46
CA GLY B 82 -12.63 -23.07 -5.13
C GLY B 82 -11.59 -23.59 -4.17
N VAL B 83 -12.03 -23.75 -2.94
CA VAL B 83 -11.26 -24.39 -1.87
C VAL B 83 -12.03 -25.52 -1.35
N ARG B 84 -11.38 -26.68 -1.24
CA ARG B 84 -12.01 -27.94 -0.80
C ARG B 84 -11.58 -28.22 0.61
N PHE B 85 -12.49 -28.68 1.45
CA PHE B 85 -12.09 -29.31 2.68
C PHE B 85 -12.38 -30.78 2.57
N HIS B 86 -11.36 -31.62 2.65
CA HIS B 86 -11.56 -33.07 2.42
C HIS B 86 -10.36 -33.88 2.85
N PRO B 87 -10.60 -35.08 3.40
CA PRO B 87 -9.51 -35.96 3.86
C PRO B 87 -8.50 -36.39 2.82
N GLU B 88 -8.91 -36.49 1.55
CA GLU B 88 -8.04 -36.94 0.46
C GLU B 88 -7.39 -35.80 -0.33
N VAL B 89 -7.60 -34.57 0.13
CA VAL B 89 -6.93 -33.46 -0.47
C VAL B 89 -5.44 -33.73 -0.46
N ASN B 90 -4.78 -33.47 -1.60
CA ASN B 90 -3.32 -33.39 -1.65
C ASN B 90 -2.80 -32.40 -2.67
N GLU B 91 -1.50 -32.18 -2.63
CA GLU B 91 -0.83 -31.17 -3.42
C GLU B 91 -1.13 -31.36 -4.91
N GLU B 92 -0.87 -32.57 -5.41
CA GLU B 92 -1.07 -32.85 -6.86
C GLU B 92 -2.48 -32.70 -7.35
N LYS B 93 -3.43 -33.12 -6.55
CA LYS B 93 -4.80 -32.88 -6.90
C LYS B 93 -5.14 -31.41 -7.00
N VAL B 94 -4.62 -30.61 -6.08
CA VAL B 94 -4.96 -29.19 -6.04
C VAL B 94 -4.37 -28.55 -7.28
N LYS B 95 -3.11 -28.86 -7.61
CA LYS B 95 -2.53 -28.34 -8.82
C LYS B 95 -3.28 -28.76 -10.09
N ALA B 96 -3.66 -30.02 -10.10
CA ALA B 96 -4.36 -30.62 -11.24
C ALA B 96 -5.65 -29.82 -11.42
N LEU B 97 -6.37 -29.64 -10.31
CA LEU B 97 -7.62 -28.91 -10.41
C LEU B 97 -7.45 -27.42 -10.79
N SER B 98 -6.38 -26.75 -10.32
CA SER B 98 -6.10 -25.37 -10.79
C SER B 98 -5.94 -25.28 -12.30
N ILE B 99 -5.32 -26.30 -12.90
CA ILE B 99 -5.22 -26.34 -14.38
C ILE B 99 -6.61 -26.44 -15.04
N TRP B 100 -7.45 -27.37 -14.60
CA TRP B 100 -8.84 -27.42 -15.03
C TRP B 100 -9.60 -26.12 -14.98
N MET B 101 -9.42 -25.33 -13.90
CA MET B 101 -10.02 -24.00 -13.84
C MET B 101 -9.51 -23.10 -14.94
N THR B 102 -8.22 -23.06 -15.18
CA THR B 102 -7.73 -22.31 -16.37
C THR B 102 -8.56 -22.66 -17.63
N LEU B 103 -8.86 -23.93 -17.84
CA LEU B 103 -9.56 -24.35 -19.07
C LEU B 103 -10.97 -23.77 -19.02
N LYS B 104 -11.59 -23.89 -17.86
CA LYS B 104 -12.93 -23.39 -17.72
C LYS B 104 -12.98 -21.88 -17.96
N CYS B 105 -12.01 -21.17 -17.40
CA CYS B 105 -11.93 -19.76 -17.62
C CYS B 105 -11.72 -19.38 -19.11
N GLY B 106 -10.83 -20.11 -19.80
CA GLY B 106 -10.64 -19.87 -21.22
C GLY B 106 -11.91 -20.19 -22.03
N ILE B 107 -12.63 -21.21 -21.62
CA ILE B 107 -13.85 -21.60 -22.30
C ILE B 107 -14.95 -20.50 -22.23
N ALA B 108 -15.14 -19.96 -21.04
CA ALA B 108 -16.14 -18.90 -20.82
C ALA B 108 -15.56 -17.50 -21.18
N ASN B 109 -14.31 -17.46 -21.65
CA ASN B 109 -13.64 -16.18 -21.96
C ASN B 109 -13.59 -15.19 -20.77
N LEU B 110 -13.43 -15.76 -19.57
CA LEU B 110 -13.26 -14.99 -18.37
C LEU B 110 -11.91 -14.28 -18.33
N PRO B 111 -11.85 -13.07 -17.83
CA PRO B 111 -10.51 -12.47 -17.69
C PRO B 111 -9.75 -12.98 -16.43
N TYR B 112 -9.49 -14.27 -16.36
CA TYR B 112 -8.95 -14.91 -15.15
C TYR B 112 -8.03 -16.02 -15.60
N GLY B 113 -7.06 -16.43 -14.79
CA GLY B 113 -6.48 -17.79 -14.90
C GLY B 113 -7.05 -18.68 -13.79
N GLY B 114 -6.61 -19.92 -13.68
CA GLY B 114 -7.15 -20.84 -12.73
C GLY B 114 -6.37 -20.89 -11.41
N GLY B 115 -7.10 -21.00 -10.30
CA GLY B 115 -6.48 -21.32 -9.00
C GLY B 115 -7.38 -22.32 -8.30
N LYS B 116 -6.94 -22.81 -7.16
CA LYS B 116 -7.61 -23.86 -6.41
C LYS B 116 -6.86 -24.06 -5.11
N GLY B 117 -7.60 -24.42 -4.08
CA GLY B 117 -7.07 -24.63 -2.75
C GLY B 117 -7.70 -25.86 -2.15
N GLY B 118 -7.11 -26.36 -1.07
CA GLY B 118 -7.66 -27.43 -0.28
C GLY B 118 -6.98 -27.46 1.08
N ILE B 119 -7.68 -28.04 2.06
CA ILE B 119 -7.12 -28.31 3.35
C ILE B 119 -7.37 -29.75 3.65
N ILE B 120 -6.37 -30.44 4.20
CA ILE B 120 -6.54 -31.85 4.59
C ILE B 120 -7.23 -31.88 5.96
N CYS B 121 -8.52 -32.21 5.91
CA CYS B 121 -9.31 -32.28 7.10
C CYS B 121 -10.57 -33.04 6.80
N ASP B 122 -11.27 -33.44 7.87
CA ASP B 122 -12.63 -33.99 7.74
C ASP B 122 -13.71 -33.11 8.38
N PRO B 123 -14.40 -32.33 7.56
CA PRO B 123 -15.35 -31.40 8.14
C PRO B 123 -16.60 -32.06 8.75
N ARG B 124 -16.89 -33.28 8.37
CA ARG B 124 -17.98 -34.00 8.97
C ARG B 124 -17.74 -34.33 10.45
N THR B 125 -16.50 -34.39 10.90
CA THR B 125 -16.25 -34.63 12.33
C THR B 125 -15.83 -33.35 13.08
N MET B 126 -16.08 -32.19 12.49
CA MET B 126 -15.64 -30.89 13.08
C MET B 126 -16.86 -30.04 13.40
N SER B 127 -16.78 -29.23 14.46
CA SER B 127 -17.91 -28.40 14.89
C SER B 127 -17.93 -27.17 14.03
N PHE B 128 -19.03 -26.42 14.05
CA PHE B 128 -19.07 -25.14 13.35
C PHE B 128 -17.98 -24.15 13.82
N GLY B 129 -17.74 -24.06 15.12
CA GLY B 129 -16.65 -23.22 15.63
C GLY B 129 -15.26 -23.59 15.09
N GLU B 130 -14.97 -24.87 15.07
CA GLU B 130 -13.77 -25.37 14.50
C GLU B 130 -13.64 -25.01 13.01
N LEU B 131 -14.68 -25.21 12.24
CA LEU B 131 -14.63 -24.82 10.85
C LEU B 131 -14.44 -23.28 10.63
N GLU B 132 -15.12 -22.45 11.40
CA GLU B 132 -14.79 -21.02 11.40
C GLU B 132 -13.31 -20.77 11.68
N ARG B 133 -12.77 -21.42 12.68
CA ARG B 133 -11.38 -21.15 13.06
C ARG B 133 -10.37 -21.58 12.00
N LEU B 134 -10.62 -22.73 11.42
CA LEU B 134 -9.81 -23.26 10.30
C LEU B 134 -9.87 -22.33 9.11
N SER B 135 -11.07 -21.85 8.82
CA SER B 135 -11.32 -20.98 7.69
C SER B 135 -10.57 -19.69 7.78
N ARG B 136 -10.67 -19.03 8.95
CA ARG B 136 -9.93 -17.80 9.19
C ARG B 136 -8.43 -18.08 9.18
N GLY B 137 -8.03 -19.20 9.79
CA GLY B 137 -6.65 -19.62 9.83
C GLY B 137 -6.05 -19.78 8.41
N TYR B 138 -6.84 -20.31 7.48
CA TYR B 138 -6.41 -20.54 6.06
C TYR B 138 -6.20 -19.18 5.41
N VAL B 139 -7.17 -18.30 5.61
CA VAL B 139 -7.07 -16.95 5.08
C VAL B 139 -5.86 -16.21 5.60
N ARG B 140 -5.58 -16.31 6.90
CA ARG B 140 -4.40 -15.61 7.50
C ARG B 140 -3.12 -16.23 6.98
N ALA B 141 -3.15 -17.53 6.81
CA ALA B 141 -1.94 -18.25 6.31
C ALA B 141 -1.59 -17.84 4.87
N ILE B 142 -2.58 -17.55 4.02
CA ILE B 142 -2.32 -17.29 2.55
C ILE B 142 -2.53 -15.84 2.01
N SER B 143 -2.85 -14.93 2.93
CA SER B 143 -3.25 -13.58 2.60
C SER B 143 -2.25 -12.81 1.76
N GLN B 144 -0.97 -13.07 1.90
CA GLN B 144 0.04 -12.39 1.07
C GLN B 144 -0.05 -12.63 -0.43
N ILE B 145 -0.75 -13.69 -0.86
CA ILE B 145 -0.77 -14.01 -2.30
C ILE B 145 -2.14 -14.03 -2.91
N VAL B 146 -3.12 -13.48 -2.18
CA VAL B 146 -4.54 -13.58 -2.45
C VAL B 146 -5.21 -12.23 -2.31
N GLY B 147 -6.31 -12.07 -3.04
CA GLY B 147 -7.16 -10.95 -2.92
C GLY B 147 -7.91 -10.65 -4.24
N PRO B 148 -8.73 -9.61 -4.24
CA PRO B 148 -9.58 -9.20 -5.35
C PRO B 148 -8.86 -8.98 -6.67
N THR B 149 -7.60 -8.54 -6.61
CA THR B 149 -6.83 -8.33 -7.82
C THR B 149 -5.86 -9.47 -8.11
N LYS B 150 -5.85 -10.47 -7.27
CA LYS B 150 -4.79 -11.48 -7.31
C LYS B 150 -5.30 -12.91 -7.50
N ASP B 151 -6.19 -13.34 -6.63
CA ASP B 151 -6.58 -14.75 -6.54
C ASP B 151 -7.86 -14.80 -5.70
N ILE B 152 -8.97 -15.17 -6.37
CA ILE B 152 -10.32 -15.08 -5.85
C ILE B 152 -10.97 -16.47 -5.62
N PRO B 153 -11.10 -16.93 -4.35
CA PRO B 153 -11.66 -18.24 -4.09
C PRO B 153 -13.15 -18.31 -4.27
N ALA B 154 -13.72 -19.49 -3.96
CA ALA B 154 -15.09 -19.91 -4.28
C ALA B 154 -15.37 -21.12 -3.43
N PRO B 155 -16.63 -21.52 -3.33
CA PRO B 155 -16.95 -22.81 -2.74
C PRO B 155 -16.48 -24.00 -3.58
N ASP B 156 -16.26 -25.12 -2.91
CA ASP B 156 -15.95 -26.39 -3.56
C ASP B 156 -16.38 -27.54 -2.61
N VAL B 157 -15.77 -28.71 -2.65
CA VAL B 157 -16.26 -29.81 -1.86
C VAL B 157 -16.19 -29.50 -0.37
N TYR B 158 -17.34 -29.62 0.25
CA TYR B 158 -17.53 -29.37 1.69
C TYR B 158 -17.24 -27.96 2.13
N THR B 159 -17.34 -27.00 1.22
CA THR B 159 -17.36 -25.62 1.60
C THR B 159 -18.56 -24.95 0.96
N ASN B 160 -19.00 -23.83 1.53
CA ASN B 160 -20.26 -23.23 1.14
C ASN B 160 -20.24 -21.75 1.49
N SER B 161 -21.36 -21.08 1.36
CA SER B 161 -21.39 -19.66 1.44
C SER B 161 -21.13 -19.12 2.89
N GLN B 162 -21.39 -19.94 3.88
CA GLN B 162 -21.02 -19.69 5.25
C GLN B 162 -19.51 -19.72 5.38
N ILE B 163 -18.86 -20.67 4.72
CA ILE B 163 -17.38 -20.65 4.81
C ILE B 163 -16.88 -19.37 4.14
N MET B 164 -17.52 -18.98 3.02
CA MET B 164 -17.03 -17.88 2.22
C MET B 164 -17.17 -16.57 3.03
N ALA B 165 -18.28 -16.45 3.76
CA ALA B 165 -18.55 -15.29 4.54
C ALA B 165 -17.51 -15.17 5.68
N TRP B 166 -17.17 -16.25 6.38
CA TRP B 166 -16.05 -16.23 7.34
C TRP B 166 -14.67 -15.78 6.79
N MET B 167 -14.33 -16.28 5.59
CA MET B 167 -13.10 -15.96 4.95
C MET B 167 -13.10 -14.50 4.50
N MET B 168 -14.23 -14.07 3.93
CA MET B 168 -14.40 -12.76 3.49
C MET B 168 -14.20 -11.84 4.73
N ASP B 169 -14.88 -12.16 5.83
CA ASP B 169 -14.76 -11.35 7.07
C ASP B 169 -13.29 -11.23 7.48
N GLU B 170 -12.59 -12.36 7.53
CA GLU B 170 -11.23 -12.36 8.04
C GLU B 170 -10.33 -11.51 7.15
N TYR B 171 -10.50 -11.63 5.85
CA TYR B 171 -9.66 -10.94 4.91
C TYR B 171 -9.84 -9.43 5.02
N SER B 172 -11.11 -9.04 5.05
CA SER B 172 -11.52 -7.64 5.32
C SER B 172 -10.88 -7.03 6.58
N ARG B 173 -10.78 -7.82 7.66
CA ARG B 173 -10.19 -7.31 8.91
C ARG B 173 -8.71 -7.11 8.72
N LEU B 174 -8.07 -8.02 7.95
CA LEU B 174 -6.65 -7.89 7.68
C LEU B 174 -6.36 -6.61 6.96
N ARG B 175 -7.23 -6.29 5.98
CA ARG B 175 -7.05 -5.10 5.16
C ARG B 175 -7.63 -3.76 5.74
N GLU B 176 -8.50 -3.81 6.75
CA GLU B 176 -9.11 -2.64 7.39
C GLU B 176 -10.20 -2.04 6.46
N PHE B 177 -10.68 -2.86 5.53
CA PHE B 177 -11.77 -2.47 4.64
C PHE B 177 -12.46 -3.71 4.10
N ASP B 178 -13.78 -3.60 4.01
CA ASP B 178 -14.67 -4.56 3.36
C ASP B 178 -14.15 -4.92 1.96
N SER B 179 -13.95 -6.19 1.74
CA SER B 179 -13.23 -6.75 0.58
C SER B 179 -14.07 -7.93 -0.05
N PRO B 180 -15.32 -7.66 -0.41
CA PRO B 180 -16.26 -8.67 -0.97
C PRO B 180 -15.71 -9.46 -2.18
N GLY B 181 -15.00 -8.76 -3.04
CA GLY B 181 -14.35 -9.25 -4.24
C GLY B 181 -13.21 -10.21 -4.08
N PHE B 182 -12.80 -10.45 -2.82
CA PHE B 182 -11.76 -11.44 -2.52
C PHE B 182 -12.20 -12.86 -2.83
N ILE B 183 -13.50 -13.13 -2.66
CA ILE B 183 -13.96 -14.49 -2.60
C ILE B 183 -15.42 -14.54 -3.11
N THR B 184 -15.78 -15.58 -3.92
CA THR B 184 -17.14 -15.62 -4.45
C THR B 184 -17.95 -16.72 -3.80
N GLY B 185 -19.24 -16.80 -4.13
CA GLY B 185 -20.12 -17.77 -3.48
C GLY B 185 -20.70 -17.21 -2.16
N LYS B 186 -20.64 -15.88 -1.99
CA LYS B 186 -21.06 -15.23 -0.72
C LYS B 186 -22.57 -15.18 -0.60
N PRO B 187 -23.11 -15.15 0.63
CA PRO B 187 -24.49 -14.74 0.82
C PRO B 187 -24.80 -13.41 0.16
N LEU B 188 -26.02 -13.29 -0.36
CA LEU B 188 -26.46 -12.07 -1.02
C LEU B 188 -26.23 -10.80 -0.17
N VAL B 189 -26.41 -10.86 1.17
CA VAL B 189 -26.20 -9.66 1.98
C VAL B 189 -24.75 -9.22 2.08
N LEU B 190 -23.80 -10.09 1.72
CA LEU B 190 -22.36 -9.73 1.73
C LEU B 190 -21.83 -9.51 0.31
N GLY B 191 -22.72 -9.34 -0.67
CA GLY B 191 -22.34 -9.04 -2.06
C GLY B 191 -22.29 -10.29 -2.93
N GLY B 192 -23.09 -11.29 -2.56
CA GLY B 192 -23.40 -12.42 -3.42
C GLY B 192 -24.15 -12.01 -4.68
N SER B 193 -24.26 -12.90 -5.66
CA SER B 193 -24.94 -12.62 -6.92
C SER B 193 -26.24 -13.39 -6.95
N GLN B 194 -27.23 -12.81 -7.61
CA GLN B 194 -28.44 -13.52 -8.02
C GLN B 194 -28.03 -14.49 -9.17
N GLY B 195 -28.94 -15.40 -9.48
CA GLY B 195 -28.84 -16.34 -10.60
C GLY B 195 -27.88 -17.49 -10.40
N ARG B 196 -27.39 -17.67 -9.18
CA ARG B 196 -26.36 -18.62 -8.97
C ARG B 196 -26.90 -20.03 -8.76
N GLU B 197 -28.16 -20.17 -8.37
CA GLU B 197 -28.72 -21.48 -8.10
C GLU B 197 -29.01 -22.28 -9.36
N THR B 198 -29.37 -21.60 -10.45
CA THR B 198 -29.73 -22.28 -11.68
C THR B 198 -28.66 -22.08 -12.78
N ALA B 199 -27.55 -21.40 -12.46
CA ALA B 199 -26.48 -21.08 -13.45
C ALA B 199 -26.04 -22.27 -14.29
N THR B 200 -25.68 -23.34 -13.63
CA THR B 200 -25.19 -24.51 -14.29
C THR B 200 -26.28 -25.13 -15.20
N ALA B 201 -27.48 -25.30 -14.65
CA ALA B 201 -28.59 -25.95 -15.33
C ALA B 201 -28.99 -25.14 -16.57
N GLN B 202 -29.05 -23.80 -16.44
CA GLN B 202 -29.35 -22.91 -17.59
C GLN B 202 -28.38 -23.09 -18.75
N GLY B 203 -27.13 -23.30 -18.43
CA GLY B 203 -26.10 -23.47 -19.44
C GLY B 203 -26.24 -24.77 -20.24
N VAL B 204 -26.56 -25.86 -19.55
CA VAL B 204 -26.87 -27.15 -20.19
C VAL B 204 -27.99 -26.96 -21.23
N THR B 205 -29.08 -26.30 -20.83
CA THR B 205 -30.21 -26.09 -21.71
C THR B 205 -29.85 -25.20 -22.88
N ILE B 206 -28.99 -24.20 -22.66
CA ILE B 206 -28.52 -23.38 -23.78
C ILE B 206 -27.66 -24.17 -24.74
N CYS B 207 -26.91 -25.14 -24.21
CA CYS B 207 -26.05 -25.91 -25.06
C CYS B 207 -26.95 -26.84 -25.89
N ILE B 208 -27.98 -27.42 -25.29
CA ILE B 208 -28.96 -28.22 -26.04
C ILE B 208 -29.59 -27.42 -27.21
N GLU B 209 -30.08 -26.22 -26.92
CA GLU B 209 -30.57 -25.32 -27.97
C GLU B 209 -29.56 -25.08 -29.05
N GLU B 210 -28.28 -24.92 -28.72
CA GLU B 210 -27.30 -24.67 -29.77
C GLU B 210 -26.97 -25.91 -30.62
N ALA B 211 -26.91 -27.08 -29.99
CA ALA B 211 -26.55 -28.29 -30.68
C ALA B 211 -27.63 -28.64 -31.73
N VAL B 212 -28.87 -28.49 -31.28
CA VAL B 212 -30.05 -28.68 -32.11
C VAL B 212 -30.03 -27.84 -33.41
N LYS B 213 -29.80 -26.53 -33.31
CA LYS B 213 -29.54 -25.70 -34.47
C LYS B 213 -28.45 -26.30 -35.40
N LYS B 214 -27.28 -26.70 -34.89
CA LYS B 214 -26.21 -27.22 -35.77
C LYS B 214 -26.55 -28.55 -36.46
N LYS B 215 -27.51 -29.27 -35.93
CA LYS B 215 -27.90 -30.55 -36.50
C LYS B 215 -29.25 -30.37 -37.29
N GLY B 216 -29.66 -29.11 -37.54
CA GLY B 216 -30.86 -28.78 -38.30
C GLY B 216 -32.18 -29.27 -37.75
N ILE B 217 -32.23 -29.50 -36.43
CA ILE B 217 -33.41 -30.03 -35.73
C ILE B 217 -34.04 -28.89 -35.01
N LYS B 218 -35.34 -28.70 -35.16
CA LYS B 218 -35.99 -27.64 -34.40
C LYS B 218 -36.30 -28.19 -33.01
N LEU B 219 -36.09 -27.35 -32.00
CA LEU B 219 -36.25 -27.75 -30.59
C LEU B 219 -37.63 -28.37 -30.34
N GLN B 220 -38.71 -27.71 -30.81
CA GLN B 220 -40.08 -28.27 -30.73
C GLN B 220 -40.17 -29.66 -31.39
N ASN B 221 -39.24 -30.04 -32.25
CA ASN B 221 -39.23 -31.40 -32.77
C ASN B 221 -38.28 -32.38 -32.15
N ALA B 222 -37.47 -31.92 -31.18
CA ALA B 222 -36.46 -32.79 -30.57
C ALA B 222 -37.11 -33.83 -29.65
N ARG B 223 -36.51 -35.02 -29.66
CA ARG B 223 -36.83 -36.06 -28.68
C ARG B 223 -35.60 -36.34 -27.79
N ILE B 224 -35.84 -36.33 -26.49
CA ILE B 224 -34.75 -36.29 -25.50
C ILE B 224 -34.91 -37.34 -24.44
N ILE B 225 -33.85 -38.11 -24.22
CA ILE B 225 -33.73 -38.96 -23.01
C ILE B 225 -32.81 -38.26 -21.97
N ILE B 226 -33.31 -38.14 -20.74
CA ILE B 226 -32.63 -37.51 -19.62
C ILE B 226 -32.50 -38.55 -18.54
N GLN B 227 -31.27 -38.97 -18.23
CA GLN B 227 -30.98 -39.83 -17.05
C GLN B 227 -31.00 -39.03 -15.71
N GLY B 228 -31.86 -39.42 -14.78
CA GLY B 228 -31.84 -38.84 -13.43
C GLY B 228 -32.92 -37.81 -13.29
N PHE B 229 -33.69 -37.89 -12.20
CA PHE B 229 -34.87 -37.02 -12.02
C PHE B 229 -34.80 -36.18 -10.72
N GLY B 230 -33.55 -35.90 -10.31
CA GLY B 230 -33.28 -34.95 -9.23
C GLY B 230 -33.50 -33.54 -9.72
N ASN B 231 -32.83 -32.60 -9.05
CA ASN B 231 -32.98 -31.20 -9.41
C ASN B 231 -32.39 -30.85 -10.78
N ALA B 232 -31.26 -31.43 -11.13
CA ALA B 232 -30.66 -31.19 -12.44
C ALA B 232 -31.60 -31.76 -13.53
N GLY B 233 -32.04 -33.01 -13.34
CA GLY B 233 -32.79 -33.74 -14.35
C GLY B 233 -34.20 -33.20 -14.54
N SER B 234 -34.87 -33.01 -13.42
CA SER B 234 -36.23 -32.51 -13.45
C SER B 234 -36.26 -31.10 -14.00
N PHE B 235 -35.20 -30.32 -13.82
CA PHE B 235 -35.14 -28.94 -14.35
C PHE B 235 -35.10 -29.00 -15.88
N LEU B 236 -34.08 -29.70 -16.41
CA LEU B 236 -34.00 -30.06 -17.83
C LEU B 236 -35.32 -30.49 -18.45
N ALA B 237 -35.91 -31.52 -17.85
CA ALA B 237 -37.15 -32.11 -18.31
C ALA B 237 -38.23 -31.04 -18.45
N LYS B 238 -38.44 -30.22 -17.41
CA LYS B 238 -39.43 -29.15 -17.47
C LYS B 238 -39.13 -28.19 -18.58
N PHE B 239 -37.87 -27.76 -18.66
CA PHE B 239 -37.47 -26.79 -19.66
C PHE B 239 -37.81 -27.30 -21.06
N MET B 240 -37.53 -28.57 -21.30
CA MET B 240 -37.66 -29.15 -22.63
C MET B 240 -39.13 -29.27 -22.92
N HIS B 241 -39.86 -29.79 -21.95
CA HIS B 241 -41.28 -29.89 -22.09
C HIS B 241 -41.94 -28.52 -22.36
N ASP B 242 -41.53 -27.47 -21.64
CA ASP B 242 -42.13 -26.14 -21.83
C ASP B 242 -41.67 -25.48 -23.12
N ALA B 243 -40.53 -25.92 -23.67
CA ALA B 243 -39.98 -25.43 -24.93
C ALA B 243 -40.71 -26.02 -26.10
N GLY B 244 -41.54 -27.03 -25.84
CA GLY B 244 -42.23 -27.73 -26.91
C GLY B 244 -41.60 -29.03 -27.31
N ALA B 245 -40.37 -29.33 -26.86
CA ALA B 245 -39.74 -30.64 -27.17
C ALA B 245 -40.51 -31.81 -26.53
N LYS B 246 -40.21 -33.05 -26.96
CA LYS B 246 -40.76 -34.27 -26.34
C LYS B 246 -39.70 -35.01 -25.47
N VAL B 247 -39.97 -35.10 -24.17
CA VAL B 247 -39.13 -35.92 -23.27
C VAL B 247 -39.60 -37.36 -23.29
N ILE B 248 -38.86 -38.21 -23.99
CA ILE B 248 -39.31 -39.59 -24.27
C ILE B 248 -38.69 -40.64 -23.36
N GLY B 249 -37.78 -40.21 -22.50
CA GLY B 249 -37.09 -41.08 -21.53
C GLY B 249 -36.65 -40.26 -20.34
N ILE B 250 -37.07 -40.70 -19.18
CA ILE B 250 -36.51 -40.27 -17.90
C ILE B 250 -36.02 -41.53 -17.12
N SER B 251 -35.28 -41.29 -16.03
CA SER B 251 -34.87 -42.35 -15.13
C SER B 251 -34.53 -41.80 -13.75
N ASP B 252 -34.64 -42.67 -12.76
CA ASP B 252 -34.02 -42.45 -11.46
C ASP B 252 -33.18 -43.68 -11.08
N ALA B 253 -32.66 -43.70 -9.83
CA ALA B 253 -31.86 -44.85 -9.33
C ALA B 253 -32.55 -46.20 -9.58
N ASN B 254 -33.87 -46.22 -9.40
CA ASN B 254 -34.64 -47.44 -9.51
C ASN B 254 -34.90 -47.95 -10.93
N GLY B 255 -34.63 -47.14 -11.97
CA GLY B 255 -34.82 -47.58 -13.38
C GLY B 255 -35.35 -46.53 -14.39
N GLY B 256 -35.55 -46.98 -15.64
CA GLY B 256 -36.05 -46.15 -16.77
C GLY B 256 -37.54 -46.22 -17.18
N LEU B 257 -38.14 -45.07 -17.54
CA LEU B 257 -39.40 -44.99 -18.27
C LEU B 257 -39.12 -44.47 -19.68
N TYR B 258 -39.60 -45.19 -20.67
CA TYR B 258 -39.46 -44.82 -22.07
C TYR B 258 -40.80 -44.82 -22.81
N ASN B 259 -41.08 -43.73 -23.53
CA ASN B 259 -42.27 -43.65 -24.36
C ASN B 259 -42.05 -42.78 -25.59
N PRO B 260 -41.95 -43.43 -26.76
CA PRO B 260 -41.56 -42.74 -27.98
C PRO B 260 -42.53 -41.61 -28.39
N ASP B 261 -43.77 -41.60 -27.93
CA ASP B 261 -44.69 -40.47 -28.20
C ASP B 261 -44.45 -39.30 -27.29
N GLY B 262 -43.69 -39.51 -26.23
CA GLY B 262 -43.42 -38.50 -25.26
C GLY B 262 -44.11 -38.83 -23.95
N LEU B 263 -43.39 -38.58 -22.84
CA LEU B 263 -43.91 -38.76 -21.48
C LEU B 263 -44.60 -37.52 -21.03
N ASP B 264 -45.60 -37.71 -20.16
CA ASP B 264 -46.37 -36.66 -19.53
C ASP B 264 -45.50 -36.09 -18.41
N ILE B 265 -44.70 -35.10 -18.77
CA ILE B 265 -43.73 -34.53 -17.85
C ILE B 265 -44.44 -33.80 -16.70
N PRO B 266 -45.48 -32.98 -16.98
CA PRO B 266 -46.18 -32.32 -15.85
C PRO B 266 -46.65 -33.30 -14.80
N TYR B 267 -47.18 -34.43 -15.27
CA TYR B 267 -47.62 -35.44 -14.36
C TYR B 267 -46.42 -35.98 -13.56
N LEU B 268 -45.33 -36.30 -14.25
CA LEU B 268 -44.17 -36.95 -13.65
C LEU B 268 -43.44 -36.03 -12.60
N LEU B 269 -43.43 -34.71 -12.88
CA LEU B 269 -42.97 -33.65 -11.97
C LEU B 269 -43.79 -33.53 -10.67
N ASP B 270 -45.10 -33.70 -10.76
CA ASP B 270 -45.93 -33.60 -9.58
C ASP B 270 -45.87 -34.85 -8.72
N LYS B 271 -45.51 -35.98 -9.32
CA LYS B 271 -45.52 -37.23 -8.60
C LYS B 271 -44.14 -37.65 -8.16
N ARG B 272 -43.12 -37.00 -8.67
CA ARG B 272 -41.78 -37.28 -8.18
C ARG B 272 -41.70 -36.90 -6.68
N ASP B 273 -40.96 -37.67 -5.93
CA ASP B 273 -40.84 -37.34 -4.50
C ASP B 273 -39.67 -36.37 -4.23
N SER B 274 -39.47 -36.01 -2.95
CA SER B 274 -38.44 -35.04 -2.54
C SER B 274 -36.99 -35.52 -2.72
N PHE B 275 -36.82 -36.77 -3.13
CA PHE B 275 -35.53 -37.38 -3.40
C PHE B 275 -35.35 -37.61 -4.92
N GLY B 276 -36.20 -36.98 -5.74
CA GLY B 276 -36.20 -37.19 -7.21
C GLY B 276 -36.62 -38.60 -7.67
N MET B 277 -37.48 -39.26 -6.89
CA MET B 277 -37.88 -40.64 -7.18
C MET B 277 -39.31 -40.66 -7.71
N VAL B 278 -39.52 -41.63 -8.59
CA VAL B 278 -40.74 -41.86 -9.40
C VAL B 278 -40.30 -43.19 -10.16
N THR B 279 -41.06 -43.72 -11.09
CA THR B 279 -40.67 -45.00 -11.80
C THR B 279 -41.07 -46.22 -10.98
N ASN B 280 -40.94 -46.13 -9.67
CA ASN B 280 -41.53 -47.12 -8.75
C ASN B 280 -43.03 -46.95 -8.55
N LEU B 281 -43.59 -45.84 -9.02
CA LEU B 281 -45.05 -45.73 -9.17
C LEU B 281 -45.59 -46.41 -10.48
N PHE B 282 -44.71 -47.07 -11.25
CA PHE B 282 -45.03 -47.61 -12.59
C PHE B 282 -44.50 -49.04 -12.77
N THR B 283 -45.31 -49.88 -13.44
CA THR B 283 -44.99 -51.30 -13.65
C THR B 283 -44.28 -51.56 -14.99
N ASP B 284 -44.08 -50.52 -15.80
CA ASP B 284 -43.54 -50.70 -17.17
C ASP B 284 -42.06 -50.22 -17.28
N VAL B 285 -41.31 -50.35 -16.17
CA VAL B 285 -39.97 -49.77 -16.02
C VAL B 285 -38.92 -50.61 -16.77
N ILE B 286 -37.89 -49.94 -17.30
CA ILE B 286 -36.75 -50.61 -17.92
C ILE B 286 -35.51 -50.25 -17.10
N THR B 287 -34.35 -50.83 -17.46
CA THR B 287 -33.11 -50.48 -16.79
C THR B 287 -32.49 -49.18 -17.35
N ASN B 288 -31.71 -48.51 -16.51
CA ASN B 288 -30.90 -47.40 -16.94
C ASN B 288 -29.97 -47.73 -18.13
N GLU B 289 -29.41 -48.94 -18.12
CA GLU B 289 -28.49 -49.39 -19.17
C GLU B 289 -29.24 -49.64 -20.48
N GLU B 290 -30.48 -50.12 -20.40
CA GLU B 290 -31.34 -50.25 -21.59
C GLU B 290 -31.75 -48.88 -22.22
N LEU B 291 -32.12 -47.94 -21.36
CA LEU B 291 -32.50 -46.57 -21.73
C LEU B 291 -31.48 -45.82 -22.58
N LEU B 292 -30.17 -45.97 -22.25
CA LEU B 292 -29.08 -45.31 -23.02
C LEU B 292 -29.10 -45.67 -24.51
N GLU B 293 -29.62 -46.85 -24.82
CA GLU B 293 -29.58 -47.34 -26.20
C GLU B 293 -30.88 -47.11 -27.01
N LYS B 294 -31.94 -46.70 -26.33
CA LYS B 294 -33.22 -46.34 -26.98
C LYS B 294 -33.07 -45.17 -27.94
N ASP B 295 -33.87 -45.18 -29.01
CA ASP B 295 -33.69 -44.21 -30.09
C ASP B 295 -34.12 -42.82 -29.66
N CYS B 296 -33.48 -41.78 -30.22
CA CYS B 296 -33.78 -40.37 -29.90
C CYS B 296 -32.82 -39.41 -30.62
N ASP B 297 -33.06 -38.11 -30.44
CA ASP B 297 -32.15 -37.09 -30.91
C ASP B 297 -31.06 -36.74 -29.90
N ILE B 298 -31.47 -36.53 -28.63
CA ILE B 298 -30.60 -36.02 -27.58
C ILE B 298 -30.57 -36.98 -26.38
N LEU B 299 -29.35 -37.36 -25.99
CA LEU B 299 -29.11 -38.16 -24.79
C LEU B 299 -28.40 -37.27 -23.71
N VAL B 300 -28.96 -37.16 -22.52
CA VAL B 300 -28.29 -36.42 -21.42
C VAL B 300 -27.99 -37.43 -20.30
N PRO B 301 -26.76 -37.98 -20.29
CA PRO B 301 -26.46 -39.01 -19.30
C PRO B 301 -26.44 -38.49 -17.86
N ALA B 302 -26.47 -39.44 -16.93
CA ALA B 302 -26.51 -39.21 -15.47
C ALA B 302 -25.13 -38.65 -15.15
N ALA B 303 -25.07 -37.82 -14.12
CA ALA B 303 -23.80 -37.32 -13.62
C ALA B 303 -23.15 -38.45 -12.79
N ILE B 304 -22.84 -39.54 -13.48
CA ILE B 304 -22.20 -40.72 -12.92
C ILE B 304 -21.17 -41.08 -13.96
N SER B 305 -19.97 -41.38 -13.53
CA SER B 305 -18.90 -41.60 -14.49
C SER B 305 -19.06 -42.95 -15.22
N ASN B 306 -18.53 -42.99 -16.44
CA ASN B 306 -18.45 -44.20 -17.26
C ASN B 306 -19.79 -44.95 -17.42
N GLN B 307 -20.85 -44.20 -17.79
CA GLN B 307 -22.12 -44.76 -18.26
C GLN B 307 -21.97 -45.21 -19.73
N ILE B 308 -21.22 -44.45 -20.53
CA ILE B 308 -21.00 -44.76 -21.93
C ILE B 308 -19.52 -45.12 -22.01
N THR B 309 -19.27 -46.42 -21.93
CA THR B 309 -17.96 -47.03 -22.13
C THR B 309 -17.88 -47.47 -23.57
N ALA B 310 -16.83 -48.23 -23.89
CA ALA B 310 -16.60 -48.84 -25.21
C ALA B 310 -17.56 -50.03 -25.52
N LYS B 311 -18.02 -50.71 -24.47
CA LYS B 311 -18.90 -51.85 -24.65
C LYS B 311 -20.29 -51.46 -25.16
N ASN B 312 -20.76 -50.25 -24.86
CA ASN B 312 -22.11 -49.80 -25.30
C ASN B 312 -22.15 -48.63 -26.28
N ALA B 313 -21.00 -48.09 -26.63
CA ALA B 313 -20.93 -46.83 -27.36
C ALA B 313 -21.47 -46.89 -28.81
N HIS B 314 -21.38 -48.05 -29.45
CA HIS B 314 -21.95 -48.22 -30.84
C HIS B 314 -23.47 -48.31 -30.82
N ASN B 315 -24.03 -48.61 -29.66
CA ASN B 315 -25.48 -48.70 -29.49
C ASN B 315 -26.23 -47.41 -29.12
N ILE B 316 -25.50 -46.29 -28.98
CA ILE B 316 -26.14 -44.99 -28.70
C ILE B 316 -26.81 -44.56 -30.01
N GLN B 317 -28.07 -44.14 -29.94
CA GLN B 317 -28.78 -43.75 -31.15
C GLN B 317 -29.01 -42.26 -31.22
N ALA B 318 -28.68 -41.56 -30.12
CA ALA B 318 -28.71 -40.12 -30.12
C ALA B 318 -27.74 -39.57 -31.15
N SER B 319 -28.14 -38.54 -31.86
CA SER B 319 -27.21 -37.77 -32.64
C SER B 319 -26.58 -36.61 -31.83
N ILE B 320 -27.13 -36.35 -30.64
CA ILE B 320 -26.60 -35.35 -29.76
C ILE B 320 -26.52 -35.96 -28.33
N VAL B 321 -25.29 -36.02 -27.80
CA VAL B 321 -25.04 -36.38 -26.39
C VAL B 321 -24.54 -35.12 -25.65
N VAL B 322 -25.29 -34.67 -24.63
CA VAL B 322 -24.86 -33.54 -23.78
C VAL B 322 -24.47 -34.08 -22.42
N GLU B 323 -23.19 -33.99 -22.10
CA GLU B 323 -22.71 -34.30 -20.75
C GLU B 323 -23.10 -33.19 -19.73
N ARG B 324 -23.84 -33.53 -18.68
CA ARG B 324 -24.29 -32.58 -17.63
C ARG B 324 -23.10 -32.21 -16.76
N ALA B 325 -22.58 -33.27 -16.10
CA ALA B 325 -21.53 -33.20 -15.07
C ALA B 325 -20.76 -34.52 -15.12
N ASN B 326 -19.71 -34.62 -14.30
CA ASN B 326 -19.09 -35.89 -13.82
C ASN B 326 -18.42 -36.83 -14.85
N GLY B 327 -17.96 -36.34 -16.01
CA GLY B 327 -17.21 -37.23 -16.90
C GLY B 327 -17.88 -38.58 -17.19
N PRO B 328 -19.12 -38.54 -17.76
CA PRO B 328 -19.92 -39.74 -17.97
C PRO B 328 -19.57 -40.65 -19.17
N THR B 329 -18.73 -40.20 -20.10
CA THR B 329 -18.35 -41.03 -21.24
C THR B 329 -16.85 -41.14 -21.36
N THR B 330 -16.35 -42.38 -21.40
CA THR B 330 -14.89 -42.64 -21.40
C THR B 330 -14.27 -42.16 -22.69
N ILE B 331 -12.95 -42.05 -22.63
CA ILE B 331 -12.12 -41.53 -23.71
C ILE B 331 -12.31 -42.32 -25.01
N ASP B 332 -12.53 -43.63 -24.92
CA ASP B 332 -12.68 -44.43 -26.14
C ASP B 332 -14.07 -44.33 -26.68
N ALA B 333 -15.02 -44.33 -25.76
CA ALA B 333 -16.40 -44.11 -26.16
C ALA B 333 -16.50 -42.79 -26.94
N THR B 334 -15.78 -41.77 -26.53
CA THR B 334 -16.03 -40.46 -27.10
C THR B 334 -15.41 -40.35 -28.51
N LYS B 335 -14.33 -41.09 -28.78
CA LYS B 335 -13.79 -41.19 -30.18
C LYS B 335 -14.73 -41.98 -31.10
N ILE B 336 -15.22 -43.11 -30.58
CA ILE B 336 -16.26 -43.89 -31.25
C ILE B 336 -17.44 -43.03 -31.67
N LEU B 337 -17.95 -42.23 -30.73
CA LEU B 337 -19.10 -41.36 -30.97
C LEU B 337 -18.79 -40.29 -32.00
N ASN B 338 -17.57 -39.73 -31.94
CA ASN B 338 -17.12 -38.76 -32.95
C ASN B 338 -17.06 -39.43 -34.35
N GLU B 339 -16.57 -40.67 -34.40
CA GLU B 339 -16.48 -41.39 -35.69
C GLU B 339 -17.87 -41.57 -36.29
N ARG B 340 -18.84 -41.94 -35.46
CA ARG B 340 -20.23 -42.10 -35.90
C ARG B 340 -20.99 -40.79 -36.09
N GLY B 341 -20.30 -39.65 -36.07
CA GLY B 341 -20.93 -38.32 -36.29
C GLY B 341 -21.92 -37.86 -35.22
N VAL B 342 -21.93 -38.51 -34.06
CA VAL B 342 -22.70 -38.02 -32.91
C VAL B 342 -22.03 -36.70 -32.47
N LEU B 343 -22.78 -35.62 -32.29
CA LEU B 343 -22.29 -34.40 -31.63
C LEU B 343 -22.23 -34.55 -30.05
N LEU B 344 -21.02 -34.75 -29.52
CA LEU B 344 -20.76 -34.77 -28.07
C LEU B 344 -20.46 -33.35 -27.55
N VAL B 345 -21.33 -32.84 -26.68
CA VAL B 345 -21.08 -31.59 -25.95
C VAL B 345 -20.49 -31.91 -24.58
N PRO B 346 -19.22 -31.58 -24.40
CA PRO B 346 -18.51 -32.03 -23.23
C PRO B 346 -18.92 -31.27 -21.95
N ASP B 347 -18.90 -31.98 -20.83
CA ASP B 347 -19.28 -31.44 -19.54
C ASP B 347 -18.63 -30.08 -19.16
N ILE B 348 -17.36 -29.95 -19.48
CA ILE B 348 -16.56 -28.77 -19.19
C ILE B 348 -17.11 -27.51 -19.90
N LEU B 349 -17.74 -27.68 -21.07
CA LEU B 349 -18.47 -26.59 -21.69
C LEU B 349 -19.86 -26.47 -21.04
N ALA B 350 -20.60 -27.57 -21.05
CA ALA B 350 -22.03 -27.51 -20.69
C ALA B 350 -22.22 -26.96 -19.26
N SER B 351 -21.23 -27.19 -18.39
CA SER B 351 -21.38 -26.84 -16.95
C SER B 351 -20.77 -25.50 -16.59
N ALA B 352 -20.35 -24.74 -17.62
CA ALA B 352 -19.54 -23.54 -17.41
C ALA B 352 -20.26 -22.32 -16.78
N GLY B 353 -21.58 -22.35 -16.73
CA GLY B 353 -22.35 -21.29 -16.11
C GLY B 353 -22.01 -21.13 -14.64
N GLY B 354 -21.61 -22.19 -13.97
CA GLY B 354 -21.13 -22.09 -12.57
C GLY B 354 -19.98 -21.11 -12.46
N VAL B 355 -18.87 -21.38 -13.12
CA VAL B 355 -17.74 -20.47 -13.04
C VAL B 355 -18.18 -19.07 -13.53
N THR B 356 -19.05 -19.02 -14.54
CA THR B 356 -19.49 -17.77 -15.07
C THR B 356 -20.26 -16.90 -14.09
N VAL B 357 -21.14 -17.46 -13.25
CA VAL B 357 -21.82 -16.65 -12.21
C VAL B 357 -20.86 -16.28 -11.10
N SER B 358 -19.86 -17.09 -10.88
CA SER B 358 -18.86 -16.68 -9.91
C SER B 358 -18.17 -15.43 -10.45
N TYR B 359 -17.80 -15.42 -11.72
CA TYR B 359 -17.14 -14.22 -12.31
C TYR B 359 -18.02 -12.96 -12.20
N PHE B 360 -19.28 -13.10 -12.62
CA PHE B 360 -20.23 -12.00 -12.50
C PHE B 360 -20.35 -11.42 -11.06
N GLU B 361 -20.32 -12.28 -10.04
CA GLU B 361 -20.34 -11.85 -8.64
C GLU B 361 -19.11 -10.90 -8.39
N TRP B 362 -17.97 -11.30 -8.94
CA TRP B 362 -16.75 -10.54 -8.82
C TRP B 362 -16.84 -9.22 -9.53
N VAL B 363 -17.37 -9.21 -10.75
CA VAL B 363 -17.60 -7.96 -11.43
C VAL B 363 -18.52 -7.00 -10.60
N GLN B 364 -19.60 -7.52 -10.08
CA GLN B 364 -20.53 -6.76 -9.27
C GLN B 364 -19.80 -6.20 -8.06
N ASN B 365 -18.97 -7.04 -7.42
CA ASN B 365 -18.14 -6.56 -6.31
C ASN B 365 -17.23 -5.40 -6.71
N ASN B 366 -16.69 -5.47 -7.92
CA ASN B 366 -15.75 -4.44 -8.34
C ASN B 366 -16.42 -3.14 -8.48
N GLN B 367 -17.69 -3.20 -8.93
CA GLN B 367 -18.54 -2.03 -9.23
C GLN B 367 -19.19 -1.45 -7.96
N GLY B 368 -19.49 -2.29 -6.99
CA GLY B 368 -20.34 -1.92 -5.88
C GLY B 368 -21.79 -1.90 -6.30
N TYR B 369 -22.09 -2.61 -7.40
CA TYR B 369 -23.40 -2.51 -8.03
C TYR B 369 -23.89 -3.90 -8.45
N TYR B 370 -25.11 -4.21 -8.01
CA TYR B 370 -25.64 -5.56 -8.06
C TYR B 370 -26.80 -5.69 -9.05
N TRP B 371 -26.75 -6.79 -9.82
CA TRP B 371 -27.67 -7.07 -10.88
C TRP B 371 -28.93 -7.91 -10.49
N SER B 372 -30.05 -7.66 -11.16
CA SER B 372 -31.23 -8.53 -11.03
C SER B 372 -30.95 -9.90 -11.61
N GLU B 373 -31.73 -10.85 -11.17
CA GLU B 373 -31.70 -12.21 -11.65
C GLU B 373 -31.86 -12.34 -13.19
N GLU B 374 -32.58 -11.40 -13.81
CA GLU B 374 -32.83 -11.42 -15.25
C GLU B 374 -31.67 -10.83 -16.02
N GLU B 375 -31.01 -9.80 -15.47
CA GLU B 375 -29.82 -9.30 -16.13
C GLU B 375 -28.78 -10.38 -16.09
N VAL B 376 -28.71 -11.10 -14.96
CA VAL B 376 -27.74 -12.17 -14.85
C VAL B 376 -28.01 -13.34 -15.84
N ALA B 377 -29.27 -13.79 -15.92
CA ALA B 377 -29.74 -14.81 -16.85
C ALA B 377 -29.36 -14.44 -18.27
N GLU B 378 -29.49 -13.16 -18.62
CA GLU B 378 -29.22 -12.70 -19.99
C GLU B 378 -27.72 -12.64 -20.33
N LYS B 379 -26.90 -12.14 -19.42
CA LYS B 379 -25.48 -12.11 -19.71
C LYS B 379 -24.91 -13.54 -19.77
N LEU B 380 -25.45 -14.41 -18.94
CA LEU B 380 -25.05 -15.78 -18.88
C LEU B 380 -25.27 -16.57 -20.22
N ARG B 381 -26.49 -16.47 -20.72
CA ARG B 381 -26.89 -16.98 -22.02
C ARG B 381 -25.96 -16.53 -23.14
N SER B 382 -25.68 -15.25 -23.17
CA SER B 382 -24.80 -14.65 -24.14
C SER B 382 -23.38 -15.25 -24.12
N VAL B 383 -22.83 -15.41 -22.91
CA VAL B 383 -21.53 -16.08 -22.77
C VAL B 383 -21.58 -17.52 -23.27
N MET B 384 -22.52 -18.28 -22.79
CA MET B 384 -22.59 -19.66 -23.15
C MET B 384 -22.83 -19.87 -24.68
N VAL B 385 -23.60 -19.00 -25.32
CA VAL B 385 -23.82 -19.04 -26.75
C VAL B 385 -22.52 -18.80 -27.48
N SER B 386 -21.73 -17.83 -27.01
CA SER B 386 -20.46 -17.54 -27.66
C SER B 386 -19.44 -18.65 -27.47
N SER B 387 -19.41 -19.25 -26.29
CA SER B 387 -18.49 -20.37 -26.03
C SER B 387 -18.78 -21.59 -26.91
N PHE B 388 -20.04 -21.99 -26.95
CA PHE B 388 -20.46 -23.09 -27.82
C PHE B 388 -19.98 -22.85 -29.26
N GLU B 389 -20.27 -21.66 -29.76
CA GLU B 389 -19.91 -21.28 -31.12
C GLU B 389 -18.42 -21.30 -31.34
N THR B 390 -17.67 -20.71 -30.42
CA THR B 390 -16.24 -20.66 -30.61
C THR B 390 -15.60 -22.06 -30.54
N ILE B 391 -16.14 -22.95 -29.74
CA ILE B 391 -15.58 -24.28 -29.65
C ILE B 391 -16.00 -25.12 -30.86
N TYR B 392 -17.25 -24.92 -31.29
CA TYR B 392 -17.78 -25.56 -32.49
C TYR B 392 -16.91 -25.19 -33.71
N GLN B 393 -16.67 -23.91 -33.92
CA GLN B 393 -15.85 -23.46 -35.06
C GLN B 393 -14.42 -23.98 -34.96
N THR B 394 -13.85 -24.08 -33.75
CA THR B 394 -12.51 -24.53 -33.69
C THR B 394 -12.42 -26.02 -33.82
N ALA B 395 -13.45 -26.78 -33.44
CA ALA B 395 -13.45 -28.25 -33.69
C ALA B 395 -13.49 -28.51 -35.25
N ALA B 396 -14.29 -27.73 -35.97
CA ALA B 396 -14.39 -27.77 -37.44
C ALA B 396 -13.06 -27.42 -38.10
N THR B 397 -12.49 -26.25 -37.83
CA THR B 397 -11.24 -25.90 -38.46
C THR B 397 -10.04 -26.83 -38.13
N HIS B 398 -10.05 -27.59 -37.02
CA HIS B 398 -8.97 -28.56 -36.75
C HIS B 398 -9.43 -30.01 -36.92
N LYS B 399 -10.68 -30.27 -37.33
CA LYS B 399 -11.19 -31.67 -37.46
C LYS B 399 -10.93 -32.51 -36.22
N VAL B 400 -11.38 -32.02 -35.07
CA VAL B 400 -11.33 -32.74 -33.77
C VAL B 400 -12.74 -32.69 -33.21
N ASP B 401 -13.07 -33.49 -32.21
CA ASP B 401 -14.35 -33.30 -31.50
C ASP B 401 -14.39 -32.04 -30.56
N MET B 402 -15.58 -31.79 -30.05
CA MET B 402 -15.84 -30.70 -29.13
C MET B 402 -15.10 -30.78 -27.75
N ARG B 403 -14.79 -31.98 -27.25
CA ARG B 403 -13.90 -32.15 -26.09
C ARG B 403 -12.53 -31.59 -26.32
N LEU B 404 -11.80 -32.07 -27.32
CA LEU B 404 -10.47 -31.57 -27.55
C LEU B 404 -10.47 -30.08 -27.91
N ALA B 405 -11.47 -29.64 -28.68
CA ALA B 405 -11.59 -28.22 -28.99
C ALA B 405 -11.94 -27.33 -27.72
N ALA B 406 -12.72 -27.87 -26.78
CA ALA B 406 -12.98 -27.22 -25.46
C ALA B 406 -11.63 -26.99 -24.76
N TYR B 407 -10.83 -28.04 -24.68
CA TYR B 407 -9.51 -27.96 -24.09
C TYR B 407 -8.63 -26.97 -24.82
N MET B 408 -8.62 -27.02 -26.16
CA MET B 408 -7.79 -26.06 -26.88
C MET B 408 -8.18 -24.60 -26.60
N THR B 409 -9.48 -24.32 -26.64
CA THR B 409 -10.03 -23.00 -26.40
C THR B 409 -9.68 -22.60 -24.94
N GLY B 410 -9.72 -23.58 -24.05
CA GLY B 410 -9.26 -23.52 -22.68
C GLY B 410 -7.91 -22.87 -22.39
N ILE B 411 -6.79 -23.47 -22.84
CA ILE B 411 -5.45 -22.89 -22.50
C ILE B 411 -5.08 -21.83 -23.50
N ARG B 412 -5.81 -21.69 -24.59
CA ARG B 412 -5.39 -20.82 -25.68
C ARG B 412 -5.24 -19.41 -25.21
N LYS B 413 -6.20 -18.97 -24.43
CA LYS B 413 -6.18 -17.55 -23.97
C LYS B 413 -4.98 -17.27 -23.06
N SER B 414 -4.68 -18.21 -22.15
CA SER B 414 -3.50 -18.06 -21.30
C SER B 414 -2.18 -18.19 -22.11
N ALA B 415 -2.21 -19.04 -23.16
CA ALA B 415 -1.04 -19.16 -24.05
C ALA B 415 -0.79 -17.85 -24.81
N GLU B 416 -1.79 -17.29 -25.48
CA GLU B 416 -1.60 -16.02 -26.18
C GLU B 416 -1.20 -14.90 -25.23
N ALA B 417 -1.90 -14.83 -24.07
CA ALA B 417 -1.59 -13.81 -23.05
C ALA B 417 -0.10 -13.92 -22.63
N SER B 418 0.38 -15.15 -22.38
CA SER B 418 1.76 -15.34 -21.89
C SER B 418 2.78 -14.93 -22.97
N ARG B 419 2.42 -15.11 -24.25
CA ARG B 419 3.35 -14.73 -25.33
C ARG B 419 3.30 -13.20 -25.47
N PHE B 420 2.11 -12.61 -25.43
CA PHE B 420 2.05 -11.12 -25.53
C PHE B 420 2.86 -10.48 -24.42
N ARG B 421 2.78 -11.04 -23.23
CA ARG B 421 3.46 -10.45 -22.10
C ARG B 421 4.96 -10.69 -22.09
N GLY B 422 5.43 -11.58 -22.97
CA GLY B 422 6.87 -11.83 -23.12
C GLY B 422 7.44 -12.89 -22.20
N TRP B 423 6.58 -13.76 -21.65
CA TRP B 423 7.06 -14.86 -20.79
C TRP B 423 7.76 -16.02 -21.53
N VAL B 424 7.17 -16.44 -22.65
CA VAL B 424 7.73 -17.47 -23.53
C VAL B 424 7.44 -17.13 -24.98
N ASN C 16 -31.16 11.29 23.58
CA ASN C 16 -32.66 11.58 23.44
C ASN C 16 -33.27 11.28 22.04
N LEU C 17 -32.75 11.96 21.03
CA LEU C 17 -32.83 11.42 19.69
C LEU C 17 -32.18 10.03 19.73
N PHE C 18 -31.02 9.98 20.38
CA PHE C 18 -30.28 8.78 20.58
C PHE C 18 -31.14 7.72 21.24
N LEU C 19 -31.70 8.06 22.39
CA LEU C 19 -32.49 7.08 23.16
C LEU C 19 -33.72 6.63 22.36
N SER C 20 -34.44 7.53 21.73
CA SER C 20 -35.56 7.08 20.93
C SER C 20 -35.12 6.31 19.65
N THR C 21 -33.97 6.68 19.09
CA THR C 21 -33.34 5.88 18.06
C THR C 21 -32.98 4.47 18.53
N GLN C 22 -32.39 4.32 19.70
CA GLN C 22 -32.14 2.96 20.24
C GLN C 22 -33.43 2.17 20.46
N THR C 23 -34.51 2.88 20.85
CA THR C 23 -35.82 2.22 21.06
C THR C 23 -36.36 1.66 19.74
N ILE C 24 -36.29 2.43 18.65
CA ILE C 24 -36.66 1.89 17.32
C ILE C 24 -35.91 0.60 16.89
N ILE C 25 -34.60 0.59 17.17
CA ILE C 25 -33.69 -0.52 16.85
C ILE C 25 -34.08 -1.74 17.69
N LYS C 26 -34.34 -1.50 18.98
CA LYS C 26 -34.65 -2.57 19.89
C LYS C 26 -35.91 -3.26 19.47
N GLU C 27 -36.87 -2.49 19.01
CA GLU C 27 -38.12 -3.10 18.67
C GLU C 27 -38.05 -3.72 17.29
N ALA C 28 -37.37 -3.07 16.33
CA ALA C 28 -37.26 -3.66 15.00
C ALA C 28 -36.58 -5.04 15.10
N LEU C 29 -35.57 -5.16 15.96
CA LEU C 29 -34.81 -6.39 16.06
C LEU C 29 -35.65 -7.46 16.76
N ARG C 30 -36.32 -7.04 17.83
CA ARG C 30 -37.25 -7.94 18.54
C ARG C 30 -38.30 -8.52 17.56
N LYS C 31 -38.85 -7.70 16.70
CA LYS C 31 -39.87 -8.17 15.79
C LYS C 31 -39.28 -9.09 14.80
N LEU C 32 -38.01 -8.87 14.45
CA LEU C 32 -37.33 -9.75 13.50
C LEU C 32 -36.92 -11.06 14.15
N GLY C 33 -36.98 -11.16 15.47
CA GLY C 33 -36.72 -12.45 16.17
C GLY C 33 -35.27 -12.64 16.59
N TYR C 34 -34.51 -11.56 16.70
CA TYR C 34 -33.15 -11.67 17.13
C TYR C 34 -33.11 -11.65 18.64
N PRO C 35 -32.16 -12.34 19.25
CA PRO C 35 -31.97 -12.24 20.68
C PRO C 35 -31.26 -10.96 21.12
N GLY C 36 -31.01 -10.80 22.41
CA GLY C 36 -30.47 -9.53 22.93
C GLY C 36 -29.10 -9.13 22.40
N ASP C 37 -28.20 -10.10 22.21
CA ASP C 37 -26.86 -9.75 21.70
C ASP C 37 -26.88 -8.96 20.41
N MET C 38 -27.79 -9.26 19.50
CA MET C 38 -27.87 -8.46 18.29
C MET C 38 -28.06 -7.01 18.62
N TYR C 39 -28.90 -6.71 19.62
CA TYR C 39 -29.11 -5.31 20.05
C TYR C 39 -27.90 -4.69 20.76
N GLU C 40 -27.20 -5.41 21.62
CA GLU C 40 -25.96 -4.83 22.19
C GLU C 40 -24.96 -4.42 21.06
N LEU C 41 -24.95 -5.17 19.96
CA LEU C 41 -24.10 -4.76 18.80
C LEU C 41 -24.61 -3.54 18.10
N MET C 42 -25.92 -3.39 17.91
CA MET C 42 -26.46 -2.34 17.08
C MET C 42 -26.69 -1.00 17.82
N LYS C 43 -26.68 -1.01 19.14
CA LYS C 43 -27.19 0.13 19.95
C LYS C 43 -26.19 1.24 20.02
N GLU C 44 -24.90 0.91 19.87
CA GLU C 44 -23.83 1.90 19.76
C GLU C 44 -23.05 1.70 18.40
N PRO C 45 -22.36 2.75 17.94
CA PRO C 45 -21.56 2.42 16.75
C PRO C 45 -20.25 1.63 17.04
N GLN C 46 -19.91 0.89 16.01
CA GLN C 46 -18.68 0.10 15.96
C GLN C 46 -17.47 1.02 16.27
N ARG C 47 -17.39 2.14 15.56
CA ARG C 47 -16.42 3.17 15.84
C ARG C 47 -17.00 4.58 15.98
N MET C 48 -16.43 5.34 16.89
CA MET C 48 -16.77 6.78 17.08
C MET C 48 -15.45 7.53 17.29
N LEU C 49 -15.15 8.48 16.39
CA LEU C 49 -13.91 9.25 16.45
C LEU C 49 -14.26 10.68 16.78
N THR C 50 -13.64 11.24 17.82
CA THR C 50 -13.80 12.70 18.00
C THR C 50 -12.46 13.39 17.84
N VAL C 51 -12.46 14.41 17.02
CA VAL C 51 -11.25 15.10 16.69
C VAL C 51 -11.35 16.60 17.01
N ARG C 52 -10.16 17.16 17.11
CA ARG C 52 -9.87 18.50 17.49
C ARG C 52 -9.07 19.08 16.34
N ILE C 53 -9.58 20.12 15.70
CA ILE C 53 -9.06 20.62 14.45
C ILE C 53 -8.77 22.11 14.58
N PRO C 54 -7.48 22.46 14.59
CA PRO C 54 -7.09 23.87 14.60
C PRO C 54 -7.19 24.49 13.24
N VAL C 55 -7.81 25.65 13.16
CA VAL C 55 -7.97 26.42 11.94
C VAL C 55 -7.62 27.90 12.13
N LYS C 56 -6.78 28.39 11.20
CA LYS C 56 -6.34 29.80 11.16
C LYS C 56 -7.49 30.64 10.67
N MET C 57 -7.97 31.55 11.49
CA MET C 57 -9.12 32.36 11.05
C MET C 57 -8.61 33.62 10.36
N ASP C 58 -9.43 34.20 9.51
CA ASP C 58 -9.12 35.44 8.77
C ASP C 58 -8.55 36.56 9.62
N ASN C 59 -9.01 36.70 10.86
CA ASN C 59 -8.46 37.72 11.77
C ASN C 59 -7.08 37.39 12.36
N GLY C 60 -6.41 36.37 11.85
CA GLY C 60 -5.10 35.98 12.34
C GLY C 60 -5.08 35.05 13.54
N SER C 61 -6.19 34.87 14.25
CA SER C 61 -6.17 33.95 15.40
C SER C 61 -6.31 32.49 14.94
N VAL C 62 -6.12 31.58 15.89
CA VAL C 62 -6.34 30.17 15.66
C VAL C 62 -7.45 29.65 16.55
N LYS C 63 -8.46 29.05 15.94
CA LYS C 63 -9.55 28.41 16.64
C LYS C 63 -9.53 26.86 16.43
N VAL C 64 -9.61 26.17 17.56
CA VAL C 64 -9.70 24.71 17.56
C VAL C 64 -11.16 24.24 17.58
N PHE C 65 -11.65 23.67 16.47
CA PHE C 65 -13.00 23.04 16.36
C PHE C 65 -13.06 21.58 16.83
N THR C 66 -14.24 21.13 17.31
CA THR C 66 -14.48 19.75 17.66
C THR C 66 -15.27 19.08 16.51
N GLY C 67 -14.78 17.92 16.03
CA GLY C 67 -15.29 17.22 14.86
C GLY C 67 -15.63 15.83 15.28
N TYR C 68 -16.63 15.23 14.64
CA TYR C 68 -17.00 13.86 14.96
C TYR C 68 -17.20 13.07 13.71
N ARG C 69 -16.94 11.78 13.82
CA ARG C 69 -17.41 10.86 12.74
C ARG C 69 -17.80 9.56 13.36
N SER C 70 -19.05 9.18 13.17
CA SER C 70 -19.61 7.92 13.70
C SER C 70 -19.82 6.93 12.53
N GLN C 71 -19.38 5.68 12.71
CA GLN C 71 -19.45 4.58 11.73
C GLN C 71 -20.15 3.43 12.48
N HIS C 72 -21.43 3.26 12.17
CA HIS C 72 -22.30 2.47 12.97
C HIS C 72 -22.08 0.99 12.81
N ASN C 73 -22.14 0.53 11.56
CA ASN C 73 -21.96 -0.90 11.32
C ASN C 73 -21.60 -1.13 9.84
N ASP C 74 -20.48 -1.75 9.56
CA ASP C 74 -20.05 -1.98 8.17
C ASP C 74 -20.05 -3.51 7.80
N ALA C 75 -20.85 -4.35 8.45
CA ALA C 75 -21.07 -5.75 8.02
C ALA C 75 -21.46 -5.90 6.53
N VAL C 76 -22.33 -5.05 6.04
CA VAL C 76 -22.81 -5.07 4.71
C VAL C 76 -21.90 -4.33 3.71
N GLY C 77 -21.16 -3.33 4.15
CA GLY C 77 -20.31 -2.61 3.26
C GLY C 77 -19.73 -1.39 3.97
N PRO C 78 -19.14 -0.48 3.19
CA PRO C 78 -18.53 0.66 3.88
C PRO C 78 -19.67 1.52 4.47
N THR C 79 -19.30 2.40 5.41
CA THR C 79 -20.30 3.26 6.02
C THR C 79 -20.55 4.44 5.04
N LYS C 80 -21.78 4.95 5.05
CA LYS C 80 -22.20 6.03 4.15
C LYS C 80 -22.98 7.10 4.92
N GLY C 81 -22.67 8.37 4.75
CA GLY C 81 -23.45 9.43 5.43
C GLY C 81 -22.85 10.83 5.45
N GLY C 82 -23.73 11.82 5.53
CA GLY C 82 -23.38 13.23 5.46
C GLY C 82 -22.69 13.82 6.65
N VAL C 83 -22.13 15.02 6.40
CA VAL C 83 -21.40 15.83 7.41
C VAL C 83 -22.15 17.13 7.65
N ARG C 84 -22.53 17.38 8.91
CA ARG C 84 -23.27 18.63 9.32
C ARG C 84 -22.27 19.62 9.87
N PHE C 85 -22.37 20.89 9.49
CA PHE C 85 -21.75 22.02 10.19
C PHE C 85 -22.84 22.86 10.90
N HIS C 86 -22.85 22.85 12.24
CA HIS C 86 -23.89 23.56 12.99
C HIS C 86 -23.47 23.70 14.41
N PRO C 87 -23.90 24.80 15.09
CA PRO C 87 -23.50 25.00 16.47
C PRO C 87 -24.19 24.08 17.42
N GLU C 88 -25.29 23.47 17.02
CA GLU C 88 -25.97 22.50 17.88
C GLU C 88 -25.55 20.99 17.64
N VAL C 89 -24.63 20.75 16.68
CA VAL C 89 -24.02 19.43 16.54
C VAL C 89 -23.45 18.92 17.87
N ASN C 90 -23.70 17.65 18.18
CA ASN C 90 -23.06 16.95 19.30
C ASN C 90 -22.92 15.43 19.01
N GLU C 91 -22.17 14.76 19.88
CA GLU C 91 -21.78 13.38 19.68
C GLU C 91 -23.00 12.44 19.57
N GLU C 92 -23.93 12.58 20.51
CA GLU C 92 -25.10 11.70 20.57
C GLU C 92 -25.97 11.84 19.33
N LYS C 93 -26.14 13.08 18.87
CA LYS C 93 -26.88 13.34 17.64
C LYS C 93 -26.28 12.63 16.41
N VAL C 94 -24.95 12.72 16.33
CA VAL C 94 -24.19 12.19 15.23
C VAL C 94 -24.27 10.61 15.25
N LYS C 95 -24.09 10.01 16.43
CA LYS C 95 -24.33 8.58 16.61
C LYS C 95 -25.73 8.17 16.17
N ALA C 96 -26.76 8.81 16.77
CA ALA C 96 -28.16 8.57 16.40
C ALA C 96 -28.37 8.63 14.89
N LEU C 97 -27.92 9.69 14.24
CA LEU C 97 -28.15 9.87 12.82
C LEU C 97 -27.39 8.80 12.00
N SER C 98 -26.25 8.34 12.50
CA SER C 98 -25.55 7.27 11.80
C SER C 98 -26.40 6.00 11.85
N ILE C 99 -27.04 5.73 13.01
CA ILE C 99 -27.99 4.63 13.08
C ILE C 99 -29.16 4.82 12.06
N TRP C 100 -29.65 6.06 11.93
CA TRP C 100 -30.69 6.38 10.96
C TRP C 100 -30.25 6.09 9.51
N MET C 101 -29.00 6.43 9.20
CA MET C 101 -28.41 6.09 7.91
C MET C 101 -28.44 4.59 7.65
N THR C 102 -28.09 3.81 8.67
CA THR C 102 -28.12 2.34 8.53
C THR C 102 -29.49 1.90 8.08
N LEU C 103 -30.57 2.49 8.63
CA LEU C 103 -31.93 2.07 8.26
C LEU C 103 -32.25 2.51 6.84
N LYS C 104 -31.85 3.69 6.47
CA LYS C 104 -32.04 4.13 5.10
C LYS C 104 -31.36 3.22 4.06
N CYS C 105 -30.12 2.85 4.33
CA CYS C 105 -29.32 1.94 3.53
C CYS C 105 -30.01 0.59 3.35
N GLY C 106 -30.41 0.00 4.47
CA GLY C 106 -31.21 -1.20 4.48
C GLY C 106 -32.47 -1.07 3.62
N ILE C 107 -33.10 0.12 3.66
CA ILE C 107 -34.40 0.26 3.08
C ILE C 107 -34.26 0.27 1.56
N ALA C 108 -33.22 0.97 1.04
CA ALA C 108 -32.91 0.94 -0.43
C ALA C 108 -32.02 -0.21 -0.86
N ASN C 109 -31.72 -1.11 0.06
CA ASN C 109 -30.88 -2.27 -0.23
C ASN C 109 -29.50 -1.86 -0.77
N LEU C 110 -28.93 -0.84 -0.16
CA LEU C 110 -27.68 -0.35 -0.61
C LEU C 110 -26.59 -1.22 0.04
N PRO C 111 -25.46 -1.44 -0.66
CA PRO C 111 -24.32 -2.23 -0.09
C PRO C 111 -23.49 -1.39 0.93
N TYR C 112 -24.16 -0.83 1.93
CA TYR C 112 -23.58 0.13 2.80
C TYR C 112 -24.09 -0.09 4.21
N GLY C 113 -23.35 0.41 5.16
CA GLY C 113 -23.84 0.64 6.49
C GLY C 113 -23.91 2.14 6.71
N GLY C 114 -24.41 2.53 7.88
CA GLY C 114 -24.59 3.95 8.20
C GLY C 114 -23.38 4.65 8.81
N GLY C 115 -23.05 5.80 8.26
CA GLY C 115 -22.08 6.69 8.85
C GLY C 115 -22.60 8.12 8.89
N LYS C 116 -22.01 8.94 9.75
CA LYS C 116 -22.40 10.35 9.89
C LYS C 116 -21.34 11.15 10.59
N GLY C 117 -21.23 12.45 10.20
CA GLY C 117 -20.29 13.35 10.78
C GLY C 117 -20.84 14.74 11.12
N GLY C 118 -20.09 15.45 11.95
CA GLY C 118 -20.45 16.81 12.29
C GLY C 118 -19.28 17.62 12.82
N ILE C 119 -19.31 18.93 12.53
CA ILE C 119 -18.41 19.88 13.22
C ILE C 119 -19.26 20.90 13.94
N ILE C 120 -18.94 21.15 15.21
CA ILE C 120 -19.55 22.19 16.04
C ILE C 120 -18.95 23.54 15.62
N CYS C 121 -19.72 24.29 14.85
CA CYS C 121 -19.26 25.54 14.26
C CYS C 121 -20.48 26.29 13.75
N ASP C 122 -20.32 27.54 13.37
CA ASP C 122 -21.45 28.31 12.80
C ASP C 122 -21.06 28.82 11.44
N PRO C 123 -21.35 28.03 10.41
CA PRO C 123 -20.88 28.46 9.10
C PRO C 123 -21.36 29.87 8.71
N ARG C 124 -22.49 30.29 9.31
CA ARG C 124 -23.12 31.58 8.93
C ARG C 124 -22.29 32.80 9.34
N THR C 125 -21.39 32.64 10.29
CA THR C 125 -20.50 33.70 10.70
C THR C 125 -19.07 33.50 10.27
N MET C 126 -18.83 32.60 9.32
CA MET C 126 -17.48 32.24 8.82
C MET C 126 -17.38 32.61 7.35
N SER C 127 -16.20 33.00 6.88
CA SER C 127 -15.95 33.19 5.44
C SER C 127 -15.74 31.87 4.67
N PHE C 128 -15.84 31.99 3.35
CA PHE C 128 -15.53 30.94 2.39
C PHE C 128 -14.19 30.31 2.67
N GLY C 129 -13.17 31.13 2.89
CA GLY C 129 -11.86 30.64 3.17
C GLY C 129 -11.78 29.88 4.48
N GLU C 130 -12.38 30.43 5.54
CA GLU C 130 -12.40 29.71 6.82
C GLU C 130 -13.09 28.33 6.68
N LEU C 131 -14.18 28.30 5.93
CA LEU C 131 -14.93 27.09 5.64
C LEU C 131 -14.09 26.07 4.83
N GLU C 132 -13.32 26.52 3.84
CA GLU C 132 -12.38 25.61 3.15
C GLU C 132 -11.29 25.09 4.06
N ARG C 133 -10.77 25.95 4.90
CA ARG C 133 -9.71 25.51 5.79
C ARG C 133 -10.25 24.54 6.80
N LEU C 134 -11.45 24.77 7.26
CA LEU C 134 -12.09 23.84 8.24
C LEU C 134 -12.34 22.46 7.54
N SER C 135 -12.79 22.53 6.30
CA SER C 135 -13.18 21.37 5.51
C SER C 135 -11.97 20.46 5.29
N ARG C 136 -10.84 21.09 4.95
CA ARG C 136 -9.59 20.39 4.77
C ARG C 136 -9.05 19.80 6.08
N GLY C 137 -9.06 20.59 7.17
CA GLY C 137 -8.69 20.10 8.52
C GLY C 137 -9.46 18.88 8.98
N TYR C 138 -10.75 18.87 8.74
CA TYR C 138 -11.59 17.72 9.07
C TYR C 138 -11.10 16.43 8.36
N VAL C 139 -10.84 16.53 7.06
CA VAL C 139 -10.40 15.39 6.27
C VAL C 139 -9.01 14.91 6.78
N ARG C 140 -8.06 15.83 6.91
CA ARG C 140 -6.75 15.52 7.54
C ARG C 140 -6.89 14.87 8.96
N ALA C 141 -7.92 15.22 9.71
CA ALA C 141 -8.09 14.72 11.09
C ALA C 141 -8.62 13.28 11.07
N ILE C 142 -9.49 12.98 10.08
CA ILE C 142 -10.17 11.68 9.98
C ILE C 142 -9.70 10.73 8.84
N SER C 143 -8.80 11.21 7.99
CA SER C 143 -8.26 10.45 6.81
C SER C 143 -8.00 8.95 7.09
N GLN C 144 -7.42 8.61 8.27
CA GLN C 144 -7.04 7.25 8.61
C GLN C 144 -8.19 6.20 8.60
N ILE C 145 -9.43 6.65 8.73
CA ILE C 145 -10.56 5.71 8.84
C ILE C 145 -11.67 5.90 7.84
N VAL C 146 -11.43 6.78 6.86
CA VAL C 146 -12.40 7.06 5.81
C VAL C 146 -11.78 6.88 4.40
N GLY C 147 -12.65 6.81 3.40
CA GLY C 147 -12.25 6.67 2.00
C GLY C 147 -13.28 5.84 1.25
N PRO C 148 -13.06 5.61 -0.06
CA PRO C 148 -14.01 4.91 -0.93
C PRO C 148 -14.41 3.49 -0.59
N THR C 149 -13.57 2.75 0.12
CA THR C 149 -13.86 1.37 0.51
C THR C 149 -14.23 1.27 2.00
N LYS C 150 -14.13 2.39 2.73
CA LYS C 150 -14.32 2.44 4.19
C LYS C 150 -15.57 3.21 4.68
N ASP C 151 -15.65 4.48 4.27
CA ASP C 151 -16.59 5.45 4.84
C ASP C 151 -16.65 6.62 3.91
N ILE C 152 -17.84 6.85 3.33
CA ILE C 152 -18.04 7.80 2.28
C ILE C 152 -19.03 8.97 2.68
N PRO C 153 -18.52 10.18 2.89
CA PRO C 153 -19.46 11.20 3.35
C PRO C 153 -20.30 11.79 2.21
N ALA C 154 -20.99 12.92 2.55
CA ALA C 154 -22.00 13.56 1.74
C ALA C 154 -22.39 14.93 2.38
N PRO C 155 -23.07 15.81 1.63
CA PRO C 155 -23.57 17.06 2.22
C PRO C 155 -24.67 16.81 3.23
N ASP C 156 -24.87 17.77 4.08
CA ASP C 156 -25.90 17.66 5.10
C ASP C 156 -26.20 19.11 5.48
N VAL C 157 -26.57 19.37 6.74
CA VAL C 157 -26.92 20.75 7.13
C VAL C 157 -25.74 21.65 6.95
N TYR C 158 -25.94 22.67 6.10
CA TYR C 158 -24.92 23.70 5.82
C TYR C 158 -23.61 23.15 5.28
N THR C 159 -23.66 22.04 4.57
CA THR C 159 -22.52 21.67 3.70
C THR C 159 -23.16 21.46 2.38
N ASN C 160 -22.39 21.59 1.33
CA ASN C 160 -22.89 21.53 0.01
C ASN C 160 -21.79 20.99 -0.92
N SER C 161 -22.03 21.07 -2.23
CA SER C 161 -21.17 20.44 -3.18
C SER C 161 -19.78 21.07 -3.18
N GLN C 162 -19.72 22.31 -2.73
CA GLN C 162 -18.46 23.02 -2.70
C GLN C 162 -17.60 22.50 -1.54
N ILE C 163 -18.22 22.27 -0.39
CA ILE C 163 -17.54 21.62 0.74
C ILE C 163 -17.07 20.22 0.28
N MET C 164 -17.90 19.53 -0.47
CA MET C 164 -17.54 18.18 -0.96
C MET C 164 -16.34 18.26 -1.89
N ALA C 165 -16.28 19.31 -2.72
CA ALA C 165 -15.19 19.50 -3.66
C ALA C 165 -13.90 19.73 -2.91
N TRP C 166 -13.96 20.54 -1.87
CA TRP C 166 -12.73 20.80 -1.10
C TRP C 166 -12.26 19.59 -0.28
N MET C 167 -13.24 18.87 0.26
CA MET C 167 -12.94 17.64 0.96
C MET C 167 -12.33 16.55 0.00
N MET C 168 -12.88 16.40 -1.21
CA MET C 168 -12.35 15.46 -2.22
C MET C 168 -10.96 15.79 -2.62
N ASP C 169 -10.69 17.07 -2.83
CA ASP C 169 -9.36 17.55 -3.20
C ASP C 169 -8.34 17.21 -2.11
N GLU C 170 -8.72 17.43 -0.85
CA GLU C 170 -7.73 17.31 0.21
C GLU C 170 -7.40 15.82 0.28
N TYR C 171 -8.47 14.99 0.19
CA TYR C 171 -8.27 13.54 0.37
C TYR C 171 -7.36 13.04 -0.75
N SER C 172 -7.61 13.52 -1.97
CA SER C 172 -6.88 13.05 -3.13
C SER C 172 -5.39 13.40 -3.05
N ARG C 173 -5.08 14.57 -2.47
CA ARG C 173 -3.71 14.97 -2.21
C ARG C 173 -3.09 14.14 -1.16
N LEU C 174 -3.83 13.68 -0.17
CA LEU C 174 -3.24 12.83 0.86
C LEU C 174 -2.80 11.50 0.23
N ARG C 175 -3.60 11.02 -0.74
CA ARG C 175 -3.37 9.74 -1.34
C ARG C 175 -2.54 9.83 -2.64
N GLU C 176 -2.30 11.02 -3.23
CA GLU C 176 -1.53 11.10 -4.49
C GLU C 176 -2.26 10.57 -5.75
N PHE C 177 -3.58 10.42 -5.67
CA PHE C 177 -4.37 10.11 -6.85
C PHE C 177 -5.77 10.60 -6.61
N ASP C 178 -6.48 10.99 -7.68
CA ASP C 178 -7.86 11.47 -7.58
C ASP C 178 -8.71 10.40 -6.97
N SER C 179 -9.49 10.79 -5.96
CA SER C 179 -10.32 9.86 -5.19
C SER C 179 -11.77 10.30 -5.10
N PRO C 180 -12.47 10.41 -6.21
CA PRO C 180 -13.82 10.91 -6.19
C PRO C 180 -14.83 10.12 -5.35
N GLY C 181 -14.61 8.81 -5.24
CA GLY C 181 -15.47 7.92 -4.51
C GLY C 181 -15.30 8.08 -2.99
N PHE C 182 -14.42 8.95 -2.57
CA PHE C 182 -14.34 9.26 -1.14
C PHE C 182 -15.62 9.85 -0.63
N ILE C 183 -16.35 10.63 -1.44
CA ILE C 183 -17.35 11.54 -0.93
C ILE C 183 -18.36 11.88 -2.04
N THR C 184 -19.66 11.81 -1.73
CA THR C 184 -20.65 12.09 -2.78
C THR C 184 -21.22 13.54 -2.71
N GLY C 185 -22.17 13.84 -3.61
CA GLY C 185 -22.71 15.22 -3.73
C GLY C 185 -21.67 16.17 -4.29
N LYS C 186 -20.72 15.63 -5.05
CA LYS C 186 -19.74 16.41 -5.75
C LYS C 186 -20.36 17.18 -6.92
N PRO C 187 -19.70 18.25 -7.41
CA PRO C 187 -20.08 18.82 -8.71
C PRO C 187 -19.85 17.83 -9.83
N LEU C 188 -20.71 17.90 -10.84
CA LEU C 188 -20.62 17.08 -12.03
C LEU C 188 -19.21 16.95 -12.61
N VAL C 189 -18.49 18.03 -12.81
CA VAL C 189 -17.10 17.97 -13.30
C VAL C 189 -16.04 17.28 -12.40
N LEU C 190 -16.35 17.06 -11.12
CA LEU C 190 -15.50 16.27 -10.23
C LEU C 190 -16.02 14.86 -10.02
N GLY C 191 -16.92 14.34 -10.86
CA GLY C 191 -17.48 12.99 -10.68
C GLY C 191 -18.85 12.90 -9.99
N GLY C 192 -19.57 14.01 -9.88
CA GLY C 192 -20.96 13.94 -9.42
C GLY C 192 -21.92 13.22 -10.36
N SER C 193 -23.15 13.03 -9.94
CA SER C 193 -24.10 12.25 -10.70
C SER C 193 -25.19 13.16 -11.26
N GLN C 194 -25.69 12.86 -12.45
CA GLN C 194 -26.96 13.40 -12.91
C GLN C 194 -28.08 12.91 -11.97
N GLY C 195 -29.20 13.62 -11.93
CA GLY C 195 -30.37 13.14 -11.25
C GLY C 195 -30.45 13.53 -9.79
N ARG C 196 -29.48 14.25 -9.28
CA ARG C 196 -29.42 14.49 -7.85
C ARG C 196 -30.51 15.47 -7.38
N GLU C 197 -30.83 16.43 -8.25
CA GLU C 197 -31.69 17.55 -7.85
C GLU C 197 -33.11 17.14 -7.50
N THR C 198 -33.69 16.26 -8.30
CA THR C 198 -35.06 15.80 -8.08
C THR C 198 -35.14 14.34 -7.54
N ALA C 199 -34.03 13.80 -7.04
CA ALA C 199 -33.99 12.40 -6.56
C ALA C 199 -35.04 12.11 -5.51
N THR C 200 -35.11 12.95 -4.46
CA THR C 200 -36.02 12.73 -3.34
C THR C 200 -37.48 12.84 -3.75
N ALA C 201 -37.80 13.86 -4.55
CA ALA C 201 -39.17 14.10 -5.06
C ALA C 201 -39.62 13.00 -6.01
N GLN C 202 -38.75 12.59 -6.94
CA GLN C 202 -39.02 11.43 -7.82
C GLN C 202 -39.38 10.23 -6.95
N GLY C 203 -38.57 9.93 -5.94
CA GLY C 203 -38.83 8.80 -5.03
C GLY C 203 -40.22 8.84 -4.44
N VAL C 204 -40.62 10.02 -3.98
CA VAL C 204 -41.96 10.21 -3.45
C VAL C 204 -43.09 9.91 -4.48
N THR C 205 -42.92 10.28 -5.73
CA THR C 205 -43.96 10.10 -6.72
C THR C 205 -44.15 8.62 -7.07
N ILE C 206 -43.05 7.83 -7.06
CA ILE C 206 -43.09 6.40 -7.32
C ILE C 206 -43.82 5.68 -6.18
N CYS C 207 -43.63 6.18 -4.95
CA CYS C 207 -44.39 5.66 -3.80
C CYS C 207 -45.91 5.95 -3.94
N ILE C 208 -46.25 7.15 -4.40
CA ILE C 208 -47.64 7.38 -4.81
C ILE C 208 -48.09 6.32 -5.89
N GLU C 209 -47.37 6.17 -6.99
CA GLU C 209 -47.86 5.26 -8.02
C GLU C 209 -48.09 3.86 -7.49
N GLU C 210 -47.25 3.41 -6.59
CA GLU C 210 -47.35 2.05 -6.12
C GLU C 210 -48.43 1.95 -5.05
N ALA C 211 -48.58 3.00 -4.26
CA ALA C 211 -49.58 2.99 -3.19
C ALA C 211 -51.02 2.86 -3.77
N VAL C 212 -51.21 3.57 -4.88
CA VAL C 212 -52.43 3.53 -5.66
C VAL C 212 -52.57 2.15 -6.30
N LYS C 213 -51.51 1.53 -6.80
CA LYS C 213 -51.71 0.19 -7.36
C LYS C 213 -52.29 -0.80 -6.34
N LYS C 214 -52.09 -0.57 -5.04
CA LYS C 214 -52.55 -1.52 -3.98
C LYS C 214 -53.91 -1.17 -3.41
N LYS C 215 -54.45 -0.06 -3.87
CA LYS C 215 -55.80 0.35 -3.50
C LYS C 215 -56.68 0.36 -4.77
N GLY C 216 -56.31 -0.43 -5.78
CA GLY C 216 -57.09 -0.58 -7.01
C GLY C 216 -57.34 0.67 -7.83
N ILE C 217 -57.07 1.84 -7.24
CA ILE C 217 -57.20 3.13 -7.93
C ILE C 217 -56.23 3.20 -9.11
N LYS C 218 -56.67 3.91 -10.15
CA LYS C 218 -55.81 4.22 -11.29
C LYS C 218 -55.20 5.58 -11.02
N LEU C 219 -53.89 5.70 -11.28
CA LEU C 219 -53.20 6.98 -11.21
C LEU C 219 -54.09 8.09 -11.80
N GLN C 220 -54.57 7.88 -13.05
CA GLN C 220 -55.33 8.92 -13.82
C GLN C 220 -56.54 9.49 -13.06
N ASN C 221 -57.19 8.61 -12.29
CA ASN C 221 -58.45 8.88 -11.58
C ASN C 221 -58.28 9.20 -10.07
N ALA C 222 -57.05 9.20 -9.58
CA ALA C 222 -56.82 9.41 -8.16
C ALA C 222 -56.98 10.90 -7.89
N ARG C 223 -57.51 11.22 -6.71
CA ARG C 223 -57.78 12.59 -6.33
C ARG C 223 -56.90 12.86 -5.14
N ILE C 224 -56.17 13.96 -5.16
CA ILE C 224 -55.05 14.10 -4.21
C ILE C 224 -54.90 15.47 -3.57
N ILE C 225 -54.54 15.49 -2.29
CA ILE C 225 -54.21 16.73 -1.58
C ILE C 225 -52.76 16.72 -1.06
N ILE C 226 -52.11 17.88 -1.12
CA ILE C 226 -50.69 18.02 -0.84
C ILE C 226 -50.44 19.23 0.02
N GLN C 227 -50.20 19.04 1.31
CA GLN C 227 -49.96 20.16 2.23
C GLN C 227 -48.53 20.70 2.12
N GLY C 228 -48.35 21.90 1.56
CA GLY C 228 -47.02 22.51 1.40
C GLY C 228 -46.79 22.81 -0.07
N PHE C 229 -46.18 23.96 -0.37
CA PHE C 229 -45.99 24.39 -1.78
C PHE C 229 -44.59 24.98 -2.08
N GLY C 230 -43.64 24.72 -1.18
CA GLY C 230 -42.22 24.86 -1.50
C GLY C 230 -41.81 23.90 -2.59
N ASN C 231 -40.50 23.74 -2.76
CA ASN C 231 -39.98 22.93 -3.86
C ASN C 231 -40.59 21.54 -3.85
N ALA C 232 -40.69 20.98 -2.66
CA ALA C 232 -41.25 19.64 -2.50
C ALA C 232 -42.69 19.53 -3.03
N GLY C 233 -43.59 20.33 -2.45
CA GLY C 233 -45.03 20.26 -2.75
C GLY C 233 -45.37 20.53 -4.20
N SER C 234 -44.72 21.56 -4.76
CA SER C 234 -44.88 21.98 -6.15
C SER C 234 -44.57 20.87 -7.14
N PHE C 235 -43.42 20.23 -6.93
CA PHE C 235 -42.99 19.13 -7.80
C PHE C 235 -44.11 18.10 -7.86
N LEU C 236 -44.54 17.71 -6.68
CA LEU C 236 -45.60 16.76 -6.53
C LEU C 236 -46.91 17.12 -7.29
N ALA C 237 -47.33 18.38 -7.19
CA ALA C 237 -48.57 18.81 -7.85
C ALA C 237 -48.41 18.71 -9.36
N LYS C 238 -47.32 19.31 -9.83
CA LYS C 238 -46.94 19.19 -11.22
C LYS C 238 -47.06 17.74 -11.69
N PHE C 239 -46.36 16.83 -11.02
CA PHE C 239 -46.34 15.45 -11.46
C PHE C 239 -47.76 14.88 -11.59
N MET C 240 -48.52 15.04 -10.52
CA MET C 240 -49.85 14.47 -10.42
C MET C 240 -50.80 15.02 -11.51
N HIS C 241 -50.85 16.35 -11.61
CA HIS C 241 -51.51 17.00 -12.74
C HIS C 241 -51.15 16.29 -14.04
N ASP C 242 -49.88 16.35 -14.42
CA ASP C 242 -49.47 15.83 -15.71
C ASP C 242 -49.91 14.38 -15.91
N ALA C 243 -50.06 13.62 -14.84
CA ALA C 243 -50.43 12.21 -14.93
C ALA C 243 -51.91 11.98 -15.26
N GLY C 244 -52.71 12.99 -14.89
CA GLY C 244 -54.14 12.97 -15.11
C GLY C 244 -54.85 13.40 -13.84
N ALA C 245 -54.35 12.95 -12.70
CA ALA C 245 -55.06 13.06 -11.43
C ALA C 245 -55.50 14.47 -11.06
N LYS C 246 -56.60 14.55 -10.31
CA LYS C 246 -57.15 15.83 -9.89
C LYS C 246 -56.47 16.24 -8.61
N VAL C 247 -55.75 17.35 -8.63
CA VAL C 247 -55.02 17.80 -7.43
C VAL C 247 -55.92 18.75 -6.65
N ILE C 248 -56.73 18.18 -5.77
CA ILE C 248 -57.65 18.99 -4.95
C ILE C 248 -56.90 19.90 -3.94
N GLY C 249 -56.72 19.49 -2.69
CA GLY C 249 -56.12 20.38 -1.69
C GLY C 249 -54.70 20.84 -2.00
N ILE C 250 -54.32 22.02 -1.52
CA ILE C 250 -52.96 22.56 -1.66
C ILE C 250 -52.70 23.61 -0.60
N SER C 251 -51.88 23.28 0.38
CA SER C 251 -51.65 24.16 1.51
C SER C 251 -50.34 24.96 1.35
N ASP C 252 -50.13 25.91 2.25
CA ASP C 252 -48.84 26.58 2.41
C ASP C 252 -48.79 27.18 3.82
N ALA C 253 -47.74 27.93 4.13
CA ALA C 253 -47.64 28.59 5.44
C ALA C 253 -49.01 29.14 5.88
N ASN C 254 -49.66 29.89 4.99
CA ASN C 254 -50.89 30.61 5.33
C ASN C 254 -52.15 29.76 5.35
N GLY C 255 -52.40 28.95 4.34
CA GLY C 255 -53.62 28.14 4.35
C GLY C 255 -53.82 27.35 3.08
N GLY C 256 -55.02 26.78 2.89
CA GLY C 256 -55.23 25.79 1.84
C GLY C 256 -56.49 25.88 0.98
N LEU C 257 -56.26 25.87 -0.33
CA LEU C 257 -57.35 25.75 -1.28
C LEU C 257 -57.99 24.37 -1.22
N TYR C 258 -59.20 24.28 -1.73
CA TYR C 258 -59.87 23.01 -1.91
C TYR C 258 -60.78 23.12 -3.15
N ASN C 259 -61.26 21.98 -3.63
CA ASN C 259 -62.20 21.94 -4.73
C ASN C 259 -62.44 20.50 -5.05
N PRO C 260 -63.60 19.95 -4.71
CA PRO C 260 -63.93 18.57 -5.07
C PRO C 260 -63.33 18.09 -6.40
N ASP C 261 -63.35 18.94 -7.42
CA ASP C 261 -62.69 18.65 -8.70
C ASP C 261 -61.34 19.41 -8.84
N GLY C 262 -60.53 19.01 -9.82
CA GLY C 262 -59.15 19.51 -9.92
C GLY C 262 -58.98 21.03 -9.88
N LEU C 263 -58.22 21.52 -8.89
CA LEU C 263 -57.62 22.84 -8.98
C LEU C 263 -56.83 22.95 -10.28
N ASP C 264 -56.68 24.18 -10.79
CA ASP C 264 -55.83 24.42 -11.96
C ASP C 264 -54.40 24.59 -11.42
N ILE C 265 -53.57 23.58 -11.66
CA ILE C 265 -52.21 23.58 -11.16
C ILE C 265 -51.33 24.58 -11.92
N PRO C 266 -51.40 24.58 -13.26
CA PRO C 266 -50.59 25.53 -14.04
C PRO C 266 -50.70 26.99 -13.57
N TYR C 267 -51.91 27.39 -13.17
CA TYR C 267 -52.16 28.76 -12.71
C TYR C 267 -51.23 29.06 -11.54
N LEU C 268 -51.35 28.26 -10.48
CA LEU C 268 -50.64 28.56 -9.23
C LEU C 268 -49.13 28.40 -9.37
N LEU C 269 -48.70 27.33 -10.05
CA LEU C 269 -47.28 27.07 -10.37
C LEU C 269 -46.54 28.31 -10.88
N ASP C 270 -47.15 28.99 -11.85
CA ASP C 270 -46.58 30.21 -12.43
C ASP C 270 -46.58 31.38 -11.43
N LYS C 271 -47.76 31.74 -10.95
CA LYS C 271 -47.90 32.89 -10.03
C LYS C 271 -47.61 32.50 -8.57
N ARG C 272 -46.86 31.41 -8.39
CA ARG C 272 -46.24 31.08 -7.10
C ARG C 272 -45.31 32.19 -6.68
N ASP C 273 -45.26 32.44 -5.38
CA ASP C 273 -44.21 33.25 -4.78
C ASP C 273 -42.91 32.45 -4.87
N SER C 274 -41.78 33.18 -4.90
CA SER C 274 -40.45 32.58 -4.78
C SER C 274 -40.45 31.60 -3.63
N PHE C 275 -40.83 32.07 -2.44
CA PHE C 275 -40.72 31.30 -1.19
C PHE C 275 -41.92 30.36 -0.92
N GLY C 276 -42.54 29.86 -2.00
CA GLY C 276 -43.65 28.90 -1.91
C GLY C 276 -44.90 29.43 -1.24
N MET C 277 -45.37 30.58 -1.71
CA MET C 277 -46.54 31.23 -1.14
C MET C 277 -47.56 31.56 -2.25
N VAL C 278 -48.74 30.96 -2.13
CA VAL C 278 -49.91 31.38 -2.90
C VAL C 278 -51.03 31.42 -1.83
N THR C 279 -52.27 31.06 -2.15
CA THR C 279 -53.43 31.16 -1.21
C THR C 279 -53.70 32.58 -0.65
N ASN C 280 -52.74 33.12 0.12
CA ASN C 280 -52.76 34.53 0.58
C ASN C 280 -53.15 35.55 -0.50
N LEU C 281 -53.16 35.14 -1.78
CA LEU C 281 -53.87 35.85 -2.86
C LEU C 281 -54.89 34.95 -3.54
N PHE C 282 -56.06 34.84 -2.90
CA PHE C 282 -57.18 34.06 -3.40
C PHE C 282 -58.46 34.36 -2.60
N THR C 283 -59.59 33.88 -3.13
CA THR C 283 -60.91 34.02 -2.52
C THR C 283 -61.06 33.27 -1.16
N ASP C 284 -61.92 32.24 -1.06
CA ASP C 284 -62.15 31.50 0.22
C ASP C 284 -61.00 30.48 0.45
N VAL C 285 -60.63 30.26 1.72
CA VAL C 285 -59.40 29.53 2.05
C VAL C 285 -59.37 29.00 3.48
N ILE C 286 -59.57 27.68 3.61
CA ILE C 286 -59.53 26.98 4.91
C ILE C 286 -58.12 26.92 5.54
N THR C 287 -58.05 26.60 6.83
CA THR C 287 -56.74 26.37 7.51
C THR C 287 -56.18 24.96 7.23
N ASN C 288 -54.88 24.80 7.54
CA ASN C 288 -54.22 23.51 7.37
C ASN C 288 -55.05 22.38 7.97
N GLU C 289 -55.43 22.52 9.24
CA GLU C 289 -56.14 21.46 10.02
C GLU C 289 -57.41 20.93 9.33
N GLU C 290 -58.12 21.83 8.66
CA GLU C 290 -59.33 21.48 7.91
C GLU C 290 -58.97 20.80 6.62
N LEU C 291 -57.96 21.32 5.93
CA LEU C 291 -57.46 20.68 4.71
C LEU C 291 -57.15 19.20 4.96
N LEU C 292 -56.53 18.89 6.11
CA LEU C 292 -56.11 17.52 6.47
C LEU C 292 -57.31 16.57 6.60
N GLU C 293 -58.45 17.13 7.02
CA GLU C 293 -59.68 16.35 7.29
C GLU C 293 -60.64 16.21 6.09
N LYS C 294 -60.31 16.85 4.97
CA LYS C 294 -61.14 16.80 3.76
C LYS C 294 -61.22 15.40 3.15
N ASP C 295 -61.93 15.27 2.03
CA ASP C 295 -62.06 13.95 1.37
C ASP C 295 -61.18 13.88 0.11
N CYS C 296 -60.65 12.67 -0.15
CA CYS C 296 -59.62 12.37 -1.19
C CYS C 296 -59.16 10.93 -1.09
N ASP C 297 -58.42 10.48 -2.09
CA ASP C 297 -57.73 9.19 -2.02
C ASP C 297 -56.41 9.28 -1.23
N ILE C 298 -55.61 10.31 -1.54
CA ILE C 298 -54.21 10.45 -1.08
C ILE C 298 -53.98 11.76 -0.32
N LEU C 299 -53.35 11.70 0.84
CA LEU C 299 -52.93 12.91 1.54
C LEU C 299 -51.40 12.88 1.62
N VAL C 300 -50.76 13.98 1.26
CA VAL C 300 -49.33 14.10 1.38
C VAL C 300 -48.99 15.25 2.28
N PRO C 301 -48.82 15.01 3.57
CA PRO C 301 -48.39 16.13 4.39
C PRO C 301 -46.92 16.50 4.18
N ALA C 302 -46.55 17.09 3.04
CA ALA C 302 -45.24 17.78 2.90
C ALA C 302 -45.08 18.80 4.07
N ALA C 303 -43.95 19.52 4.12
CA ALA C 303 -43.71 20.54 5.15
C ALA C 303 -43.25 20.04 6.57
N ILE C 304 -44.14 20.02 7.58
CA ILE C 304 -43.71 20.07 8.99
C ILE C 304 -44.25 18.95 9.88
N SER C 305 -44.00 19.08 11.19
CA SER C 305 -44.11 18.01 12.16
C SER C 305 -45.47 17.93 12.89
N ASN C 306 -45.83 16.71 13.28
CA ASN C 306 -47.03 16.43 14.09
C ASN C 306 -48.31 17.04 13.50
N GLN C 307 -48.39 17.07 12.18
CA GLN C 307 -49.60 17.52 11.51
C GLN C 307 -50.77 16.58 11.81
N ILE C 308 -50.48 15.29 12.00
CA ILE C 308 -51.50 14.30 12.29
C ILE C 308 -51.26 13.70 13.67
N THR C 309 -52.19 13.96 14.58
CA THR C 309 -52.08 13.65 16.01
C THR C 309 -53.16 12.63 16.41
N ALA C 310 -53.18 12.29 17.68
CA ALA C 310 -54.31 11.57 18.28
C ALA C 310 -55.66 12.23 17.95
N LYS C 311 -55.71 13.56 18.03
CA LYS C 311 -56.90 14.32 17.63
C LYS C 311 -57.29 14.04 16.16
N ASN C 312 -56.67 14.77 15.22
CA ASN C 312 -56.88 14.60 13.76
C ASN C 312 -57.16 13.19 13.20
N ALA C 313 -56.59 12.18 13.84
CA ALA C 313 -56.42 10.84 13.29
C ALA C 313 -57.69 10.17 12.72
N HIS C 314 -58.76 10.14 13.50
CA HIS C 314 -60.02 9.52 13.05
C HIS C 314 -60.70 10.29 11.93
N ASN C 315 -60.34 11.57 11.76
CA ASN C 315 -60.92 12.45 10.71
C ASN C 315 -60.28 12.42 9.30
N ILE C 316 -59.10 11.80 9.14
CA ILE C 316 -58.46 11.65 7.81
C ILE C 316 -59.30 10.69 6.95
N GLN C 317 -59.61 11.12 5.72
CA GLN C 317 -60.45 10.35 4.79
C GLN C 317 -59.66 9.66 3.69
N ALA C 318 -58.35 9.95 3.62
CA ALA C 318 -57.46 9.38 2.59
C ALA C 318 -57.38 7.92 2.81
N SER C 319 -57.44 7.14 1.73
CA SER C 319 -57.12 5.72 1.83
C SER C 319 -55.56 5.47 1.84
N ILE C 320 -54.77 6.54 1.54
CA ILE C 320 -53.32 6.50 1.35
C ILE C 320 -52.75 7.80 1.96
N VAL C 321 -51.86 7.69 2.95
CA VAL C 321 -51.13 8.87 3.45
C VAL C 321 -49.61 8.76 3.18
N VAL C 322 -49.08 9.60 2.28
CA VAL C 322 -47.68 9.53 1.88
C VAL C 322 -46.87 10.64 2.53
N GLU C 323 -46.11 10.30 3.56
CA GLU C 323 -45.27 11.27 4.26
C GLU C 323 -44.10 11.68 3.39
N ARG C 324 -43.82 12.96 3.36
CA ARG C 324 -42.72 13.45 2.57
C ARG C 324 -41.61 13.98 3.50
N ALA C 325 -41.92 15.04 4.23
CA ALA C 325 -40.99 15.58 5.21
C ALA C 325 -41.01 14.69 6.43
N ASN C 326 -40.07 14.90 7.34
CA ASN C 326 -39.98 14.06 8.53
C ASN C 326 -40.84 14.51 9.74
N GLY C 327 -41.53 13.53 10.31
CA GLY C 327 -42.22 13.66 11.59
C GLY C 327 -43.66 14.15 11.57
N PRO C 328 -44.32 14.11 10.38
CA PRO C 328 -45.63 14.74 10.30
C PRO C 328 -46.75 13.99 11.03
N THR C 329 -46.45 12.84 11.64
CA THR C 329 -47.49 11.95 12.17
C THR C 329 -46.96 11.25 13.41
N THR C 330 -47.72 11.32 14.50
CA THR C 330 -47.25 10.83 15.80
C THR C 330 -47.32 9.31 15.84
N ILE C 331 -46.77 8.73 16.90
CA ILE C 331 -46.77 7.30 17.07
C ILE C 331 -48.20 6.81 17.19
N ASP C 332 -48.97 7.53 17.99
CA ASP C 332 -50.38 7.20 18.20
C ASP C 332 -51.22 7.43 16.94
N ALA C 333 -50.97 8.53 16.25
CA ALA C 333 -51.67 8.77 15.01
C ALA C 333 -51.49 7.57 14.08
N THR C 334 -50.25 7.10 13.97
CA THR C 334 -49.86 5.97 13.07
C THR C 334 -50.53 4.65 13.42
N LYS C 335 -50.72 4.43 14.72
CA LYS C 335 -51.57 3.35 15.22
C LYS C 335 -53.04 3.53 14.73
N ILE C 336 -53.63 4.71 15.01
CA ILE C 336 -55.02 4.96 14.63
C ILE C 336 -55.26 4.72 13.13
N LEU C 337 -54.29 5.15 12.31
CA LEU C 337 -54.41 5.08 10.85
C LEU C 337 -54.27 3.64 10.40
N ASN C 338 -53.46 2.85 11.10
CA ASN C 338 -53.27 1.45 10.72
C ASN C 338 -54.54 0.68 11.11
N GLU C 339 -55.16 1.10 12.20
CA GLU C 339 -56.42 0.50 12.66
C GLU C 339 -57.45 0.55 11.52
N ARG C 340 -57.68 1.75 11.03
CA ARG C 340 -58.67 2.03 9.96
C ARG C 340 -58.39 1.44 8.56
N GLY C 341 -57.17 0.94 8.29
CA GLY C 341 -56.88 0.30 6.98
C GLY C 341 -56.35 1.26 5.93
N VAL C 342 -56.03 2.48 6.38
CA VAL C 342 -55.34 3.48 5.57
C VAL C 342 -53.85 3.11 5.37
N LEU C 343 -53.43 2.92 4.12
CA LEU C 343 -52.01 2.72 3.77
C LEU C 343 -51.11 3.92 4.08
N LEU C 344 -50.37 3.87 5.18
CA LEU C 344 -49.40 4.94 5.48
C LEU C 344 -47.97 4.63 4.95
N VAL C 345 -47.43 5.45 4.04
CA VAL C 345 -46.07 5.30 3.52
C VAL C 345 -45.12 6.24 4.28
N PRO C 346 -44.24 5.68 5.14
CA PRO C 346 -43.44 6.51 6.02
C PRO C 346 -42.32 7.17 5.27
N ASP C 347 -41.88 8.33 5.72
CA ASP C 347 -40.94 9.07 4.88
C ASP C 347 -39.52 8.51 4.87
N ILE C 348 -39.21 7.61 5.80
CA ILE C 348 -37.93 6.95 5.80
C ILE C 348 -37.86 6.14 4.51
N LEU C 349 -39.00 5.64 4.01
CA LEU C 349 -39.09 5.06 2.65
C LEU C 349 -39.24 6.07 1.51
N ALA C 350 -40.14 7.05 1.69
CA ALA C 350 -40.60 7.88 0.55
C ALA C 350 -39.49 8.81 0.09
N SER C 351 -38.61 9.17 1.02
CA SER C 351 -37.52 10.15 0.74
C SER C 351 -36.18 9.46 0.40
N ALA C 352 -36.21 8.14 0.26
CA ALA C 352 -35.01 7.27 0.06
C ALA C 352 -34.30 7.48 -1.24
N GLY C 353 -34.92 8.21 -2.15
CA GLY C 353 -34.27 8.56 -3.38
C GLY C 353 -32.97 9.34 -3.22
N GLY C 354 -32.91 10.22 -2.23
CA GLY C 354 -31.69 11.00 -1.91
C GLY C 354 -30.50 10.07 -1.61
N VAL C 355 -30.62 9.23 -0.59
CA VAL C 355 -29.58 8.26 -0.28
C VAL C 355 -29.25 7.35 -1.51
N THR C 356 -30.27 6.96 -2.26
CA THR C 356 -30.08 6.15 -3.44
C THR C 356 -29.20 6.79 -4.53
N VAL C 357 -29.43 8.03 -4.87
CA VAL C 357 -28.63 8.62 -5.94
C VAL C 357 -27.28 9.00 -5.43
N SER C 358 -27.12 9.17 -4.12
CA SER C 358 -25.78 9.37 -3.57
C SER C 358 -24.96 8.05 -3.73
N TYR C 359 -25.60 6.90 -3.55
CA TYR C 359 -25.03 5.62 -3.82
C TYR C 359 -24.61 5.50 -5.29
N PHE C 360 -25.55 5.80 -6.19
CA PHE C 360 -25.31 5.74 -7.64
C PHE C 360 -24.05 6.54 -8.09
N GLU C 361 -23.79 7.64 -7.39
CA GLU C 361 -22.63 8.47 -7.72
C GLU C 361 -21.37 7.70 -7.34
N TRP C 362 -21.38 7.07 -6.18
CA TRP C 362 -20.24 6.23 -5.74
C TRP C 362 -19.95 5.10 -6.75
N VAL C 363 -20.97 4.39 -7.18
CA VAL C 363 -20.86 3.36 -8.22
C VAL C 363 -20.20 3.90 -9.49
N GLN C 364 -20.64 5.06 -9.98
CA GLN C 364 -20.04 5.69 -11.14
C GLN C 364 -18.56 6.05 -10.93
N ASN C 365 -18.25 6.53 -9.73
CA ASN C 365 -16.88 6.75 -9.35
C ASN C 365 -16.02 5.45 -9.36
N ASN C 366 -16.53 4.38 -8.77
CA ASN C 366 -15.89 3.08 -8.81
C ASN C 366 -15.58 2.66 -10.28
N GLN C 367 -16.53 2.79 -11.20
CA GLN C 367 -16.29 2.32 -12.59
C GLN C 367 -15.58 3.34 -13.45
N GLY C 368 -15.55 4.57 -12.95
CA GLY C 368 -15.00 5.67 -13.70
C GLY C 368 -15.88 6.04 -14.88
N TYR C 369 -17.20 5.82 -14.76
CA TYR C 369 -18.09 5.90 -15.93
C TYR C 369 -19.47 6.46 -15.50
N TYR C 370 -19.91 7.49 -16.23
CA TYR C 370 -20.97 8.37 -15.74
C TYR C 370 -22.32 8.16 -16.44
N TRP C 371 -23.41 8.04 -15.70
CA TRP C 371 -24.71 7.74 -16.34
C TRP C 371 -25.51 8.98 -16.79
N SER C 372 -26.33 8.83 -17.85
CA SER C 372 -27.29 9.90 -18.26
C SER C 372 -28.39 10.06 -17.25
N GLU C 373 -29.04 11.26 -17.23
CA GLU C 373 -30.17 11.52 -16.29
C GLU C 373 -31.35 10.60 -16.44
N GLU C 374 -31.51 10.02 -17.59
CA GLU C 374 -32.54 9.07 -17.85
C GLU C 374 -32.21 7.70 -17.29
N GLU C 375 -30.96 7.26 -17.44
CA GLU C 375 -30.48 6.04 -16.76
C GLU C 375 -30.63 6.14 -15.24
N VAL C 376 -30.26 7.28 -14.67
CA VAL C 376 -30.34 7.47 -13.23
C VAL C 376 -31.78 7.36 -12.83
N ALA C 377 -32.66 8.01 -13.60
CA ALA C 377 -34.10 7.96 -13.33
C ALA C 377 -34.65 6.56 -13.40
N GLU C 378 -34.34 5.83 -14.45
CA GLU C 378 -34.79 4.45 -14.57
C GLU C 378 -34.31 3.46 -13.45
N LYS C 379 -33.01 3.51 -13.11
CA LYS C 379 -32.44 2.86 -11.93
C LYS C 379 -33.09 3.29 -10.60
N LEU C 380 -33.35 4.58 -10.42
CA LEU C 380 -33.99 5.10 -9.20
C LEU C 380 -35.37 4.46 -8.99
N ARG C 381 -36.14 4.43 -10.08
CA ARG C 381 -37.49 3.89 -9.94
C ARG C 381 -37.47 2.41 -9.62
N SER C 382 -36.57 1.68 -10.27
CA SER C 382 -36.53 0.24 -9.96
C SER C 382 -36.12 -0.04 -8.48
N VAL C 383 -35.15 0.69 -7.90
CA VAL C 383 -34.90 0.60 -6.42
C VAL C 383 -36.12 0.95 -5.54
N MET C 384 -36.82 2.01 -5.88
CA MET C 384 -37.97 2.44 -5.12
C MET C 384 -39.17 1.45 -5.18
N VAL C 385 -39.43 0.93 -6.37
CA VAL C 385 -40.48 -0.06 -6.56
C VAL C 385 -40.16 -1.27 -5.66
N SER C 386 -38.94 -1.81 -5.82
CA SER C 386 -38.47 -2.93 -5.05
C SER C 386 -38.56 -2.66 -3.54
N SER C 387 -38.07 -1.51 -3.08
CA SER C 387 -38.16 -1.12 -1.66
C SER C 387 -39.59 -1.02 -1.18
N PHE C 388 -40.47 -0.44 -2.00
CA PHE C 388 -41.89 -0.38 -1.64
C PHE C 388 -42.45 -1.77 -1.40
N GLU C 389 -42.16 -2.70 -2.32
CA GLU C 389 -42.79 -4.00 -2.28
C GLU C 389 -42.28 -4.72 -1.08
N THR C 390 -40.96 -4.73 -0.86
CA THR C 390 -40.46 -5.54 0.23
C THR C 390 -40.96 -5.02 1.60
N ILE C 391 -41.16 -3.72 1.77
CA ILE C 391 -41.64 -3.15 3.07
C ILE C 391 -43.13 -3.47 3.26
N TYR C 392 -43.83 -3.55 2.12
CA TYR C 392 -45.24 -3.88 2.07
C TYR C 392 -45.48 -5.33 2.51
N GLN C 393 -44.83 -6.23 1.80
CA GLN C 393 -44.87 -7.64 2.14
C GLN C 393 -44.33 -7.99 3.52
N THR C 394 -43.47 -7.19 4.12
CA THR C 394 -43.07 -7.57 5.45
C THR C 394 -44.08 -7.03 6.49
N ALA C 395 -44.67 -5.88 6.21
CA ALA C 395 -45.86 -5.40 6.93
C ALA C 395 -46.98 -6.50 6.92
N ALA C 396 -47.32 -7.00 5.73
CA ALA C 396 -48.34 -8.01 5.59
C ALA C 396 -47.87 -9.25 6.36
N THR C 397 -46.63 -9.69 6.14
CA THR C 397 -46.16 -10.97 6.69
C THR C 397 -46.15 -10.98 8.20
N HIS C 398 -45.70 -9.91 8.80
CA HIS C 398 -45.57 -9.85 10.24
C HIS C 398 -46.73 -9.11 10.91
N LYS C 399 -47.72 -8.70 10.10
CA LYS C 399 -48.94 -8.03 10.62
C LYS C 399 -48.59 -6.80 11.45
N VAL C 400 -47.70 -5.99 10.90
CA VAL C 400 -47.35 -4.69 11.49
C VAL C 400 -47.55 -3.63 10.43
N ASP C 401 -47.49 -2.37 10.82
CA ASP C 401 -47.63 -1.27 9.88
C ASP C 401 -46.36 -1.03 9.04
N MET C 402 -46.46 -0.14 8.06
CA MET C 402 -45.36 0.14 7.15
C MET C 402 -44.19 0.81 7.83
N ARG C 403 -44.42 1.63 8.86
CA ARG C 403 -43.31 2.26 9.54
C ARG C 403 -42.42 1.22 10.24
N LEU C 404 -43.01 0.37 11.06
CA LEU C 404 -42.21 -0.63 11.75
C LEU C 404 -41.60 -1.56 10.69
N ALA C 405 -42.38 -1.91 9.67
CA ALA C 405 -41.91 -2.80 8.64
C ALA C 405 -40.70 -2.13 7.99
N ALA C 406 -40.77 -0.83 7.74
CA ALA C 406 -39.64 -0.12 7.21
C ALA C 406 -38.42 -0.22 8.18
N TYR C 407 -38.61 0.05 9.45
CA TYR C 407 -37.51 -0.12 10.39
C TYR C 407 -36.90 -1.56 10.41
N MET C 408 -37.76 -2.56 10.22
CA MET C 408 -37.31 -3.91 10.27
C MET C 408 -36.45 -4.18 9.05
N THR C 409 -36.86 -3.71 7.89
CA THR C 409 -36.09 -3.99 6.70
C THR C 409 -34.81 -3.14 6.63
N GLY C 410 -34.84 -1.99 7.28
CA GLY C 410 -33.68 -1.14 7.43
C GLY C 410 -32.53 -1.79 8.21
N ILE C 411 -32.81 -2.45 9.32
CA ILE C 411 -31.76 -3.01 10.18
C ILE C 411 -31.39 -4.47 9.91
N ARG C 412 -32.35 -5.20 9.36
CA ARG C 412 -32.24 -6.59 8.93
C ARG C 412 -30.94 -6.94 8.19
N LYS C 413 -30.59 -6.15 7.20
CA LYS C 413 -29.48 -6.52 6.27
C LYS C 413 -28.14 -6.51 7.03
N SER C 414 -27.92 -5.41 7.76
CA SER C 414 -26.84 -5.33 8.71
C SER C 414 -26.86 -6.41 9.73
N ALA C 415 -28.04 -6.70 10.26
CA ALA C 415 -28.13 -7.79 11.28
C ALA C 415 -27.70 -9.11 10.64
N GLU C 416 -28.25 -9.41 9.47
CA GLU C 416 -27.98 -10.68 8.77
C GLU C 416 -26.54 -10.77 8.36
N ALA C 417 -25.97 -9.69 7.90
CA ALA C 417 -24.56 -9.67 7.52
C ALA C 417 -23.66 -9.86 8.74
N SER C 418 -24.02 -9.26 9.88
CA SER C 418 -23.20 -9.39 11.07
C SER C 418 -23.14 -10.78 11.59
N ARG C 419 -24.26 -11.48 11.45
CA ARG C 419 -24.39 -12.89 11.83
C ARG C 419 -23.56 -13.81 10.92
N PHE C 420 -23.72 -13.64 9.60
CA PHE C 420 -22.93 -14.42 8.64
C PHE C 420 -21.43 -14.19 8.86
N ARG C 421 -21.06 -12.97 9.25
CA ARG C 421 -19.64 -12.70 9.44
C ARG C 421 -19.14 -13.21 10.81
N GLY C 422 -20.02 -13.72 11.66
CA GLY C 422 -19.51 -14.36 12.89
C GLY C 422 -19.37 -13.38 14.03
N TRP C 423 -19.85 -12.16 13.89
CA TRP C 423 -19.80 -11.18 14.98
C TRP C 423 -20.75 -11.49 16.16
N VAL C 424 -22.01 -11.88 15.83
CA VAL C 424 -23.03 -12.32 16.79
C VAL C 424 -24.04 -13.27 16.24
N ASN D 16 7.54 26.26 -29.98
CA ASN D 16 6.82 26.78 -31.21
C ASN D 16 5.40 26.22 -31.39
N LEU D 17 5.29 24.90 -31.66
CA LEU D 17 4.06 24.16 -31.39
C LEU D 17 3.60 24.50 -29.97
N PHE D 18 4.53 24.43 -29.03
CA PHE D 18 4.25 24.72 -27.63
C PHE D 18 3.61 26.12 -27.46
N LEU D 19 4.26 27.12 -28.05
CA LEU D 19 3.77 28.51 -28.01
C LEU D 19 2.42 28.66 -28.78
N SER D 20 2.32 28.14 -29.98
CA SER D 20 1.03 28.10 -30.67
C SER D 20 -0.09 27.43 -29.80
N THR D 21 0.26 26.41 -29.01
CA THR D 21 -0.71 25.72 -28.15
C THR D 21 -1.09 26.61 -26.92
N GLN D 22 -0.11 27.30 -26.38
CA GLN D 22 -0.31 28.27 -25.31
C GLN D 22 -1.30 29.42 -25.63
N THR D 23 -1.11 30.02 -26.81
CA THR D 23 -1.96 31.08 -27.31
C THR D 23 -3.38 30.57 -27.47
N ILE D 24 -3.57 29.40 -28.07
CA ILE D 24 -4.94 28.84 -28.14
C ILE D 24 -5.64 28.69 -26.74
N ILE D 25 -4.91 28.30 -25.71
CA ILE D 25 -5.50 28.10 -24.38
C ILE D 25 -5.81 29.41 -23.72
N LYS D 26 -4.90 30.39 -23.88
CA LYS D 26 -5.12 31.79 -23.44
C LYS D 26 -6.40 32.37 -24.04
N GLU D 27 -6.62 32.17 -25.34
CA GLU D 27 -7.76 32.80 -26.01
C GLU D 27 -9.03 32.16 -25.49
N ALA D 28 -9.04 30.81 -25.54
CA ALA D 28 -10.17 30.01 -25.08
C ALA D 28 -10.55 30.36 -23.62
N LEU D 29 -9.58 30.44 -22.73
CA LEU D 29 -9.86 30.85 -21.33
C LEU D 29 -10.36 32.29 -21.23
N ARG D 30 -9.74 33.18 -21.97
CA ARG D 30 -10.16 34.57 -22.11
C ARG D 30 -11.65 34.64 -22.53
N LYS D 31 -12.04 33.93 -23.58
CA LYS D 31 -13.42 33.95 -23.96
C LYS D 31 -14.38 33.37 -22.93
N LEU D 32 -13.98 32.29 -22.25
CA LEU D 32 -14.80 31.72 -21.16
C LEU D 32 -15.01 32.66 -19.98
N GLY D 33 -14.25 33.74 -19.90
CA GLY D 33 -14.42 34.67 -18.83
C GLY D 33 -13.44 34.56 -17.70
N TYR D 34 -12.35 33.80 -17.90
CA TYR D 34 -11.42 33.58 -16.79
C TYR D 34 -10.43 34.70 -16.81
N PRO D 35 -10.03 35.13 -15.63
CA PRO D 35 -8.87 35.97 -15.48
C PRO D 35 -7.57 35.20 -15.69
N GLY D 36 -6.47 35.94 -15.67
CA GLY D 36 -5.18 35.48 -16.10
C GLY D 36 -4.56 34.37 -15.26
N ASP D 37 -4.87 34.31 -13.95
CA ASP D 37 -4.29 33.27 -13.11
C ASP D 37 -4.64 31.85 -13.63
N MET D 38 -5.82 31.69 -14.24
CA MET D 38 -6.22 30.40 -14.78
C MET D 38 -5.33 30.05 -15.94
N TYR D 39 -4.96 31.02 -16.77
CA TYR D 39 -3.96 30.78 -17.82
C TYR D 39 -2.61 30.37 -17.24
N GLU D 40 -2.21 30.97 -16.12
CA GLU D 40 -0.89 30.72 -15.52
C GLU D 40 -0.85 29.29 -14.94
N LEU D 41 -2.01 28.81 -14.55
CA LEU D 41 -2.15 27.46 -14.09
C LEU D 41 -2.10 26.49 -15.27
N MET D 42 -2.77 26.84 -16.37
CA MET D 42 -2.97 25.89 -17.45
C MET D 42 -1.87 25.84 -18.49
N LYS D 43 -0.86 26.70 -18.35
CA LYS D 43 0.01 27.00 -19.50
C LYS D 43 1.23 26.08 -19.56
N GLU D 44 1.51 25.45 -18.41
CA GLU D 44 2.54 24.46 -18.25
C GLU D 44 1.94 23.25 -17.50
N PRO D 45 2.47 22.04 -17.74
CA PRO D 45 1.96 20.89 -16.97
C PRO D 45 2.19 20.99 -15.46
N GLN D 46 1.22 20.49 -14.72
CA GLN D 46 1.40 20.24 -13.27
C GLN D 46 2.73 19.51 -13.00
N ARG D 47 3.00 18.51 -13.84
CA ARG D 47 4.18 17.69 -13.68
C ARG D 47 4.78 17.31 -15.02
N MET D 48 6.13 17.48 -15.05
CA MET D 48 6.95 17.09 -16.15
C MET D 48 8.14 16.27 -15.66
N LEU D 49 8.21 15.01 -16.13
CA LEU D 49 9.25 14.10 -15.66
C LEU D 49 10.14 13.79 -16.85
N THR D 50 11.42 13.96 -16.64
CA THR D 50 12.43 13.49 -17.59
C THR D 50 13.25 12.38 -17.01
N VAL D 51 13.39 11.32 -17.78
CA VAL D 51 14.12 10.15 -17.24
C VAL D 51 15.29 9.69 -18.13
N ARG D 52 16.30 9.10 -17.49
CA ARG D 52 17.35 8.38 -18.25
C ARG D 52 17.28 6.89 -18.07
N ILE D 53 17.18 6.18 -19.19
CA ILE D 53 16.88 4.77 -19.19
C ILE D 53 18.00 3.97 -19.89
N PRO D 54 18.86 3.25 -19.12
CA PRO D 54 19.90 2.34 -19.66
C PRO D 54 19.30 1.08 -20.20
N VAL D 55 19.76 0.66 -21.37
CA VAL D 55 19.22 -0.48 -22.03
C VAL D 55 20.32 -1.28 -22.71
N LYS D 56 20.25 -2.58 -22.54
CA LYS D 56 21.29 -3.48 -22.96
C LYS D 56 20.96 -3.66 -24.42
N MET D 57 21.89 -3.29 -25.27
CA MET D 57 21.68 -3.45 -26.71
C MET D 57 22.17 -4.83 -27.16
N ASP D 58 21.61 -5.32 -28.25
CA ASP D 58 21.92 -6.66 -28.78
C ASP D 58 23.39 -6.86 -28.99
N ASN D 59 24.09 -5.86 -29.50
CA ASN D 59 25.55 -5.92 -29.68
C ASN D 59 26.37 -5.89 -28.37
N GLY D 60 25.67 -5.98 -27.22
CA GLY D 60 26.35 -6.09 -25.93
C GLY D 60 26.67 -4.77 -25.30
N SER D 61 26.56 -3.64 -26.00
CA SER D 61 26.74 -2.33 -25.36
C SER D 61 25.53 -1.96 -24.46
N VAL D 62 25.69 -0.90 -23.67
CA VAL D 62 24.59 -0.24 -22.98
C VAL D 62 24.38 1.18 -23.49
N LYS D 63 23.13 1.49 -23.87
CA LYS D 63 22.75 2.80 -24.36
C LYS D 63 21.73 3.46 -23.43
N VAL D 64 21.96 4.73 -23.08
CA VAL D 64 21.07 5.40 -22.13
C VAL D 64 20.11 6.28 -22.90
N PHE D 65 18.82 5.96 -22.94
CA PHE D 65 17.79 6.74 -23.63
C PHE D 65 17.13 7.79 -22.71
N THR D 66 16.67 8.90 -23.32
CA THR D 66 16.00 9.98 -22.62
C THR D 66 14.50 9.82 -22.86
N GLY D 67 13.73 9.83 -21.78
CA GLY D 67 12.27 9.72 -21.92
C GLY D 67 11.59 10.81 -21.13
N TYR D 68 10.32 11.04 -21.45
CA TYR D 68 9.52 12.06 -20.87
C TYR D 68 8.11 11.58 -20.60
N ARG D 69 7.55 12.15 -19.54
CA ARG D 69 6.11 12.03 -19.33
C ARG D 69 5.61 13.34 -18.77
N SER D 70 4.63 13.91 -19.47
CA SER D 70 4.02 15.20 -19.08
C SER D 70 2.61 14.92 -18.70
N GLN D 71 2.28 15.40 -17.51
CA GLN D 71 0.97 15.30 -16.96
C GLN D 71 0.43 16.71 -16.82
N HIS D 72 -0.49 17.05 -17.71
CA HIS D 72 -0.84 18.46 -17.83
C HIS D 72 -1.64 19.00 -16.64
N ASN D 73 -2.77 18.39 -16.38
CA ASN D 73 -3.67 18.89 -15.35
C ASN D 73 -4.59 17.73 -14.97
N ASP D 74 -4.61 17.36 -13.67
CA ASP D 74 -5.47 16.25 -13.23
C ASP D 74 -6.71 16.67 -12.36
N ALA D 75 -7.17 17.89 -12.51
CA ALA D 75 -8.30 18.38 -11.74
C ALA D 75 -9.57 17.52 -11.95
N VAL D 76 -9.85 17.12 -13.18
CA VAL D 76 -11.01 16.33 -13.51
C VAL D 76 -10.79 14.84 -13.17
N GLY D 77 -9.56 14.35 -13.21
CA GLY D 77 -9.32 12.92 -13.09
C GLY D 77 -7.86 12.65 -13.40
N PRO D 78 -7.50 11.37 -13.44
CA PRO D 78 -6.13 11.00 -13.82
C PRO D 78 -5.82 11.45 -15.26
N THR D 79 -4.54 11.59 -15.61
CA THR D 79 -4.16 12.04 -16.94
C THR D 79 -4.18 10.84 -17.88
N LYS D 80 -4.23 11.09 -19.18
CA LYS D 80 -4.44 10.06 -20.21
C LYS D 80 -3.75 10.51 -21.52
N GLY D 81 -2.93 9.65 -22.08
CA GLY D 81 -2.40 9.90 -23.41
C GLY D 81 -1.24 9.00 -23.80
N GLY D 82 -0.99 8.98 -25.11
CA GLY D 82 0.02 8.15 -25.74
C GLY D 82 1.46 8.42 -25.36
N VAL D 83 2.29 7.40 -25.67
CA VAL D 83 3.74 7.45 -25.59
C VAL D 83 4.32 7.18 -26.99
N ARG D 84 5.19 8.09 -27.43
CA ARG D 84 5.87 8.08 -28.71
C ARG D 84 7.30 7.60 -28.64
N PHE D 85 7.69 6.78 -29.62
CA PHE D 85 9.06 6.37 -29.79
C PHE D 85 9.48 7.02 -31.13
N HIS D 86 10.31 8.06 -31.07
CA HIS D 86 10.75 8.77 -32.29
C HIS D 86 11.98 9.61 -32.04
N PRO D 87 12.90 9.67 -33.04
CA PRO D 87 14.13 10.46 -32.91
C PRO D 87 13.89 11.96 -32.70
N GLU D 88 12.75 12.52 -33.12
CA GLU D 88 12.47 13.97 -32.95
C GLU D 88 11.72 14.29 -31.66
N VAL D 89 11.36 13.29 -30.89
CA VAL D 89 10.67 13.51 -29.64
C VAL D 89 11.44 14.58 -28.93
N ASN D 90 10.74 15.52 -28.32
CA ASN D 90 11.38 16.41 -27.37
C ASN D 90 10.45 16.98 -26.31
N GLU D 91 11.06 17.59 -25.31
CA GLU D 91 10.34 17.98 -24.12
C GLU D 91 9.16 18.95 -24.41
N GLU D 92 9.44 20.00 -25.18
CA GLU D 92 8.48 21.02 -25.55
C GLU D 92 7.29 20.41 -26.26
N LYS D 93 7.57 19.50 -27.17
CA LYS D 93 6.55 18.84 -27.93
C LYS D 93 5.66 17.96 -27.06
N VAL D 94 6.27 17.22 -26.17
CA VAL D 94 5.54 16.32 -25.26
C VAL D 94 4.67 17.20 -24.36
N LYS D 95 5.17 18.32 -23.84
CA LYS D 95 4.24 19.16 -23.06
C LYS D 95 3.02 19.63 -23.89
N ALA D 96 3.31 20.12 -25.08
CA ALA D 96 2.29 20.62 -25.96
C ALA D 96 1.25 19.56 -26.31
N LEU D 97 1.68 18.34 -26.62
CA LEU D 97 0.72 17.29 -26.98
C LEU D 97 -0.12 16.92 -25.74
N SER D 98 0.46 17.07 -24.53
CA SER D 98 -0.33 16.78 -23.33
C SER D 98 -1.50 17.79 -23.07
N ILE D 99 -1.23 19.06 -23.34
CA ILE D 99 -2.24 20.10 -23.35
C ILE D 99 -3.32 19.79 -24.38
N TRP D 100 -2.96 19.39 -25.58
CA TRP D 100 -3.94 19.01 -26.58
C TRP D 100 -4.76 17.89 -26.09
N MET D 101 -4.17 16.89 -25.43
CA MET D 101 -4.95 15.77 -24.91
C MET D 101 -5.97 16.27 -23.91
N THR D 102 -5.65 17.28 -23.11
CA THR D 102 -6.64 17.85 -22.20
C THR D 102 -7.83 18.34 -22.93
N LEU D 103 -7.58 19.04 -24.03
CA LEU D 103 -8.71 19.56 -24.85
C LEU D 103 -9.57 18.44 -25.35
N LYS D 104 -8.99 17.40 -25.92
CA LYS D 104 -9.81 16.27 -26.39
C LYS D 104 -10.59 15.57 -25.26
N CYS D 105 -9.99 15.42 -24.08
CA CYS D 105 -10.70 14.90 -22.91
C CYS D 105 -11.92 15.81 -22.56
N GLY D 106 -11.73 17.12 -22.59
CA GLY D 106 -12.87 18.01 -22.37
C GLY D 106 -13.95 17.85 -23.45
N ILE D 107 -13.51 17.64 -24.69
CA ILE D 107 -14.45 17.59 -25.81
C ILE D 107 -15.32 16.38 -25.66
N ALA D 108 -14.73 15.23 -25.39
CA ALA D 108 -15.53 13.99 -25.25
C ALA D 108 -16.05 13.83 -23.81
N ASN D 109 -15.90 14.89 -23.03
CA ASN D 109 -16.40 14.90 -21.66
C ASN D 109 -15.87 13.69 -20.81
N LEU D 110 -14.60 13.33 -21.08
CA LEU D 110 -13.97 12.20 -20.39
C LEU D 110 -13.53 12.63 -18.96
N PRO D 111 -13.59 11.73 -17.99
CA PRO D 111 -13.15 12.17 -16.64
C PRO D 111 -11.64 12.11 -16.53
N TYR D 112 -10.93 12.77 -17.43
CA TYR D 112 -9.50 12.67 -17.51
C TYR D 112 -8.88 14.07 -17.71
N GLY D 113 -7.64 14.26 -17.27
CA GLY D 113 -6.82 15.37 -17.83
C GLY D 113 -5.88 14.78 -18.87
N GLY D 114 -5.10 15.62 -19.54
CA GLY D 114 -4.20 15.20 -20.62
C GLY D 114 -2.80 14.81 -20.13
N GLY D 115 -2.29 13.73 -20.69
CA GLY D 115 -0.90 13.40 -20.48
C GLY D 115 -0.25 12.89 -21.75
N LYS D 116 1.06 12.85 -21.80
CA LYS D 116 1.73 12.40 -23.00
C LYS D 116 3.18 12.09 -22.60
N GLY D 117 3.74 11.07 -23.25
CA GLY D 117 5.17 10.85 -23.15
C GLY D 117 5.87 10.54 -24.44
N GLY D 118 7.18 10.41 -24.33
CA GLY D 118 7.94 9.99 -25.45
C GLY D 118 9.34 9.63 -25.05
N ILE D 119 9.97 8.87 -25.91
CA ILE D 119 11.35 8.53 -25.78
C ILE D 119 12.05 8.89 -27.09
N ILE D 120 13.25 9.45 -26.94
CA ILE D 120 14.11 9.85 -28.05
C ILE D 120 14.88 8.61 -28.50
N CYS D 121 14.43 8.03 -29.59
CA CYS D 121 15.02 6.81 -30.07
C CYS D 121 14.52 6.59 -31.44
N ASP D 122 15.11 5.63 -32.15
CA ASP D 122 14.62 5.28 -33.47
C ASP D 122 14.27 3.86 -33.51
N PRO D 123 12.99 3.56 -33.40
CA PRO D 123 12.64 2.16 -33.34
C PRO D 123 12.91 1.37 -34.63
N ARG D 124 13.06 2.04 -35.77
CA ARG D 124 13.33 1.32 -37.02
C ARG D 124 14.68 0.63 -37.06
N THR D 125 15.66 1.12 -36.30
CA THR D 125 16.94 0.44 -36.23
C THR D 125 17.09 -0.41 -34.97
N MET D 126 15.98 -0.82 -34.37
CA MET D 126 16.02 -1.60 -33.14
C MET D 126 15.35 -2.94 -33.33
N SER D 127 15.88 -3.98 -32.73
CA SER D 127 15.19 -5.30 -32.69
C SER D 127 13.97 -5.30 -31.74
N PHE D 128 13.20 -6.37 -31.81
CA PHE D 128 12.05 -6.55 -30.97
C PHE D 128 12.45 -6.57 -29.50
N GLY D 129 13.55 -7.28 -29.20
CA GLY D 129 14.10 -7.46 -27.85
C GLY D 129 14.54 -6.14 -27.24
N GLU D 130 15.27 -5.37 -28.02
CA GLU D 130 15.68 -4.03 -27.61
C GLU D 130 14.47 -3.12 -27.32
N LEU D 131 13.46 -3.21 -28.19
CA LEU D 131 12.25 -2.44 -27.98
C LEU D 131 11.45 -2.85 -26.67
N GLU D 132 11.40 -4.17 -26.42
CA GLU D 132 10.89 -4.73 -25.20
C GLU D 132 11.64 -4.17 -23.95
N ARG D 133 12.98 -4.21 -24.02
CA ARG D 133 13.80 -3.83 -22.94
C ARG D 133 13.66 -2.32 -22.63
N LEU D 134 13.57 -1.52 -23.67
CA LEU D 134 13.34 -0.09 -23.55
C LEU D 134 11.92 0.19 -23.02
N SER D 135 10.93 -0.55 -23.52
CA SER D 135 9.58 -0.40 -22.99
C SER D 135 9.48 -0.67 -21.45
N ARG D 136 10.10 -1.75 -21.00
CA ARG D 136 10.11 -2.08 -19.61
C ARG D 136 10.92 -1.04 -18.73
N GLY D 137 12.03 -0.56 -19.27
CA GLY D 137 12.84 0.49 -18.68
C GLY D 137 12.10 1.80 -18.55
N TYR D 138 11.26 2.09 -19.52
CA TYR D 138 10.44 3.26 -19.45
C TYR D 138 9.48 3.10 -18.24
N VAL D 139 8.77 1.98 -18.17
CA VAL D 139 7.78 1.75 -17.10
C VAL D 139 8.50 1.82 -15.73
N ARG D 140 9.65 1.16 -15.61
CA ARG D 140 10.36 1.20 -14.34
C ARG D 140 10.87 2.59 -13.97
N ALA D 141 11.24 3.41 -14.96
CA ALA D 141 11.68 4.79 -14.73
C ALA D 141 10.55 5.71 -14.21
N ILE D 142 9.31 5.49 -14.66
CA ILE D 142 8.21 6.42 -14.32
C ILE D 142 7.11 5.86 -13.40
N SER D 143 7.27 4.61 -12.93
CA SER D 143 6.21 3.94 -12.20
C SER D 143 5.66 4.72 -10.97
N GLN D 144 6.52 5.48 -10.29
CA GLN D 144 6.08 6.25 -9.11
C GLN D 144 4.98 7.24 -9.38
N ILE D 145 4.83 7.71 -10.62
CA ILE D 145 3.87 8.77 -10.98
C ILE D 145 2.80 8.37 -11.98
N VAL D 146 2.57 7.08 -12.14
CA VAL D 146 1.79 6.51 -13.26
C VAL D 146 1.03 5.30 -12.67
N GLY D 147 -0.11 4.97 -13.27
CA GLY D 147 -0.96 3.92 -12.83
C GLY D 147 -2.42 4.14 -13.17
N PRO D 148 -3.24 3.11 -13.01
CA PRO D 148 -4.68 3.22 -13.34
C PRO D 148 -5.48 4.33 -12.65
N THR D 149 -5.03 4.84 -11.50
CA THR D 149 -5.72 5.95 -10.82
C THR D 149 -5.02 7.31 -11.03
N LYS D 150 -3.86 7.27 -11.69
CA LYS D 150 -2.94 8.39 -11.82
C LYS D 150 -2.75 8.91 -13.28
N ASP D 151 -2.32 8.02 -14.17
CA ASP D 151 -1.80 8.42 -15.47
C ASP D 151 -1.75 7.19 -16.31
N ILE D 152 -2.47 7.17 -17.41
CA ILE D 152 -2.84 5.96 -18.09
C ILE D 152 -2.33 6.14 -19.57
N PRO D 153 -1.19 5.52 -19.91
CA PRO D 153 -0.69 5.75 -21.28
C PRO D 153 -1.47 5.02 -22.39
N ALA D 154 -0.91 5.04 -23.59
CA ALA D 154 -1.57 4.51 -24.77
C ALA D 154 -0.60 4.44 -25.97
N PRO D 155 -1.04 3.81 -27.08
CA PRO D 155 -0.18 3.83 -28.27
C PRO D 155 -0.09 5.26 -28.89
N ASP D 156 0.94 5.50 -29.67
CA ASP D 156 1.12 6.75 -30.37
C ASP D 156 2.14 6.42 -31.48
N VAL D 157 2.95 7.39 -31.90
CA VAL D 157 3.89 7.17 -33.01
C VAL D 157 4.93 6.12 -32.71
N TYR D 158 4.90 5.09 -33.56
CA TYR D 158 5.75 3.92 -33.45
C TYR D 158 5.54 3.11 -32.16
N THR D 159 4.34 3.12 -31.60
CA THR D 159 4.07 2.16 -30.57
C THR D 159 2.79 1.47 -30.87
N ASN D 160 2.61 0.28 -30.35
CA ASN D 160 1.46 -0.51 -30.76
C ASN D 160 1.04 -1.38 -29.59
N SER D 161 0.21 -2.39 -29.85
CA SER D 161 -0.44 -3.12 -28.79
C SER D 161 0.56 -4.04 -28.11
N GLN D 162 1.56 -4.44 -28.85
CA GLN D 162 2.65 -5.22 -28.30
C GLN D 162 3.47 -4.45 -27.27
N ILE D 163 3.81 -3.22 -27.58
CA ILE D 163 4.58 -2.38 -26.69
C ILE D 163 3.75 -2.18 -25.42
N MET D 164 2.45 -1.92 -25.61
CA MET D 164 1.50 -1.79 -24.52
C MET D 164 1.46 -3.06 -23.62
N ALA D 165 1.45 -4.25 -24.25
CA ALA D 165 1.42 -5.51 -23.54
C ALA D 165 2.61 -5.64 -22.64
N TRP D 166 3.77 -5.22 -23.13
CA TRP D 166 5.02 -5.36 -22.41
C TRP D 166 5.04 -4.36 -21.25
N MET D 167 4.54 -3.14 -21.50
CA MET D 167 4.50 -2.14 -20.46
C MET D 167 3.49 -2.58 -19.39
N MET D 168 2.38 -3.21 -19.82
CA MET D 168 1.38 -3.68 -18.86
C MET D 168 1.97 -4.80 -17.97
N ASP D 169 2.69 -5.74 -18.60
CA ASP D 169 3.35 -6.79 -17.83
C ASP D 169 4.35 -6.24 -16.81
N GLU D 170 5.22 -5.35 -17.27
CA GLU D 170 6.22 -4.80 -16.34
C GLU D 170 5.50 -4.14 -15.18
N TYR D 171 4.43 -3.39 -15.47
CA TYR D 171 3.77 -2.62 -14.40
C TYR D 171 3.12 -3.60 -13.41
N SER D 172 2.47 -4.63 -13.95
CA SER D 172 1.86 -5.67 -13.11
C SER D 172 2.84 -6.43 -12.17
N ARG D 173 4.10 -6.65 -12.63
CA ARG D 173 5.11 -7.21 -11.81
C ARG D 173 5.53 -6.24 -10.69
N LEU D 174 5.73 -4.96 -11.00
CA LEU D 174 6.17 -4.05 -10.00
C LEU D 174 5.16 -4.10 -8.91
N ARG D 175 3.89 -4.17 -9.28
CA ARG D 175 2.80 -4.08 -8.31
C ARG D 175 2.38 -5.41 -7.67
N GLU D 176 2.75 -6.58 -8.26
CA GLU D 176 2.37 -7.89 -7.73
C GLU D 176 0.93 -8.27 -7.96
N PHE D 177 0.27 -7.59 -8.89
CA PHE D 177 -1.08 -7.93 -9.35
C PHE D 177 -1.29 -7.41 -10.77
N ASP D 178 -2.06 -8.17 -11.56
CA ASP D 178 -2.40 -7.71 -12.91
C ASP D 178 -3.06 -6.33 -12.87
N SER D 179 -2.47 -5.37 -13.58
CA SER D 179 -2.96 -3.98 -13.72
C SER D 179 -3.26 -3.57 -15.17
N PRO D 180 -4.28 -4.16 -15.79
CA PRO D 180 -4.67 -3.83 -17.20
C PRO D 180 -5.00 -2.37 -17.40
N GLY D 181 -5.61 -1.80 -16.38
CA GLY D 181 -6.04 -0.40 -16.34
C GLY D 181 -4.97 0.66 -16.39
N PHE D 182 -3.74 0.28 -16.19
CA PHE D 182 -2.58 1.18 -16.33
C PHE D 182 -2.43 1.76 -17.70
N ILE D 183 -2.79 1.00 -18.73
CA ILE D 183 -2.38 1.40 -20.08
C ILE D 183 -3.39 0.87 -21.08
N THR D 184 -3.74 1.68 -22.08
CA THR D 184 -4.75 1.26 -23.08
C THR D 184 -4.15 0.90 -24.43
N GLY D 185 -4.96 0.40 -25.36
CA GLY D 185 -4.42 -0.15 -26.59
C GLY D 185 -3.87 -1.56 -26.47
N LYS D 186 -4.36 -2.33 -25.51
CA LYS D 186 -3.84 -3.63 -25.23
C LYS D 186 -4.47 -4.64 -26.18
N PRO D 187 -3.78 -5.78 -26.41
CA PRO D 187 -4.40 -6.97 -27.04
C PRO D 187 -5.69 -7.37 -26.31
N LEU D 188 -6.61 -7.88 -27.10
CA LEU D 188 -7.88 -8.26 -26.57
C LEU D 188 -7.72 -9.17 -25.36
N VAL D 189 -6.86 -10.19 -25.43
CA VAL D 189 -6.77 -11.14 -24.34
C VAL D 189 -6.09 -10.53 -23.11
N LEU D 190 -5.46 -9.34 -23.23
CA LEU D 190 -4.93 -8.66 -22.03
C LEU D 190 -5.87 -7.61 -21.51
N GLY D 191 -7.15 -7.60 -21.93
CA GLY D 191 -8.10 -6.63 -21.42
C GLY D 191 -8.27 -5.42 -22.32
N GLY D 192 -7.96 -5.59 -23.61
CA GLY D 192 -8.30 -4.60 -24.62
C GLY D 192 -9.80 -4.43 -24.88
N SER D 193 -10.17 -3.35 -25.55
CA SER D 193 -11.55 -3.11 -25.94
C SER D 193 -11.86 -3.59 -27.39
N GLN D 194 -13.03 -4.20 -27.57
CA GLN D 194 -13.67 -4.28 -28.89
C GLN D 194 -13.90 -2.89 -29.41
N GLY D 195 -14.12 -2.80 -30.72
CA GLY D 195 -14.48 -1.52 -31.37
C GLY D 195 -13.39 -0.51 -31.54
N ARG D 196 -12.13 -0.90 -31.38
CA ARG D 196 -11.02 0.02 -31.47
C ARG D 196 -10.61 0.38 -32.93
N GLU D 197 -10.81 -0.51 -33.87
CA GLU D 197 -10.19 -0.31 -35.18
C GLU D 197 -10.92 0.79 -35.99
N THR D 198 -12.23 0.89 -35.87
CA THR D 198 -12.96 1.87 -36.61
C THR D 198 -13.55 2.97 -35.74
N ALA D 199 -13.22 2.98 -34.43
CA ALA D 199 -13.62 4.07 -33.52
C ALA D 199 -13.50 5.51 -34.09
N THR D 200 -12.37 5.83 -34.71
CA THR D 200 -12.14 7.19 -35.20
C THR D 200 -13.04 7.52 -36.39
N ALA D 201 -13.08 6.61 -37.36
CA ALA D 201 -13.94 6.84 -38.54
C ALA D 201 -15.46 6.85 -38.16
N GLN D 202 -15.87 6.00 -37.22
CA GLN D 202 -17.27 5.96 -36.78
C GLN D 202 -17.77 7.27 -36.20
N GLY D 203 -16.90 8.01 -35.53
CA GLY D 203 -17.30 9.26 -34.96
C GLY D 203 -17.36 10.34 -36.00
N VAL D 204 -16.55 10.19 -37.05
CA VAL D 204 -16.64 11.08 -38.20
C VAL D 204 -18.05 10.94 -38.78
N THR D 205 -18.47 9.72 -39.03
CA THR D 205 -19.80 9.53 -39.57
C THR D 205 -20.89 10.13 -38.66
N ILE D 206 -20.82 9.95 -37.33
CA ILE D 206 -21.85 10.46 -36.41
C ILE D 206 -21.90 11.99 -36.44
N CYS D 207 -20.76 12.61 -36.69
CA CYS D 207 -20.69 14.05 -36.86
C CYS D 207 -21.32 14.54 -38.17
N ILE D 208 -21.28 13.72 -39.22
CA ILE D 208 -22.02 14.05 -40.43
C ILE D 208 -23.55 14.00 -40.10
N GLU D 209 -23.99 12.89 -39.52
CA GLU D 209 -25.40 12.72 -39.17
C GLU D 209 -25.95 13.91 -38.37
N GLU D 210 -25.13 14.51 -37.50
CA GLU D 210 -25.67 15.57 -36.60
C GLU D 210 -25.58 16.95 -37.23
N ALA D 211 -24.51 17.17 -38.01
CA ALA D 211 -24.34 18.38 -38.83
C ALA D 211 -25.51 18.47 -39.87
N VAL D 212 -25.80 17.36 -40.51
CA VAL D 212 -26.79 17.33 -41.55
C VAL D 212 -28.21 17.63 -40.99
N LYS D 213 -28.51 17.18 -39.76
CA LYS D 213 -29.75 17.56 -39.07
C LYS D 213 -29.87 19.07 -38.86
N LYS D 214 -28.77 19.71 -38.49
CA LYS D 214 -28.79 21.14 -38.23
C LYS D 214 -29.07 21.97 -39.51
N LYS D 215 -28.81 21.39 -40.67
CA LYS D 215 -28.91 22.11 -41.93
C LYS D 215 -30.09 21.56 -42.76
N GLY D 216 -31.06 20.97 -42.07
CA GLY D 216 -32.25 20.46 -42.74
C GLY D 216 -32.11 19.24 -43.65
N ILE D 217 -30.94 19.00 -44.25
CA ILE D 217 -30.82 17.88 -45.19
C ILE D 217 -31.14 16.53 -44.51
N LYS D 218 -31.74 15.64 -45.25
CA LYS D 218 -31.85 14.26 -44.83
C LYS D 218 -30.61 13.52 -45.40
N LEU D 219 -30.06 12.63 -44.59
CA LEU D 219 -28.80 11.92 -44.88
C LEU D 219 -28.90 11.18 -46.20
N GLN D 220 -30.02 10.47 -46.39
CA GLN D 220 -30.27 9.75 -47.65
C GLN D 220 -30.18 10.67 -48.90
N ASN D 221 -30.57 11.95 -48.76
CA ASN D 221 -30.52 12.97 -49.86
C ASN D 221 -29.19 13.76 -49.95
N ALA D 222 -28.24 13.45 -49.06
CA ALA D 222 -27.01 14.23 -48.94
C ALA D 222 -26.04 13.87 -50.06
N ARG D 223 -25.41 14.88 -50.62
CA ARG D 223 -24.42 14.70 -51.67
C ARG D 223 -23.09 15.02 -51.02
N ILE D 224 -22.15 14.11 -51.07
CA ILE D 224 -20.95 14.31 -50.27
C ILE D 224 -19.67 14.12 -51.05
N ILE D 225 -18.71 15.00 -50.83
CA ILE D 225 -17.35 14.80 -51.37
C ILE D 225 -16.30 14.40 -50.26
N ILE D 226 -15.50 13.38 -50.57
CA ILE D 226 -14.50 12.86 -49.65
C ILE D 226 -13.14 12.78 -50.32
N GLN D 227 -12.19 13.51 -49.76
CA GLN D 227 -10.77 13.34 -50.13
C GLN D 227 -10.14 12.16 -49.45
N GLY D 228 -9.20 11.48 -50.10
CA GLY D 228 -8.50 10.36 -49.50
C GLY D 228 -9.40 9.14 -49.61
N PHE D 229 -8.82 8.02 -50.06
CA PHE D 229 -9.57 6.78 -50.22
C PHE D 229 -8.78 5.59 -49.64
N GLY D 230 -7.94 5.87 -48.64
CA GLY D 230 -7.39 4.86 -47.75
C GLY D 230 -8.44 4.46 -46.71
N ASN D 231 -7.96 3.96 -45.56
CA ASN D 231 -8.83 3.41 -44.51
C ASN D 231 -9.95 4.34 -44.04
N ALA D 232 -9.57 5.60 -43.80
CA ALA D 232 -10.51 6.60 -43.32
C ALA D 232 -11.53 6.95 -44.41
N GLY D 233 -11.04 7.33 -45.58
CA GLY D 233 -11.90 7.79 -46.67
C GLY D 233 -12.89 6.76 -47.13
N SER D 234 -12.40 5.53 -47.31
CA SER D 234 -13.24 4.43 -47.81
C SER D 234 -14.30 4.02 -46.82
N PHE D 235 -14.00 4.13 -45.53
CA PHE D 235 -14.99 3.80 -44.48
C PHE D 235 -16.14 4.82 -44.54
N LEU D 236 -15.80 6.11 -44.64
CA LEU D 236 -16.82 7.14 -44.77
C LEU D 236 -17.61 6.94 -46.10
N ALA D 237 -16.88 6.73 -47.20
CA ALA D 237 -17.45 6.30 -48.48
C ALA D 237 -18.54 5.23 -48.31
N LYS D 238 -18.16 4.04 -47.85
CA LYS D 238 -19.11 2.94 -47.73
C LYS D 238 -20.26 3.26 -46.79
N PHE D 239 -19.97 3.93 -45.69
CA PHE D 239 -21.03 4.27 -44.74
C PHE D 239 -22.04 5.14 -45.42
N MET D 240 -21.54 6.16 -46.11
CA MET D 240 -22.40 7.13 -46.76
C MET D 240 -23.22 6.45 -47.91
N HIS D 241 -22.57 5.67 -48.76
CA HIS D 241 -23.28 4.88 -49.77
C HIS D 241 -24.37 3.98 -49.13
N ASP D 242 -23.99 3.17 -48.15
CA ASP D 242 -24.93 2.22 -47.50
C ASP D 242 -26.08 2.95 -46.80
N ALA D 243 -25.89 4.21 -46.39
CA ALA D 243 -26.96 5.01 -45.79
C ALA D 243 -28.01 5.51 -46.80
N GLY D 244 -27.75 5.32 -48.10
CA GLY D 244 -28.64 5.84 -49.16
C GLY D 244 -28.32 7.27 -49.60
N ALA D 245 -27.09 7.70 -49.32
CA ALA D 245 -26.60 9.00 -49.72
C ALA D 245 -25.77 8.79 -50.96
N LYS D 246 -25.37 9.90 -51.57
CA LYS D 246 -24.69 9.90 -52.84
C LYS D 246 -23.31 10.49 -52.67
N VAL D 247 -22.31 9.63 -52.77
CA VAL D 247 -20.94 10.09 -52.73
C VAL D 247 -20.65 10.63 -54.13
N ILE D 248 -20.98 11.90 -54.29
CA ILE D 248 -20.73 12.68 -55.48
C ILE D 248 -19.24 12.61 -55.91
N GLY D 249 -18.34 12.73 -54.93
CA GLY D 249 -16.91 12.82 -55.20
C GLY D 249 -15.97 12.04 -54.28
N ILE D 250 -14.87 11.60 -54.87
CA ILE D 250 -13.80 10.80 -54.23
C ILE D 250 -12.46 11.47 -54.58
N SER D 251 -11.37 11.01 -53.98
CA SER D 251 -10.05 11.56 -54.32
C SER D 251 -8.93 10.71 -53.70
N ASP D 252 -7.74 10.72 -54.32
CA ASP D 252 -6.55 10.06 -53.76
C ASP D 252 -5.30 10.86 -54.16
N ALA D 253 -4.11 10.27 -54.06
CA ALA D 253 -2.88 11.00 -54.43
C ALA D 253 -2.96 11.55 -55.87
N ASN D 254 -3.48 10.72 -56.80
CA ASN D 254 -3.63 11.05 -58.24
C ASN D 254 -4.60 12.16 -58.61
N GLY D 255 -5.64 12.32 -57.81
CA GLY D 255 -6.72 13.26 -58.12
C GLY D 255 -8.09 12.78 -57.70
N GLY D 256 -9.13 13.44 -58.23
CA GLY D 256 -10.51 13.22 -57.79
C GLY D 256 -11.43 12.79 -58.92
N LEU D 257 -12.51 12.10 -58.57
CA LEU D 257 -13.57 11.75 -59.49
C LEU D 257 -14.79 12.50 -58.98
N TYR D 258 -15.49 13.17 -59.89
CA TYR D 258 -16.76 13.87 -59.59
C TYR D 258 -17.86 13.34 -60.48
N ASN D 259 -19.06 13.20 -59.93
CA ASN D 259 -20.18 12.72 -60.70
C ASN D 259 -21.45 13.02 -59.95
N PRO D 260 -22.18 14.06 -60.37
CA PRO D 260 -23.40 14.55 -59.71
C PRO D 260 -24.47 13.53 -59.33
N ASP D 261 -24.49 12.38 -60.00
CA ASP D 261 -25.44 11.28 -59.74
C ASP D 261 -25.09 10.43 -58.54
N GLY D 262 -23.82 10.41 -58.16
CA GLY D 262 -23.30 9.47 -57.14
C GLY D 262 -22.38 8.45 -57.78
N LEU D 263 -21.17 8.30 -57.23
CA LEU D 263 -20.16 7.38 -57.74
C LEU D 263 -20.49 5.92 -57.42
N ASP D 264 -19.89 4.98 -58.15
CA ASP D 264 -20.11 3.55 -57.90
C ASP D 264 -19.14 3.03 -56.82
N ILE D 265 -19.49 3.25 -55.56
CA ILE D 265 -18.56 3.02 -54.44
C ILE D 265 -18.24 1.52 -54.28
N PRO D 266 -19.27 0.63 -54.37
CA PRO D 266 -19.01 -0.83 -54.42
C PRO D 266 -17.97 -1.25 -55.46
N TYR D 267 -17.99 -0.60 -56.63
CA TYR D 267 -17.02 -0.93 -57.67
C TYR D 267 -15.68 -0.33 -57.34
N LEU D 268 -15.68 0.94 -56.92
CA LEU D 268 -14.44 1.66 -56.60
C LEU D 268 -13.70 1.09 -55.39
N LEU D 269 -14.46 0.67 -54.38
CA LEU D 269 -13.91 -0.11 -53.26
C LEU D 269 -13.25 -1.41 -53.78
N ASP D 270 -13.95 -2.14 -54.68
CA ASP D 270 -13.48 -3.47 -55.19
C ASP D 270 -12.10 -3.46 -55.85
N LYS D 271 -11.68 -2.32 -56.42
CA LYS D 271 -10.31 -2.21 -56.90
C LYS D 271 -9.60 -1.04 -56.24
N ARG D 272 -8.74 -1.32 -55.25
CA ARG D 272 -7.88 -0.28 -54.66
C ARG D 272 -6.65 -0.82 -53.87
N ASP D 273 -5.84 0.10 -53.34
CA ASP D 273 -4.57 -0.23 -52.66
C ASP D 273 -4.58 0.20 -51.19
N MET D 277 -4.56 4.85 -54.88
CA MET D 277 -5.40 3.71 -54.54
C MET D 277 -6.34 3.28 -55.70
N VAL D 278 -7.13 4.21 -56.28
CA VAL D 278 -8.09 3.87 -57.38
C VAL D 278 -8.19 4.84 -58.59
N THR D 279 -7.87 6.13 -58.41
CA THR D 279 -8.13 7.18 -59.43
C THR D 279 -7.46 6.88 -60.78
N ASN D 280 -6.22 6.37 -60.71
CA ASN D 280 -5.40 6.09 -61.88
C ASN D 280 -6.07 5.29 -63.04
N LEU D 281 -7.01 4.41 -62.74
CA LEU D 281 -7.58 3.57 -63.81
C LEU D 281 -8.78 4.20 -64.50
N PHE D 282 -8.95 5.52 -64.36
CA PHE D 282 -10.08 6.28 -64.96
C PHE D 282 -9.63 7.54 -65.66
N THR D 283 -10.37 7.89 -66.72
CA THR D 283 -10.22 9.17 -67.42
C THR D 283 -11.13 10.22 -66.77
N ASP D 284 -10.91 11.50 -67.11
CA ASP D 284 -11.70 12.61 -66.55
C ASP D 284 -11.36 12.85 -65.06
N VAL D 285 -10.11 12.58 -64.70
CA VAL D 285 -9.61 12.74 -63.33
C VAL D 285 -9.25 14.23 -63.10
N ILE D 286 -10.01 14.89 -62.23
CA ILE D 286 -9.79 16.30 -61.94
C ILE D 286 -8.78 16.43 -60.82
N THR D 287 -8.37 17.65 -60.53
CA THR D 287 -7.39 17.87 -59.49
C THR D 287 -8.10 18.06 -58.15
N ASN D 288 -7.40 17.72 -57.06
CA ASN D 288 -7.94 17.90 -55.71
C ASN D 288 -8.39 19.33 -55.43
N GLU D 289 -7.74 20.31 -56.09
CA GLU D 289 -8.09 21.73 -55.98
C GLU D 289 -9.51 22.00 -56.47
N GLU D 290 -9.84 21.52 -57.67
CA GLU D 290 -11.17 21.81 -58.21
C GLU D 290 -12.23 20.90 -57.62
N LEU D 291 -11.84 19.67 -57.25
CA LEU D 291 -12.78 18.80 -56.55
C LEU D 291 -13.33 19.50 -55.29
N LEU D 292 -12.50 20.28 -54.58
CA LEU D 292 -12.93 21.02 -53.37
C LEU D 292 -14.03 22.06 -53.60
N GLU D 293 -14.02 22.72 -54.77
CA GLU D 293 -14.97 23.80 -55.08
C GLU D 293 -16.26 23.31 -55.74
N LYS D 294 -16.37 22.01 -55.98
CA LYS D 294 -17.53 21.44 -56.63
C LYS D 294 -18.75 21.61 -55.76
N ASP D 295 -19.90 21.37 -56.35
CA ASP D 295 -21.17 21.54 -55.64
C ASP D 295 -21.37 20.25 -54.83
N CYS D 296 -21.76 20.42 -53.57
CA CYS D 296 -22.09 19.30 -52.67
C CYS D 296 -22.78 19.86 -51.41
N ASP D 297 -23.36 18.98 -50.61
CA ASP D 297 -23.80 19.41 -49.29
C ASP D 297 -22.62 19.43 -48.29
N ILE D 298 -21.88 18.31 -48.28
CA ILE D 298 -20.83 18.04 -47.32
C ILE D 298 -19.50 17.86 -48.02
N LEU D 299 -18.49 18.63 -47.60
CA LEU D 299 -17.09 18.41 -47.98
C LEU D 299 -16.27 17.86 -46.78
N VAL D 300 -15.60 16.74 -47.01
CA VAL D 300 -14.68 16.12 -46.03
C VAL D 300 -13.27 16.01 -46.59
N PRO D 301 -12.38 16.96 -46.26
CA PRO D 301 -10.98 16.80 -46.70
C PRO D 301 -10.18 15.89 -45.75
N ALA D 302 -9.32 15.04 -46.32
CA ALA D 302 -8.43 14.15 -45.53
C ALA D 302 -7.09 14.82 -45.51
N ALA D 303 -6.24 14.40 -44.57
CA ALA D 303 -4.80 14.72 -44.50
C ALA D 303 -4.46 16.16 -44.88
N ILE D 304 -3.23 16.36 -45.33
CA ILE D 304 -2.85 17.56 -46.07
C ILE D 304 -3.30 18.86 -45.39
N SER D 305 -2.35 19.50 -44.72
CA SER D 305 -2.57 20.78 -44.12
C SER D 305 -2.94 21.87 -45.15
N ASN D 306 -3.79 22.78 -44.70
CA ASN D 306 -4.04 24.00 -45.43
C ASN D 306 -4.46 23.74 -46.89
N GLN D 307 -5.32 22.72 -47.08
CA GLN D 307 -6.05 22.49 -48.32
C GLN D 307 -6.98 23.64 -48.61
N ILE D 308 -7.86 23.93 -47.66
CA ILE D 308 -8.76 25.07 -47.74
C ILE D 308 -8.08 26.30 -47.12
N THR D 309 -7.79 27.31 -47.94
CA THR D 309 -7.09 28.54 -47.51
C THR D 309 -7.92 29.79 -47.77
N ALA D 310 -7.28 30.96 -47.73
CA ALA D 310 -7.94 32.22 -48.05
C ALA D 310 -8.23 32.31 -49.55
N LYS D 311 -7.45 31.61 -50.38
CA LYS D 311 -7.72 31.53 -51.83
C LYS D 311 -9.03 30.76 -52.07
N ASN D 312 -9.03 29.47 -51.70
CA ASN D 312 -10.18 28.56 -51.79
C ASN D 312 -11.49 28.93 -51.11
N ALA D 313 -11.38 29.56 -49.94
CA ALA D 313 -12.47 29.56 -48.95
C ALA D 313 -13.80 30.02 -49.50
N HIS D 314 -13.74 31.04 -50.35
CA HIS D 314 -14.94 31.67 -50.94
C HIS D 314 -15.59 30.79 -52.00
N ASN D 315 -14.80 29.91 -52.59
CA ASN D 315 -15.29 28.98 -53.60
C ASN D 315 -15.91 27.67 -53.06
N ILE D 316 -15.65 27.33 -51.80
CA ILE D 316 -16.20 26.08 -51.22
C ILE D 316 -17.73 26.18 -51.24
N GLN D 317 -18.35 25.19 -51.84
CA GLN D 317 -19.79 25.20 -52.08
C GLN D 317 -20.58 24.48 -50.99
N ALA D 318 -19.88 23.69 -50.16
CA ALA D 318 -20.54 22.80 -49.24
C ALA D 318 -21.20 23.61 -48.14
N SER D 319 -22.35 23.12 -47.72
CA SER D 319 -23.01 23.68 -46.57
C SER D 319 -22.28 23.27 -45.24
N ILE D 320 -21.61 22.11 -45.29
CA ILE D 320 -20.97 21.52 -44.12
C ILE D 320 -19.57 21.06 -44.52
N VAL D 321 -18.56 21.56 -43.82
CA VAL D 321 -17.20 21.00 -43.92
C VAL D 321 -16.89 20.15 -42.66
N VAL D 322 -16.49 18.90 -42.86
CA VAL D 322 -16.10 18.01 -41.76
C VAL D 322 -14.64 17.61 -41.95
N GLU D 323 -13.76 18.26 -41.18
CA GLU D 323 -12.33 17.94 -41.16
C GLU D 323 -12.13 16.52 -40.62
N ARG D 324 -11.34 15.72 -41.31
CA ARG D 324 -11.04 14.37 -40.86
C ARG D 324 -9.55 14.21 -40.62
N ALA D 325 -8.86 15.31 -40.34
CA ALA D 325 -7.47 15.19 -40.00
C ALA D 325 -6.90 16.53 -39.67
N ASN D 326 -5.73 16.47 -39.04
CA ASN D 326 -4.53 17.10 -39.57
C ASN D 326 -4.50 18.59 -39.97
N GLY D 327 -5.49 19.38 -39.57
CA GLY D 327 -5.46 20.82 -39.83
C GLY D 327 -5.53 21.28 -41.29
N PRO D 328 -6.54 20.79 -42.04
CA PRO D 328 -6.68 21.07 -43.47
C PRO D 328 -7.25 22.48 -43.79
N THR D 329 -7.77 23.20 -42.80
CA THR D 329 -8.34 24.53 -43.02
C THR D 329 -7.54 25.55 -42.26
N THR D 330 -7.12 26.62 -42.93
CA THR D 330 -6.29 27.65 -42.26
C THR D 330 -7.17 28.48 -41.34
N ILE D 331 -6.52 29.25 -40.48
CA ILE D 331 -7.20 30.23 -39.58
C ILE D 331 -8.03 31.24 -40.36
N ASP D 332 -7.50 31.68 -41.49
CA ASP D 332 -8.18 32.67 -42.32
C ASP D 332 -9.37 32.01 -42.99
N ALA D 333 -9.16 30.81 -43.53
CA ALA D 333 -10.24 30.09 -44.20
C ALA D 333 -11.40 29.77 -43.25
N THR D 334 -11.05 29.37 -42.04
CA THR D 334 -12.05 29.04 -41.04
C THR D 334 -12.93 30.27 -40.78
N LYS D 335 -12.25 31.42 -40.62
CA LYS D 335 -12.94 32.70 -40.41
C LYS D 335 -13.93 32.95 -41.56
N ILE D 336 -13.44 32.87 -42.80
CA ILE D 336 -14.30 33.11 -43.98
C ILE D 336 -15.56 32.24 -44.00
N LEU D 337 -15.37 30.92 -43.92
CA LEU D 337 -16.49 29.97 -44.02
C LEU D 337 -17.51 30.19 -42.88
N ASN D 338 -17.01 30.55 -41.70
CA ASN D 338 -17.89 30.88 -40.57
C ASN D 338 -18.80 32.05 -40.96
N GLU D 339 -18.18 33.13 -41.44
CA GLU D 339 -18.92 34.34 -41.88
C GLU D 339 -19.92 33.99 -43.01
N ARG D 340 -19.48 33.19 -44.00
CA ARG D 340 -20.34 32.67 -45.08
C ARG D 340 -21.39 31.65 -44.63
N GLY D 341 -21.49 31.37 -43.32
CA GLY D 341 -22.50 30.45 -42.75
C GLY D 341 -22.35 28.95 -43.05
N VAL D 342 -21.18 28.51 -43.51
CA VAL D 342 -20.94 27.06 -43.64
C VAL D 342 -20.60 26.47 -42.25
N LEU D 343 -21.07 25.23 -42.03
CA LEU D 343 -20.90 24.50 -40.76
C LEU D 343 -19.61 23.72 -40.83
N LEU D 344 -18.59 24.24 -40.11
CA LEU D 344 -17.29 23.57 -39.97
C LEU D 344 -17.16 22.76 -38.68
N VAL D 345 -17.17 21.44 -38.83
CA VAL D 345 -16.89 20.48 -37.77
C VAL D 345 -15.38 20.20 -37.76
N PRO D 346 -14.67 20.71 -36.73
CA PRO D 346 -13.23 20.55 -36.66
C PRO D 346 -12.76 19.12 -36.33
N ASP D 347 -11.51 18.84 -36.70
CA ASP D 347 -10.83 17.53 -36.51
C ASP D 347 -10.84 17.11 -35.03
N ILE D 348 -10.58 18.05 -34.14
CA ILE D 348 -10.45 17.78 -32.74
C ILE D 348 -11.75 17.21 -32.17
N LEU D 349 -12.90 17.57 -32.75
CA LEU D 349 -14.18 16.96 -32.37
C LEU D 349 -14.48 15.76 -33.19
N ALA D 350 -14.23 15.86 -34.49
CA ALA D 350 -14.65 14.79 -35.45
C ALA D 350 -13.86 13.53 -35.23
N SER D 351 -12.58 13.67 -34.90
CA SER D 351 -11.70 12.50 -34.71
C SER D 351 -11.65 11.92 -33.25
N ALA D 352 -12.58 12.35 -32.37
CA ALA D 352 -12.50 12.06 -30.89
C ALA D 352 -12.95 10.66 -30.47
N GLY D 353 -13.41 9.85 -31.42
CA GLY D 353 -13.79 8.51 -31.16
C GLY D 353 -12.63 7.68 -30.66
N GLY D 354 -11.44 7.96 -31.19
CA GLY D 354 -10.23 7.18 -30.87
C GLY D 354 -9.98 7.22 -29.36
N VAL D 355 -9.91 8.44 -28.84
CA VAL D 355 -9.67 8.70 -27.46
C VAL D 355 -10.86 8.20 -26.63
N THR D 356 -12.06 8.25 -27.19
CA THR D 356 -13.21 7.74 -26.49
C THR D 356 -13.21 6.22 -26.22
N VAL D 357 -12.91 5.38 -27.23
CA VAL D 357 -12.83 3.95 -26.98
C VAL D 357 -11.59 3.58 -26.13
N SER D 358 -10.55 4.40 -26.14
CA SER D 358 -9.43 4.15 -25.28
C SER D 358 -9.87 4.39 -23.79
N TYR D 359 -10.63 5.43 -23.55
CA TYR D 359 -11.36 5.60 -22.26
C TYR D 359 -12.18 4.38 -21.88
N PHE D 360 -12.89 3.83 -22.86
CA PHE D 360 -13.83 2.76 -22.58
C PHE D 360 -13.07 1.49 -22.18
N GLU D 361 -11.92 1.30 -22.77
CA GLU D 361 -11.08 0.20 -22.43
C GLU D 361 -10.77 0.30 -20.92
N TRP D 362 -10.34 1.47 -20.47
CA TRP D 362 -10.09 1.72 -19.04
C TRP D 362 -11.33 1.52 -18.11
N VAL D 363 -12.54 1.80 -18.56
CA VAL D 363 -13.71 1.57 -17.76
C VAL D 363 -13.89 0.08 -17.60
N GLN D 364 -13.63 -0.64 -18.68
CA GLN D 364 -13.82 -2.06 -18.68
C GLN D 364 -12.84 -2.79 -17.75
N ASN D 365 -11.58 -2.34 -17.80
CA ASN D 365 -10.55 -2.73 -16.84
C ASN D 365 -10.97 -2.36 -15.40
N ASN D 366 -11.55 -1.18 -15.17
CA ASN D 366 -12.03 -0.89 -13.83
C ASN D 366 -13.03 -1.92 -13.31
N GLN D 367 -13.98 -2.30 -14.17
CA GLN D 367 -15.03 -3.33 -13.88
C GLN D 367 -14.54 -4.78 -13.87
N GLY D 368 -13.53 -5.02 -14.70
CA GLY D 368 -13.15 -6.39 -15.10
C GLY D 368 -14.20 -7.08 -15.92
N TYR D 369 -14.89 -6.30 -16.76
CA TYR D 369 -16.03 -6.77 -17.57
C TYR D 369 -15.94 -6.16 -19.00
N TYR D 370 -16.06 -6.99 -20.01
CA TYR D 370 -15.76 -6.57 -21.38
C TYR D 370 -17.02 -6.49 -22.25
N TRP D 371 -17.16 -5.36 -22.91
CA TRP D 371 -18.32 -5.08 -23.75
C TRP D 371 -18.14 -5.66 -25.17
N SER D 372 -19.27 -6.03 -25.79
CA SER D 372 -19.34 -6.47 -27.19
C SER D 372 -19.08 -5.33 -28.12
N GLU D 373 -18.73 -5.65 -29.37
CA GLU D 373 -18.60 -4.61 -30.45
C GLU D 373 -19.76 -3.60 -30.50
N GLU D 374 -20.97 -4.11 -30.40
CA GLU D 374 -22.17 -3.31 -30.57
C GLU D 374 -22.39 -2.31 -29.41
N GLU D 375 -22.17 -2.81 -28.21
CA GLU D 375 -22.30 -2.01 -27.01
C GLU D 375 -21.28 -0.88 -27.04
N VAL D 376 -20.07 -1.18 -27.48
CA VAL D 376 -19.08 -0.14 -27.63
C VAL D 376 -19.54 0.93 -28.63
N ALA D 377 -20.07 0.48 -29.76
CA ALA D 377 -20.63 1.41 -30.77
C ALA D 377 -21.82 2.26 -30.24
N GLU D 378 -22.76 1.70 -29.46
CA GLU D 378 -23.84 2.52 -28.89
C GLU D 378 -23.27 3.55 -27.92
N LYS D 379 -22.39 3.13 -27.04
CA LYS D 379 -21.80 4.08 -26.11
C LYS D 379 -20.98 5.17 -26.85
N LEU D 380 -20.33 4.78 -27.93
CA LEU D 380 -19.59 5.75 -28.74
C LEU D 380 -20.52 6.85 -29.27
N ARG D 381 -21.64 6.47 -29.87
CA ARG D 381 -22.49 7.48 -30.52
C ARG D 381 -23.13 8.40 -29.52
N SER D 382 -23.62 7.88 -28.41
CA SER D 382 -24.12 8.80 -27.35
C SER D 382 -23.08 9.80 -26.95
N VAL D 383 -21.78 9.42 -26.92
CA VAL D 383 -20.73 10.42 -26.58
C VAL D 383 -20.52 11.47 -27.68
N MET D 384 -20.41 11.01 -28.92
CA MET D 384 -20.19 11.89 -30.04
C MET D 384 -21.38 12.88 -30.22
N VAL D 385 -22.61 12.36 -30.25
CA VAL D 385 -23.83 13.18 -30.29
C VAL D 385 -23.80 14.24 -29.19
N SER D 386 -23.54 13.86 -27.94
CA SER D 386 -23.45 14.90 -26.86
C SER D 386 -22.32 15.92 -27.01
N SER D 387 -21.20 15.52 -27.56
CA SER D 387 -20.07 16.43 -27.71
C SER D 387 -20.38 17.44 -28.81
N PHE D 388 -21.03 16.95 -29.88
CA PHE D 388 -21.44 17.81 -30.99
C PHE D 388 -22.36 18.92 -30.47
N GLU D 389 -23.45 18.53 -29.82
CA GLU D 389 -24.36 19.49 -29.24
C GLU D 389 -23.71 20.49 -28.28
N THR D 390 -22.86 20.07 -27.36
CA THR D 390 -22.27 21.07 -26.45
C THR D 390 -21.48 22.14 -27.20
N ILE D 391 -20.76 21.69 -28.24
CA ILE D 391 -19.84 22.57 -28.96
C ILE D 391 -20.67 23.54 -29.79
N TYR D 392 -21.66 23.03 -30.52
CA TYR D 392 -22.66 23.87 -31.23
C TYR D 392 -23.37 24.90 -30.33
N GLN D 393 -23.96 24.44 -29.22
CA GLN D 393 -24.62 25.37 -28.29
C GLN D 393 -23.62 26.36 -27.71
N THR D 394 -22.37 25.94 -27.53
CA THR D 394 -21.34 26.88 -27.14
C THR D 394 -21.02 27.89 -28.24
N ALA D 395 -20.83 27.41 -29.48
CA ALA D 395 -20.55 28.30 -30.62
C ALA D 395 -21.69 29.37 -30.75
N ALA D 396 -22.95 28.92 -30.78
CA ALA D 396 -24.11 29.84 -30.75
C ALA D 396 -23.99 30.81 -29.58
N THR D 397 -23.91 30.29 -28.37
CA THR D 397 -24.07 31.22 -27.26
C THR D 397 -22.93 32.26 -27.11
N HIS D 398 -21.75 32.00 -27.68
CA HIS D 398 -20.62 32.96 -27.66
C HIS D 398 -20.29 33.57 -29.06
N LYS D 399 -21.05 33.18 -30.10
CA LYS D 399 -20.95 33.73 -31.47
C LYS D 399 -19.53 33.62 -31.93
N VAL D 400 -19.05 32.37 -31.97
CA VAL D 400 -17.72 32.01 -32.43
C VAL D 400 -17.83 30.82 -33.35
N ASP D 401 -16.77 30.48 -34.08
CA ASP D 401 -16.79 29.23 -34.86
C ASP D 401 -16.68 28.00 -33.93
N MET D 402 -17.03 26.84 -34.48
CA MET D 402 -17.06 25.60 -33.73
C MET D 402 -15.64 25.14 -33.37
N ARG D 403 -14.63 25.67 -34.05
CA ARG D 403 -13.27 25.37 -33.69
C ARG D 403 -12.91 26.02 -32.36
N LEU D 404 -13.10 27.33 -32.25
CA LEU D 404 -12.83 28.04 -30.98
C LEU D 404 -13.73 27.50 -29.93
N ALA D 405 -14.93 27.09 -30.34
CA ALA D 405 -15.90 26.56 -29.44
C ALA D 405 -15.42 25.21 -28.89
N ALA D 406 -14.93 24.35 -29.77
CA ALA D 406 -14.28 23.08 -29.37
C ALA D 406 -13.17 23.30 -28.28
N TYR D 407 -12.26 24.23 -28.52
CA TYR D 407 -11.21 24.57 -27.59
C TYR D 407 -11.76 25.07 -26.24
N MET D 408 -12.87 25.80 -26.27
CA MET D 408 -13.42 26.29 -25.03
C MET D 408 -13.99 25.12 -24.30
N THR D 409 -14.69 24.21 -25.02
CA THR D 409 -15.30 23.12 -24.27
C THR D 409 -14.22 22.09 -23.83
N GLY D 410 -13.10 22.08 -24.56
CA GLY D 410 -11.87 21.39 -24.20
C GLY D 410 -11.27 21.67 -22.84
N ILE D 411 -10.87 22.94 -22.56
CA ILE D 411 -10.23 23.30 -21.26
C ILE D 411 -11.19 23.73 -20.19
N ARG D 412 -12.44 23.83 -20.57
CA ARG D 412 -13.47 24.30 -19.65
C ARG D 412 -13.64 23.37 -18.44
N LYS D 413 -13.67 22.07 -18.69
CA LYS D 413 -13.87 21.08 -17.61
C LYS D 413 -12.78 21.20 -16.60
N SER D 414 -11.52 21.21 -17.07
CA SER D 414 -10.37 21.30 -16.22
C SER D 414 -10.36 22.59 -15.48
N ALA D 415 -10.83 23.66 -16.17
CA ALA D 415 -10.92 24.97 -15.57
C ALA D 415 -11.92 24.97 -14.43
N GLU D 416 -13.09 24.45 -14.66
CA GLU D 416 -14.12 24.46 -13.63
C GLU D 416 -13.74 23.53 -12.45
N ALA D 417 -13.18 22.37 -12.82
CA ALA D 417 -12.64 21.44 -11.81
C ALA D 417 -11.57 22.09 -10.88
N SER D 418 -10.69 22.86 -11.48
CA SER D 418 -9.56 23.43 -10.76
C SER D 418 -10.07 24.50 -9.76
N ARG D 419 -11.09 25.25 -10.22
CA ARG D 419 -11.78 26.29 -9.40
C ARG D 419 -12.41 25.62 -8.20
N PHE D 420 -13.31 24.66 -8.50
CA PHE D 420 -14.04 23.92 -7.49
C PHE D 420 -13.10 23.34 -6.44
N ARG D 421 -11.92 22.91 -6.84
CA ARG D 421 -10.99 22.25 -5.95
C ARG D 421 -10.09 23.22 -5.16
N GLY D 422 -10.25 24.52 -5.40
CA GLY D 422 -9.57 25.50 -4.56
C GLY D 422 -8.15 25.79 -5.01
N TRP D 423 -7.80 25.40 -6.26
CA TRP D 423 -6.44 25.65 -6.79
C TRP D 423 -6.18 27.09 -7.29
N VAL D 424 -7.15 27.67 -8.00
CA VAL D 424 -7.10 29.07 -8.49
C VAL D 424 -8.46 29.67 -8.23
N LYS E 12 23.29 30.73 -20.35
CA LYS E 12 24.60 30.33 -20.94
C LYS E 12 25.61 30.11 -19.81
N GLU E 13 25.64 31.03 -18.85
CA GLU E 13 26.50 30.91 -17.67
C GLU E 13 26.08 29.63 -16.92
N ALA E 14 24.79 29.54 -16.58
CA ALA E 14 24.14 28.33 -15.96
C ALA E 14 24.39 27.00 -16.70
N LEU E 15 24.19 27.00 -18.02
CA LEU E 15 24.53 25.86 -18.89
C LEU E 15 26.01 25.48 -18.71
N ASN E 16 26.87 26.47 -18.43
CA ASN E 16 28.29 26.19 -18.27
C ASN E 16 28.61 25.52 -16.96
N LEU E 17 28.00 25.95 -15.85
CA LEU E 17 28.12 25.19 -14.58
C LEU E 17 27.87 23.67 -14.86
N PHE E 18 26.82 23.38 -15.62
CA PHE E 18 26.41 22.01 -15.90
C PHE E 18 27.37 21.27 -16.85
N LEU E 19 27.76 21.90 -17.97
CA LEU E 19 28.78 21.35 -18.87
C LEU E 19 30.13 21.16 -18.17
N SER E 20 30.54 22.19 -17.45
CA SER E 20 31.73 22.18 -16.61
C SER E 20 31.74 21.00 -15.58
N THR E 21 30.57 20.76 -14.95
CA THR E 21 30.36 19.71 -13.96
C THR E 21 30.44 18.36 -14.67
N GLN E 22 29.95 18.26 -15.90
CA GLN E 22 30.03 17.00 -16.67
C GLN E 22 31.48 16.63 -17.04
N THR E 23 32.29 17.64 -17.39
CA THR E 23 33.68 17.42 -17.79
C THR E 23 34.48 16.88 -16.65
N ILE E 24 34.17 17.36 -15.44
CA ILE E 24 34.75 16.80 -14.22
C ILE E 24 34.37 15.33 -14.06
N ILE E 25 33.08 15.00 -14.30
CA ILE E 25 32.61 13.63 -14.21
C ILE E 25 33.26 12.71 -15.24
N LYS E 26 33.31 13.15 -16.50
CA LYS E 26 33.93 12.37 -17.59
C LYS E 26 35.41 12.05 -17.25
N GLU E 27 36.09 13.02 -16.66
CA GLU E 27 37.51 12.88 -16.37
C GLU E 27 37.78 11.98 -15.15
N ALA E 28 37.07 12.20 -14.04
CA ALA E 28 37.12 11.30 -12.90
C ALA E 28 36.75 9.84 -13.30
N LEU E 29 35.72 9.65 -14.13
CA LEU E 29 35.35 8.28 -14.55
C LEU E 29 36.43 7.59 -15.37
N ARG E 30 37.04 8.37 -16.26
CA ARG E 30 38.14 7.90 -17.11
C ARG E 30 39.38 7.47 -16.29
N LYS E 31 39.80 8.33 -15.39
CA LYS E 31 40.93 8.02 -14.54
C LYS E 31 40.63 6.82 -13.65
N LEU E 32 39.35 6.57 -13.39
CA LEU E 32 38.94 5.41 -12.63
C LEU E 32 38.99 4.16 -13.48
N GLY E 33 39.05 4.27 -14.80
CA GLY E 33 39.17 3.09 -15.65
C GLY E 33 37.91 2.64 -16.31
N TYR E 34 36.87 3.47 -16.21
CA TYR E 34 35.57 3.11 -16.78
C TYR E 34 35.51 3.48 -18.26
N PRO E 35 34.86 2.63 -19.06
CA PRO E 35 34.51 3.02 -20.45
C PRO E 35 33.40 4.09 -20.50
N GLY E 36 33.07 4.52 -21.71
CA GLY E 36 32.22 5.66 -21.94
C GLY E 36 30.80 5.48 -21.40
N ASP E 37 30.30 4.25 -21.39
CA ASP E 37 28.90 4.05 -21.06
C ASP E 37 28.64 4.49 -19.58
N MET E 38 29.60 4.33 -18.72
CA MET E 38 29.39 4.80 -17.37
C MET E 38 29.12 6.32 -17.35
N TYR E 39 29.88 7.06 -18.14
CA TYR E 39 29.68 8.50 -18.24
C TYR E 39 28.29 8.85 -18.74
N GLU E 40 27.81 8.14 -19.76
CA GLU E 40 26.47 8.39 -20.28
C GLU E 40 25.35 8.25 -19.19
N LEU E 41 25.61 7.32 -18.26
CA LEU E 41 24.73 7.02 -17.14
C LEU E 41 24.79 8.15 -16.14
N MET E 42 26.00 8.61 -15.86
CA MET E 42 26.24 9.65 -14.83
C MET E 42 26.02 11.10 -15.23
N LYS E 43 26.06 11.41 -16.53
CA LYS E 43 26.16 12.86 -16.96
C LYS E 43 24.89 13.67 -16.79
N GLU E 44 23.79 12.95 -16.59
CA GLU E 44 22.48 13.55 -16.52
C GLU E 44 21.65 12.75 -15.45
N PRO E 45 20.70 13.38 -14.72
CA PRO E 45 20.06 12.69 -13.60
C PRO E 45 19.14 11.59 -14.00
N GLN E 46 19.03 10.55 -13.17
CA GLN E 46 18.06 9.47 -13.35
C GLN E 46 16.67 10.04 -13.55
N ARG E 47 16.33 10.98 -12.68
CA ARG E 47 15.03 11.69 -12.76
C ARG E 47 15.18 13.16 -12.52
N MET E 48 14.42 13.92 -13.31
CA MET E 48 14.27 15.35 -13.13
C MET E 48 12.77 15.64 -13.16
N LEU E 49 12.27 16.25 -12.10
CA LEU E 49 10.85 16.60 -12.02
C LEU E 49 10.69 18.10 -11.98
N THR E 50 9.84 18.61 -12.84
CA THR E 50 9.49 19.99 -12.71
C THR E 50 8.00 20.21 -12.49
N VAL E 51 7.69 21.02 -11.48
CA VAL E 51 6.31 21.14 -10.99
C VAL E 51 5.85 22.59 -11.06
N ARG E 52 4.53 22.78 -11.16
CA ARG E 52 3.93 24.09 -11.09
C ARG E 52 3.05 24.13 -9.86
N ILE E 53 3.28 25.10 -8.98
CA ILE E 53 2.72 25.14 -7.62
C ILE E 53 1.85 26.38 -7.40
N PRO E 54 0.51 26.22 -7.34
CA PRO E 54 -0.33 27.43 -7.14
C PRO E 54 -0.36 27.86 -5.69
N VAL E 55 -0.11 29.13 -5.39
CA VAL E 55 -0.06 29.59 -4.01
C VAL E 55 -0.96 30.83 -3.79
N LYS E 56 -1.76 30.74 -2.74
CA LYS E 56 -2.65 31.85 -2.36
C LYS E 56 -1.79 32.94 -1.75
N MET E 57 -1.62 34.04 -2.47
CA MET E 57 -0.87 35.19 -1.95
C MET E 57 -1.75 36.00 -0.98
N ASP E 58 -1.09 36.66 -0.03
CA ASP E 58 -1.73 37.47 1.00
C ASP E 58 -2.68 38.51 0.43
N ASN E 59 -2.33 39.11 -0.70
CA ASN E 59 -3.24 40.07 -1.30
C ASN E 59 -4.47 39.44 -1.93
N GLY E 60 -4.68 38.13 -1.81
CA GLY E 60 -5.85 37.52 -2.45
C GLY E 60 -5.63 36.94 -3.83
N SER E 61 -4.63 37.44 -4.58
CA SER E 61 -4.19 36.78 -5.82
C SER E 61 -3.70 35.32 -5.64
N VAL E 62 -3.59 34.64 -6.79
CA VAL E 62 -2.99 33.34 -6.89
C VAL E 62 -1.82 33.46 -7.84
N LYS E 63 -0.67 32.98 -7.36
CA LYS E 63 0.54 32.97 -8.11
C LYS E 63 0.98 31.48 -8.28
N VAL E 64 1.35 31.11 -9.49
CA VAL E 64 1.82 29.78 -9.76
C VAL E 64 3.36 29.79 -9.86
N PHE E 65 4.04 29.16 -8.89
CA PHE E 65 5.48 29.01 -8.92
C PHE E 65 6.03 27.75 -9.65
N THR E 66 7.23 27.88 -10.20
CA THR E 66 7.95 26.73 -10.73
C THR E 66 8.96 26.17 -9.72
N GLY E 67 8.85 24.85 -9.51
CA GLY E 67 9.81 24.10 -8.70
C GLY E 67 10.46 22.94 -9.45
N TYR E 68 11.54 22.45 -8.85
CA TYR E 68 12.38 21.43 -9.43
C TYR E 68 12.82 20.46 -8.37
N ARG E 69 13.02 19.22 -8.82
CA ARG E 69 13.78 18.27 -8.03
C ARG E 69 14.47 17.30 -8.96
N SER E 70 15.80 17.31 -8.89
CA SER E 70 16.72 16.44 -9.61
C SER E 70 17.27 15.37 -8.71
N GLN E 71 17.14 14.12 -9.17
CA GLN E 71 17.66 12.96 -8.45
C GLN E 71 18.64 12.30 -9.39
N HIS E 72 19.89 12.49 -9.02
CA HIS E 72 20.96 12.20 -9.91
C HIS E 72 21.20 10.70 -10.11
N ASN E 73 21.48 10.01 -9.00
CA ASN E 73 21.75 8.59 -8.98
C ASN E 73 21.53 7.98 -7.57
N ASP E 74 20.74 6.92 -7.50
CA ASP E 74 20.35 6.26 -6.25
C ASP E 74 20.86 4.83 -6.18
N ALA E 75 21.84 4.47 -6.99
CA ALA E 75 22.51 3.17 -6.91
C ALA E 75 22.98 2.80 -5.51
N VAL E 76 23.54 3.77 -4.80
CA VAL E 76 24.17 3.50 -3.51
C VAL E 76 23.12 3.64 -2.38
N GLY E 77 22.03 4.34 -2.64
CA GLY E 77 21.10 4.68 -1.60
C GLY E 77 20.12 5.74 -2.10
N PRO E 78 19.18 6.15 -1.24
CA PRO E 78 18.36 7.30 -1.62
C PRO E 78 19.21 8.54 -1.86
N THR E 79 18.57 9.52 -2.50
CA THR E 79 19.25 10.72 -2.89
C THR E 79 19.04 11.70 -1.70
N LYS E 80 19.93 12.68 -1.65
CA LYS E 80 20.07 13.55 -0.49
C LYS E 80 20.51 14.89 -1.00
N GLY E 81 19.82 15.94 -0.57
CA GLY E 81 20.29 17.33 -0.82
C GLY E 81 19.24 18.42 -0.66
N GLY E 82 19.70 19.67 -0.58
CA GLY E 82 18.86 20.75 -0.14
C GLY E 82 17.97 21.29 -1.20
N VAL E 83 17.05 22.17 -0.75
CA VAL E 83 16.16 22.93 -1.62
C VAL E 83 16.43 24.43 -1.46
N ARG E 84 16.58 25.07 -2.61
CA ARG E 84 16.87 26.51 -2.70
C ARG E 84 15.61 27.31 -3.04
N PHE E 85 15.44 28.44 -2.38
CA PHE E 85 14.43 29.43 -2.77
C PHE E 85 15.18 30.68 -3.27
N HIS E 86 15.19 30.91 -4.58
CA HIS E 86 15.89 32.08 -5.09
C HIS E 86 15.39 32.48 -6.47
N PRO E 87 15.35 33.81 -6.77
CA PRO E 87 14.86 34.27 -8.08
C PRO E 87 15.64 33.73 -9.26
N GLU E 88 16.90 33.36 -9.04
CA GLU E 88 17.79 32.85 -10.12
C GLU E 88 17.80 31.33 -10.30
N VAL E 89 17.01 30.62 -9.49
CA VAL E 89 17.03 29.19 -9.55
C VAL E 89 16.75 28.78 -10.98
N ASN E 90 17.47 27.81 -11.48
CA ASN E 90 17.06 27.27 -12.80
C ASN E 90 17.36 25.77 -12.96
N GLU E 91 16.82 25.18 -14.01
CA GLU E 91 16.86 23.76 -14.15
C GLU E 91 18.30 23.17 -14.23
N GLU E 92 19.11 23.72 -15.13
CA GLU E 92 20.45 23.19 -15.39
C GLU E 92 21.32 23.37 -14.14
N LYS E 93 21.05 24.40 -13.36
CA LYS E 93 21.81 24.61 -12.15
C LYS E 93 21.38 23.62 -11.07
N VAL E 94 20.10 23.25 -11.07
CA VAL E 94 19.59 22.32 -10.09
C VAL E 94 20.17 20.93 -10.40
N LYS E 95 20.11 20.54 -11.67
CA LYS E 95 20.76 19.34 -12.13
C LYS E 95 22.24 19.28 -11.71
N ALA E 96 23.01 20.31 -12.09
CA ALA E 96 24.45 20.34 -11.86
C ALA E 96 24.70 20.18 -10.37
N LEU E 97 23.92 20.91 -9.55
CA LEU E 97 24.13 20.85 -8.08
C LEU E 97 23.82 19.44 -7.47
N SER E 98 22.88 18.73 -8.09
CA SER E 98 22.56 17.36 -7.69
C SER E 98 23.75 16.38 -7.93
N ILE E 99 24.47 16.62 -9.05
CA ILE E 99 25.70 15.88 -9.35
C ILE E 99 26.76 16.20 -8.34
N TRP E 100 27.00 17.47 -8.09
CA TRP E 100 27.96 17.86 -7.04
C TRP E 100 27.62 17.19 -5.72
N MET E 101 26.32 17.06 -5.47
CA MET E 101 25.87 16.43 -4.22
C MET E 101 26.22 14.92 -4.21
N THR E 102 26.14 14.24 -5.36
CA THR E 102 26.62 12.88 -5.42
C THR E 102 28.07 12.79 -4.93
N LEU E 103 28.92 13.69 -5.42
CA LEU E 103 30.36 13.61 -5.11
C LEU E 103 30.61 13.84 -3.62
N LYS E 104 29.93 14.81 -3.02
CA LYS E 104 30.06 15.05 -1.59
C LYS E 104 29.66 13.83 -0.80
N CYS E 105 28.65 13.11 -1.27
CA CYS E 105 28.20 11.89 -0.56
C CYS E 105 29.25 10.78 -0.63
N GLY E 106 29.77 10.55 -1.82
CA GLY E 106 30.84 9.56 -1.96
C GLY E 106 32.08 9.92 -1.11
N ILE E 107 32.43 11.19 -1.04
CA ILE E 107 33.64 11.64 -0.31
C ILE E 107 33.48 11.41 1.16
N ALA E 108 32.27 11.61 1.68
CA ALA E 108 31.96 11.29 3.10
C ALA E 108 31.54 9.83 3.32
N ASN E 109 31.54 9.04 2.23
CA ASN E 109 31.17 7.62 2.29
C ASN E 109 29.75 7.48 2.91
N LEU E 110 28.84 8.34 2.47
CA LEU E 110 27.45 8.34 2.94
C LEU E 110 26.67 7.31 2.07
N PRO E 111 25.69 6.56 2.64
CA PRO E 111 24.89 5.65 1.85
C PRO E 111 23.78 6.40 1.07
N TYR E 112 24.19 7.38 0.26
CA TYR E 112 23.29 8.28 -0.44
C TYR E 112 23.79 8.55 -1.84
N GLY E 113 22.93 8.94 -2.75
CA GLY E 113 23.34 9.62 -3.95
C GLY E 113 22.90 11.06 -3.89
N GLY E 114 23.10 11.81 -4.98
CA GLY E 114 22.81 13.22 -5.04
C GLY E 114 21.41 13.62 -5.44
N GLY E 115 20.79 14.48 -4.62
CA GLY E 115 19.55 15.14 -4.96
C GLY E 115 19.68 16.64 -4.70
N LYS E 116 18.92 17.46 -5.43
CA LYS E 116 18.79 18.90 -5.17
C LYS E 116 17.46 19.41 -5.73
N GLY E 117 16.93 20.46 -5.12
CA GLY E 117 15.74 21.11 -5.62
C GLY E 117 15.79 22.62 -5.48
N GLY E 118 14.78 23.27 -6.01
CA GLY E 118 14.66 24.71 -5.85
C GLY E 118 13.36 25.22 -6.41
N ILE E 119 13.05 26.42 -6.04
CA ILE E 119 11.82 27.09 -6.50
C ILE E 119 12.28 28.45 -6.93
N ILE E 120 11.90 28.83 -8.15
CA ILE E 120 12.14 30.17 -8.67
C ILE E 120 11.22 31.14 -7.93
N CYS E 121 11.77 31.85 -6.94
CA CYS E 121 10.96 32.77 -6.14
C CYS E 121 11.82 33.73 -5.36
N ASP E 122 11.23 34.80 -4.81
CA ASP E 122 12.00 35.72 -4.02
C ASP E 122 11.51 35.79 -2.60
N PRO E 123 12.09 34.96 -1.76
CA PRO E 123 11.70 34.96 -0.39
C PRO E 123 11.88 36.27 0.43
N ARG E 124 12.64 37.26 -0.08
CA ARG E 124 12.83 38.50 0.72
C ARG E 124 11.57 39.30 0.65
N THR E 125 10.81 39.10 -0.42
CA THR E 125 9.63 39.86 -0.63
C THR E 125 8.35 39.09 -0.26
N MET E 126 8.45 38.02 0.52
CA MET E 126 7.28 37.21 0.78
C MET E 126 7.04 37.17 2.27
N SER E 127 5.77 37.09 2.68
CA SER E 127 5.44 36.94 4.11
C SER E 127 5.74 35.52 4.61
N PHE E 128 5.93 35.35 5.92
CA PHE E 128 6.06 34.00 6.48
C PHE E 128 4.91 33.05 6.06
N GLY E 129 3.70 33.58 5.97
CA GLY E 129 2.55 32.81 5.58
C GLY E 129 2.65 32.35 4.14
N GLU E 130 3.19 33.18 3.26
CA GLU E 130 3.29 32.79 1.85
C GLU E 130 4.37 31.73 1.68
N LEU E 131 5.43 31.85 2.47
CA LEU E 131 6.47 30.88 2.51
C LEU E 131 6.05 29.49 3.06
N GLU E 132 5.19 29.49 4.06
CA GLU E 132 4.61 28.25 4.53
C GLU E 132 3.85 27.57 3.40
N ARG E 133 3.00 28.34 2.72
CA ARG E 133 2.07 27.74 1.78
C ARG E 133 2.82 27.26 0.59
N LEU E 134 3.85 27.95 0.20
CA LEU E 134 4.69 27.51 -0.95
C LEU E 134 5.47 26.25 -0.55
N SER E 135 5.95 26.21 0.70
CA SER E 135 6.70 25.06 1.14
C SER E 135 5.82 23.80 1.11
N ARG E 136 4.58 23.96 1.60
CA ARG E 136 3.60 22.89 1.68
C ARG E 136 3.21 22.48 0.29
N GLY E 137 2.95 23.43 -0.59
CA GLY E 137 2.63 23.14 -2.01
C GLY E 137 3.75 22.36 -2.70
N TYR E 138 5.02 22.59 -2.28
CA TYR E 138 6.19 21.93 -2.94
C TYR E 138 6.19 20.46 -2.54
N VAL E 139 6.00 20.21 -1.26
CA VAL E 139 5.88 18.85 -0.78
C VAL E 139 4.74 18.10 -1.46
N ARG E 140 3.55 18.67 -1.41
CA ARG E 140 2.42 18.13 -2.14
C ARG E 140 2.74 17.92 -3.65
N ALA E 141 3.52 18.76 -4.29
CA ALA E 141 3.71 18.58 -5.75
C ALA E 141 4.66 17.43 -6.03
N ILE E 142 5.59 17.13 -5.09
CA ILE E 142 6.68 16.17 -5.36
C ILE E 142 6.64 14.90 -4.51
N SER E 143 5.63 14.77 -3.66
CA SER E 143 5.59 13.71 -2.65
C SER E 143 5.67 12.26 -3.23
N GLN E 144 5.19 12.07 -4.45
CA GLN E 144 5.25 10.75 -5.12
C GLN E 144 6.67 10.17 -5.25
N ILE E 145 7.70 11.06 -5.27
CA ILE E 145 9.07 10.62 -5.60
C ILE E 145 10.04 10.89 -4.51
N VAL E 146 9.53 11.23 -3.32
CA VAL E 146 10.33 11.68 -2.21
C VAL E 146 9.90 11.00 -0.90
N GLY E 147 10.79 11.02 0.10
CA GLY E 147 10.56 10.40 1.40
C GLY E 147 11.84 9.83 2.00
N PRO E 148 11.74 9.31 3.24
CA PRO E 148 12.87 8.87 4.03
C PRO E 148 13.66 7.73 3.44
N THR E 149 13.05 6.94 2.53
CA THR E 149 13.72 5.87 1.81
C THR E 149 14.06 6.16 0.35
N LYS E 150 13.70 7.36 -0.11
CA LYS E 150 13.76 7.77 -1.55
C LYS E 150 14.63 8.99 -1.82
N ASP E 151 14.38 10.09 -1.13
CA ASP E 151 14.96 11.40 -1.45
C ASP E 151 14.68 12.35 -0.26
N ILE E 152 15.75 12.82 0.34
CA ILE E 152 15.70 13.46 1.65
C ILE E 152 16.23 14.91 1.49
N PRO E 153 15.33 15.92 1.46
CA PRO E 153 15.84 17.28 1.30
C PRO E 153 16.48 17.84 2.57
N ALA E 154 16.81 19.12 2.54
CA ALA E 154 17.68 19.80 3.55
C ALA E 154 17.63 21.28 3.26
N PRO E 155 18.08 22.14 4.20
CA PRO E 155 18.15 23.57 3.92
C PRO E 155 19.17 23.90 2.85
N ASP E 156 19.07 25.09 2.32
CA ASP E 156 19.94 25.58 1.26
C ASP E 156 19.68 27.10 1.25
N VAL E 157 19.90 27.75 0.11
CA VAL E 157 19.71 29.19 -0.01
C VAL E 157 18.27 29.66 0.24
N TYR E 158 18.15 30.52 1.28
CA TYR E 158 16.89 31.10 1.78
C TYR E 158 15.90 30.09 2.31
N THR E 159 16.38 28.92 2.75
CA THR E 159 15.49 27.97 3.43
C THR E 159 16.17 27.60 4.73
N ASN E 160 15.39 27.18 5.70
CA ASN E 160 15.89 27.10 7.03
C ASN E 160 15.10 26.05 7.76
N SER E 161 15.37 25.94 9.06
CA SER E 161 14.83 24.89 9.87
C SER E 161 13.31 25.05 9.99
N GLN E 162 12.82 26.29 9.94
CA GLN E 162 11.37 26.55 9.93
C GLN E 162 10.77 26.00 8.65
N ILE E 163 11.34 26.29 7.48
CA ILE E 163 10.89 25.71 6.21
C ILE E 163 10.88 24.17 6.30
N MET E 164 11.91 23.62 6.97
CA MET E 164 12.03 22.18 7.11
C MET E 164 10.86 21.65 7.92
N ALA E 165 10.56 22.33 9.02
CA ALA E 165 9.49 21.92 9.93
C ALA E 165 8.15 21.92 9.16
N TRP E 166 7.87 22.96 8.41
CA TRP E 166 6.65 22.98 7.62
C TRP E 166 6.59 21.80 6.62
N MET E 167 7.71 21.49 5.99
CA MET E 167 7.72 20.46 4.95
C MET E 167 7.56 19.08 5.61
N MET E 168 8.29 18.85 6.72
CA MET E 168 8.13 17.67 7.54
C MET E 168 6.67 17.51 7.93
N ASP E 169 6.03 18.58 8.37
CA ASP E 169 4.66 18.46 8.82
C ASP E 169 3.66 18.10 7.67
N GLU E 170 3.81 18.76 6.53
CA GLU E 170 2.98 18.43 5.36
C GLU E 170 3.08 16.97 4.91
N TYR E 171 4.32 16.48 4.75
CA TYR E 171 4.57 15.09 4.32
C TYR E 171 4.06 14.07 5.35
N SER E 172 4.34 14.31 6.63
CA SER E 172 3.67 13.53 7.71
C SER E 172 2.13 13.46 7.59
N ARG E 173 1.51 14.56 7.26
CA ARG E 173 0.05 14.58 7.13
C ARG E 173 -0.38 13.70 5.93
N LEU E 174 0.32 13.80 4.81
CA LEU E 174 0.06 13.02 3.62
C LEU E 174 0.10 11.50 3.93
N ARG E 175 1.09 11.07 4.71
CA ARG E 175 1.30 9.68 5.02
C ARG E 175 0.54 9.14 6.24
N GLU E 176 0.03 10.05 7.09
CA GLU E 176 -0.78 9.74 8.27
C GLU E 176 0.06 9.27 9.41
N PHE E 177 1.34 9.58 9.33
CA PHE E 177 2.26 9.34 10.44
C PHE E 177 3.50 10.26 10.46
N ASP E 178 3.97 10.59 11.67
CA ASP E 178 5.18 11.41 11.76
C ASP E 178 6.34 10.78 10.94
N SER E 179 6.92 11.57 10.06
CA SER E 179 7.99 11.17 9.13
C SER E 179 9.22 12.10 9.20
N PRO E 180 9.84 12.18 10.38
CA PRO E 180 10.95 13.11 10.59
C PRO E 180 12.10 12.88 9.60
N GLY E 181 12.32 11.61 9.24
CA GLY E 181 13.40 11.24 8.34
C GLY E 181 13.18 11.60 6.87
N PHE E 182 12.04 12.19 6.53
CA PHE E 182 11.85 12.76 5.16
C PHE E 182 12.84 13.89 4.80
N ILE E 183 13.31 14.63 5.81
CA ILE E 183 13.95 15.96 5.61
C ILE E 183 14.85 16.30 6.82
N THR E 184 16.01 16.89 6.55
CA THR E 184 16.97 17.11 7.62
C THR E 184 17.14 18.62 7.83
N GLY E 185 17.96 19.03 8.77
CA GLY E 185 17.98 20.45 9.22
C GLY E 185 16.73 20.86 10.04
N LYS E 186 16.03 19.90 10.65
CA LYS E 186 14.84 20.22 11.40
C LYS E 186 15.23 20.78 12.76
N PRO E 187 14.30 21.50 13.39
CA PRO E 187 14.55 21.85 14.80
C PRO E 187 14.72 20.66 15.65
N LEU E 188 15.31 20.85 16.81
CA LEU E 188 15.62 19.73 17.70
C LEU E 188 14.33 19.04 18.17
N VAL E 189 13.29 19.81 18.53
CA VAL E 189 12.11 19.16 19.11
C VAL E 189 11.36 18.31 18.10
N LEU E 190 11.67 18.46 16.80
CA LEU E 190 11.07 17.66 15.72
C LEU E 190 12.04 16.63 15.16
N GLY E 191 13.07 16.25 15.91
CA GLY E 191 14.01 15.20 15.49
C GLY E 191 15.22 15.70 14.69
N GLY E 192 15.63 16.94 14.96
CA GLY E 192 16.85 17.46 14.47
C GLY E 192 17.99 16.83 15.23
N SER E 193 19.21 17.09 14.76
CA SER E 193 20.42 16.58 15.41
C SER E 193 21.19 17.63 16.21
N GLN E 194 21.77 17.26 17.34
CA GLN E 194 22.87 18.00 17.91
C GLN E 194 24.04 18.17 16.90
N GLY E 195 24.84 19.22 17.10
CA GLY E 195 26.08 19.45 16.34
C GLY E 195 25.95 20.04 14.95
N ARG E 196 24.75 20.46 14.59
CA ARG E 196 24.42 20.92 13.27
C ARG E 196 25.07 22.26 12.96
N GLU E 197 25.06 23.12 13.98
CA GLU E 197 25.44 24.53 13.83
C GLU E 197 26.94 24.65 13.50
N THR E 198 27.78 23.94 14.25
CA THR E 198 29.24 23.96 14.10
C THR E 198 29.82 22.97 13.05
N ALA E 199 28.99 22.04 12.57
CA ALA E 199 29.45 20.88 11.77
C ALA E 199 30.46 21.21 10.64
N THR E 200 30.16 22.19 9.82
CA THR E 200 31.05 22.51 8.72
C THR E 200 32.42 23.10 9.16
N ALA E 201 32.43 23.96 10.18
CA ALA E 201 33.66 24.57 10.70
C ALA E 201 34.49 23.57 11.47
N GLN E 202 33.83 22.65 12.18
CA GLN E 202 34.54 21.60 12.91
C GLN E 202 35.27 20.70 11.94
N GLY E 203 34.66 20.45 10.78
CA GLY E 203 35.24 19.63 9.74
C GLY E 203 36.44 20.25 9.06
N VAL E 204 36.39 21.56 8.82
CA VAL E 204 37.61 22.29 8.41
C VAL E 204 38.72 22.21 9.47
N THR E 205 38.43 22.54 10.71
CA THR E 205 39.47 22.42 11.73
C THR E 205 40.00 21.00 11.79
N ILE E 206 39.18 19.99 11.46
CA ILE E 206 39.66 18.57 11.39
C ILE E 206 40.66 18.27 10.25
N CYS E 207 40.39 18.83 9.08
CA CYS E 207 41.28 18.69 7.93
C CYS E 207 42.63 19.37 8.15
N ILE E 208 42.64 20.48 8.88
CA ILE E 208 43.86 21.18 9.27
C ILE E 208 44.69 20.28 10.19
N GLU E 209 44.04 19.59 11.14
CA GLU E 209 44.76 18.71 12.08
C GLU E 209 45.48 17.61 11.30
N GLU E 210 44.90 17.26 10.14
CA GLU E 210 45.38 16.12 9.36
C GLU E 210 46.41 16.53 8.35
N ALA E 211 46.24 17.73 7.80
CA ALA E 211 47.24 18.33 6.91
C ALA E 211 48.61 18.52 7.66
N VAL E 212 48.51 18.91 8.94
CA VAL E 212 49.67 19.10 9.81
C VAL E 212 50.32 17.76 10.26
N LYS E 213 49.54 16.67 10.38
CA LYS E 213 50.15 15.35 10.61
C LYS E 213 50.95 14.98 9.39
N LYS E 214 50.36 15.16 8.20
CA LYS E 214 51.00 14.79 6.94
C LYS E 214 52.27 15.58 6.74
N LYS E 215 52.21 16.86 7.07
CA LYS E 215 53.37 17.73 6.84
C LYS E 215 54.38 17.76 8.02
N GLY E 216 54.25 16.83 8.96
CA GLY E 216 55.14 16.72 10.11
C GLY E 216 54.95 17.69 11.28
N ILE E 217 54.24 18.82 11.09
CA ILE E 217 54.15 19.90 12.09
C ILE E 217 53.25 19.60 13.29
N LYS E 218 53.68 19.99 14.49
CA LYS E 218 52.85 19.83 15.68
C LYS E 218 51.92 21.05 15.74
N LEU E 219 50.63 20.79 15.96
CA LEU E 219 49.58 21.82 15.86
C LEU E 219 49.85 23.02 16.79
N GLN E 220 50.27 22.71 18.03
CA GLN E 220 50.78 23.70 18.99
C GLN E 220 51.61 24.78 18.28
N ASN E 221 52.50 24.31 17.40
CA ASN E 221 53.52 25.14 16.74
C ASN E 221 53.14 25.68 15.34
N ALA E 222 52.00 25.25 14.81
CA ALA E 222 51.50 25.71 13.51
C ALA E 222 51.46 27.25 13.39
N ARG E 223 51.59 27.75 12.16
CA ARG E 223 51.70 29.20 11.95
C ARG E 223 50.85 29.64 10.74
N ILE E 224 49.59 30.04 10.98
CA ILE E 224 48.54 30.11 9.92
C ILE E 224 48.02 31.50 9.53
N ILE E 225 47.81 31.73 8.24
CA ILE E 225 47.04 32.89 7.75
C ILE E 225 45.59 32.50 7.44
N ILE E 226 44.65 33.41 7.73
CA ILE E 226 43.20 33.21 7.47
C ILE E 226 42.56 34.37 6.69
N GLN E 227 42.17 34.17 5.44
CA GLN E 227 41.54 35.24 4.64
C GLN E 227 40.01 35.27 4.86
N GLY E 228 39.42 36.45 5.07
CA GLY E 228 37.97 36.59 5.38
C GLY E 228 37.68 36.29 6.85
N PHE E 229 37.16 37.26 7.59
CA PHE E 229 37.04 37.12 9.08
C PHE E 229 35.59 37.00 9.57
N GLY E 230 34.66 36.75 8.64
CA GLY E 230 33.28 36.43 9.00
C GLY E 230 33.16 35.08 9.70
N ASN E 231 32.02 34.41 9.49
CA ASN E 231 31.64 33.21 10.26
C ASN E 231 32.65 32.05 10.05
N ALA E 232 33.06 31.87 8.80
CA ALA E 232 34.12 30.94 8.46
C ALA E 232 35.33 31.18 9.36
N GLY E 233 36.07 32.24 9.07
CA GLY E 233 37.35 32.52 9.72
C GLY E 233 37.24 32.67 11.22
N SER E 234 36.10 33.22 11.64
CA SER E 234 35.75 33.39 13.04
C SER E 234 36.04 32.12 13.87
N PHE E 235 35.45 30.98 13.51
CA PHE E 235 35.69 29.72 14.25
C PHE E 235 37.11 29.21 14.05
N LEU E 236 37.64 29.38 12.85
CA LEU E 236 39.01 28.93 12.54
C LEU E 236 40.03 29.69 13.42
N ALA E 237 40.00 31.02 13.37
CA ALA E 237 40.86 31.86 14.20
C ALA E 237 40.76 31.54 15.72
N LYS E 238 39.54 31.47 16.25
CA LYS E 238 39.38 31.09 17.67
C LYS E 238 39.91 29.68 17.93
N PHE E 239 39.80 28.78 16.96
CA PHE E 239 40.27 27.40 17.15
C PHE E 239 41.79 27.32 17.24
N MET E 240 42.49 28.02 16.34
CA MET E 240 43.96 27.97 16.30
C MET E 240 44.59 28.50 17.60
N HIS E 241 44.24 29.73 17.98
CA HIS E 241 44.74 30.32 19.22
C HIS E 241 44.39 29.45 20.45
N ASP E 242 43.17 28.89 20.47
CA ASP E 242 42.70 28.03 21.58
C ASP E 242 43.53 26.73 21.77
N ALA E 243 43.91 26.09 20.68
CA ALA E 243 44.75 24.88 20.75
C ALA E 243 46.26 25.23 20.80
N GLY E 244 46.57 26.52 20.65
CA GLY E 244 47.91 27.02 20.92
C GLY E 244 48.67 27.57 19.73
N ALA E 245 48.16 27.40 18.52
CA ALA E 245 48.85 27.89 17.33
C ALA E 245 48.86 29.41 17.30
N LYS E 246 49.67 29.97 16.41
CA LYS E 246 49.81 31.41 16.31
C LYS E 246 49.33 31.90 14.93
N VAL E 247 48.16 32.50 14.91
CA VAL E 247 47.56 32.97 13.68
C VAL E 247 48.29 34.23 13.21
N ILE E 248 49.13 34.04 12.22
CA ILE E 248 49.96 35.10 11.64
C ILE E 248 49.08 36.21 11.02
N GLY E 249 48.34 35.86 9.97
CA GLY E 249 47.57 36.85 9.22
C GLY E 249 46.09 36.77 9.51
N ILE E 250 45.39 37.87 9.24
CA ILE E 250 43.92 37.90 9.14
C ILE E 250 43.55 38.86 8.00
N SER E 251 42.35 38.75 7.43
CA SER E 251 41.87 39.69 6.39
C SER E 251 40.34 39.76 6.37
N ASP E 252 39.79 40.89 5.93
CA ASP E 252 38.32 41.08 5.86
C ASP E 252 37.88 41.76 4.54
N ALA E 253 36.70 42.40 4.56
CA ALA E 253 36.30 43.33 3.51
C ALA E 253 37.54 44.15 3.11
N ASN E 254 38.14 44.83 4.09
CA ASN E 254 39.45 45.52 3.89
C ASN E 254 40.69 44.57 3.89
N GLY E 255 41.88 45.12 3.65
CA GLY E 255 43.14 44.35 3.64
C GLY E 255 43.48 43.71 4.97
N GLY E 256 44.66 43.11 5.05
CA GLY E 256 44.99 42.25 6.19
C GLY E 256 46.07 42.76 7.12
N LEU E 257 46.24 42.04 8.23
CA LEU E 257 47.25 42.35 9.25
C LEU E 257 48.17 41.16 9.39
N TYR E 258 49.33 41.24 8.76
CA TYR E 258 50.39 40.26 8.97
C TYR E 258 51.04 40.49 10.34
N ASN E 259 51.71 39.48 10.87
CA ASN E 259 52.43 39.60 12.14
C ASN E 259 52.94 38.24 12.65
N PRO E 260 54.26 38.00 12.56
CA PRO E 260 54.75 36.78 13.21
C PRO E 260 54.52 36.86 14.73
N ASP E 261 55.09 35.93 15.50
CA ASP E 261 54.93 35.89 16.98
C ASP E 261 53.48 36.04 17.51
N GLY E 262 52.49 35.80 16.63
CA GLY E 262 51.09 35.59 17.03
C GLY E 262 50.22 36.78 17.35
N LEU E 263 49.30 37.13 16.44
CA LEU E 263 48.23 38.11 16.72
C LEU E 263 47.32 37.63 17.87
N ASP E 264 46.96 38.57 18.77
CA ASP E 264 46.05 38.29 19.89
C ASP E 264 44.61 38.31 19.38
N ILE E 265 44.06 37.09 19.24
CA ILE E 265 42.73 36.88 18.67
C ILE E 265 41.60 37.15 19.68
N PRO E 266 41.83 36.82 20.99
CA PRO E 266 40.82 37.24 21.98
C PRO E 266 40.61 38.74 21.90
N TYR E 267 41.73 39.47 21.79
CA TYR E 267 41.75 40.92 21.65
C TYR E 267 40.93 41.40 20.43
N LEU E 268 40.88 40.60 19.35
CA LEU E 268 40.13 40.96 18.12
C LEU E 268 38.61 40.71 18.20
N LEU E 269 38.02 40.96 19.37
CA LEU E 269 36.58 40.89 19.60
C LEU E 269 36.17 41.90 20.66
N THR E 287 46.71 45.19 2.60
CA THR E 287 46.19 44.78 1.28
C THR E 287 46.15 43.24 1.08
N ASN E 288 45.11 42.75 0.38
CA ASN E 288 44.78 41.31 0.32
C ASN E 288 45.86 40.46 -0.38
N GLU E 289 46.21 40.83 -1.61
CA GLU E 289 47.23 40.14 -2.41
C GLU E 289 48.55 39.97 -1.65
N GLU E 290 48.89 40.91 -0.78
CA GLU E 290 50.14 40.87 -0.01
C GLU E 290 50.09 39.67 0.98
N LEU E 291 48.98 39.60 1.71
CA LEU E 291 48.77 38.60 2.77
C LEU E 291 48.84 37.16 2.23
N LEU E 292 48.32 36.98 1.00
CA LEU E 292 48.35 35.69 0.30
C LEU E 292 49.77 35.13 0.10
N GLU E 293 50.76 36.01 -0.07
CA GLU E 293 52.11 35.61 -0.45
C GLU E 293 53.06 35.60 0.73
N LYS E 294 52.56 35.97 1.90
CA LYS E 294 53.41 36.06 3.09
C LYS E 294 53.62 34.71 3.77
N ASP E 295 54.44 34.68 4.82
CA ASP E 295 54.92 33.41 5.42
C ASP E 295 53.94 32.79 6.41
N CYS E 296 53.98 31.46 6.46
CA CYS E 296 53.01 30.63 7.18
C CYS E 296 53.26 29.16 6.85
N ASP E 297 52.81 28.30 7.74
CA ASP E 297 52.63 26.90 7.40
C ASP E 297 51.35 26.74 6.54
N ILE E 298 50.23 27.40 6.95
CA ILE E 298 48.90 27.20 6.32
C ILE E 298 48.17 28.47 5.87
N LEU E 299 47.76 28.49 4.59
CA LEU E 299 46.92 29.56 4.05
C LEU E 299 45.48 29.05 3.84
N VAL E 300 44.50 29.73 4.43
CA VAL E 300 43.10 29.33 4.25
C VAL E 300 42.29 30.43 3.55
N PRO E 301 42.06 30.27 2.24
CA PRO E 301 41.35 31.23 1.41
C PRO E 301 39.91 31.57 1.82
N ALA E 302 39.50 32.81 1.50
CA ALA E 302 38.33 33.44 2.05
C ALA E 302 37.08 33.19 1.22
N ALA E 303 35.94 33.36 1.90
CA ALA E 303 34.60 33.18 1.31
C ALA E 303 34.49 33.44 -0.21
N ILE E 304 35.31 34.33 -0.78
CA ILE E 304 35.19 34.73 -2.21
C ILE E 304 36.17 34.03 -3.16
N SER E 305 35.84 34.12 -4.46
CA SER E 305 36.51 33.37 -5.55
C SER E 305 37.87 33.90 -6.05
N ASN E 306 38.44 33.15 -7.01
CA ASN E 306 39.72 33.40 -7.73
C ASN E 306 40.77 34.29 -7.07
N GLN E 307 40.93 34.10 -5.77
CA GLN E 307 41.94 34.78 -4.95
C GLN E 307 43.33 34.13 -4.98
N ILE E 308 43.43 32.94 -5.58
CA ILE E 308 44.71 32.27 -5.92
C ILE E 308 44.76 31.93 -7.43
N THR E 309 45.94 32.08 -8.02
CA THR E 309 46.13 32.00 -9.49
C THR E 309 47.58 31.69 -9.93
N ALA E 310 47.75 31.43 -11.23
CA ALA E 310 49.06 31.35 -11.90
C ALA E 310 50.04 32.40 -11.36
N LYS E 311 49.48 33.60 -11.22
CA LYS E 311 50.10 34.74 -10.61
C LYS E 311 49.56 34.65 -9.18
N ASN E 312 50.45 34.33 -8.22
CA ASN E 312 50.14 34.03 -6.80
C ASN E 312 50.81 32.71 -6.42
N ALA E 313 50.54 31.70 -7.24
CA ALA E 313 51.24 30.44 -7.18
C ALA E 313 52.70 30.83 -7.34
N HIS E 314 53.59 29.92 -6.94
CA HIS E 314 55.01 30.25 -6.82
C HIS E 314 55.23 31.10 -5.51
N ASN E 315 54.38 32.09 -5.26
CA ASN E 315 54.52 33.03 -4.13
C ASN E 315 53.94 32.55 -2.79
N ILE E 316 53.05 31.55 -2.85
CA ILE E 316 52.44 31.00 -1.64
C ILE E 316 53.54 30.29 -0.85
N GLN E 317 53.66 30.63 0.41
CA GLN E 317 54.74 30.11 1.26
C GLN E 317 54.29 28.91 2.04
N ALA E 318 52.97 28.84 2.29
CA ALA E 318 52.35 27.68 2.96
C ALA E 318 52.69 26.35 2.29
N SER E 319 53.10 25.43 3.15
CA SER E 319 53.14 24.00 2.89
C SER E 319 51.74 23.32 2.82
N ILE E 320 50.68 24.04 3.25
CA ILE E 320 49.35 23.46 3.51
C ILE E 320 48.30 24.49 3.19
N VAL E 321 47.54 24.27 2.11
CA VAL E 321 46.42 25.17 1.73
C VAL E 321 45.05 24.47 1.92
N VAL E 322 44.23 24.99 2.86
CA VAL E 322 42.86 24.48 3.14
C VAL E 322 41.83 25.45 2.58
N GLU E 323 41.15 25.12 1.48
CA GLU E 323 40.15 26.06 0.94
C GLU E 323 38.75 26.03 1.60
N ARG E 324 38.35 27.21 2.10
CA ARG E 324 37.20 27.38 3.01
C ARG E 324 35.98 27.91 2.24
N ALA E 325 36.06 28.04 0.93
CA ALA E 325 34.90 28.46 0.20
C ALA E 325 34.90 27.79 -1.12
N ASN E 326 33.84 28.01 -1.90
CA ASN E 326 33.77 27.41 -3.22
C ASN E 326 34.53 28.29 -4.18
N GLY E 327 35.60 27.71 -4.76
CA GLY E 327 36.28 28.27 -5.93
C GLY E 327 37.49 29.17 -5.73
N PRO E 328 38.04 29.26 -4.52
CA PRO E 328 39.09 30.24 -4.38
C PRO E 328 40.32 29.97 -5.27
N THR E 329 40.75 28.70 -5.36
CA THR E 329 41.90 28.32 -6.18
C THR E 329 41.46 27.90 -7.58
N THR E 330 42.01 28.58 -8.58
CA THR E 330 41.71 28.35 -10.02
C THR E 330 42.19 26.96 -10.40
N ILE E 331 41.77 26.44 -11.56
CA ILE E 331 42.19 25.07 -11.97
C ILE E 331 43.72 25.05 -12.18
N ASP E 332 44.18 25.98 -13.01
CA ASP E 332 45.60 26.17 -13.29
C ASP E 332 46.41 26.28 -12.01
N ALA E 333 45.94 27.12 -11.11
CA ALA E 333 46.69 27.32 -9.87
C ALA E 333 46.74 26.05 -9.02
N THR E 334 45.64 25.30 -9.02
CA THR E 334 45.56 24.04 -8.27
C THR E 334 46.64 23.05 -8.76
N LYS E 335 46.98 23.06 -10.04
CA LYS E 335 48.07 22.17 -10.50
C LYS E 335 49.43 22.65 -9.95
N ILE E 336 49.67 23.97 -10.07
CA ILE E 336 50.94 24.51 -9.69
C ILE E 336 51.28 24.08 -8.27
N LEU E 337 50.32 24.18 -7.33
CA LEU E 337 50.59 24.01 -5.87
C LEU E 337 50.91 22.53 -5.51
N ASN E 338 50.13 21.65 -6.17
CA ASN E 338 50.32 20.19 -6.16
C ASN E 338 51.72 19.86 -6.72
N GLU E 339 52.03 20.36 -7.93
CA GLU E 339 53.43 20.36 -8.46
C GLU E 339 54.50 20.75 -7.40
N ARG E 340 54.30 21.91 -6.77
CA ARG E 340 55.30 22.44 -5.86
C ARG E 340 55.32 21.73 -4.47
N GLY E 341 54.33 20.83 -4.19
CA GLY E 341 54.39 19.94 -3.00
C GLY E 341 53.63 20.45 -1.79
N VAL E 342 52.90 21.54 -2.02
CA VAL E 342 51.94 22.05 -1.04
C VAL E 342 50.62 21.25 -1.14
N LEU E 343 50.22 20.81 0.04
CA LEU E 343 49.04 20.02 0.26
C LEU E 343 47.82 20.94 0.21
N LEU E 344 47.17 20.94 -0.96
CA LEU E 344 45.94 21.68 -1.15
C LEU E 344 44.66 20.81 -0.85
N VAL E 345 44.12 20.94 0.38
CA VAL E 345 42.80 20.38 0.82
C VAL E 345 41.57 21.09 0.17
N PRO E 346 40.94 20.47 -0.83
CA PRO E 346 39.88 21.14 -1.61
C PRO E 346 38.54 21.37 -0.87
N ASP E 347 37.67 22.23 -1.39
CA ASP E 347 36.52 22.71 -0.54
C ASP E 347 35.44 21.59 -0.38
N ILE E 348 35.17 20.89 -1.48
CA ILE E 348 34.27 19.75 -1.51
C ILE E 348 34.56 18.76 -0.36
N LEU E 349 35.81 18.69 0.11
CA LEU E 349 36.13 17.86 1.24
C LEU E 349 36.13 18.59 2.56
N ALA E 350 36.64 19.83 2.54
CA ALA E 350 36.90 20.54 3.79
C ALA E 350 35.57 20.88 4.43
N SER E 351 34.60 21.17 3.58
CA SER E 351 33.25 21.54 4.04
C SER E 351 32.21 20.36 4.17
N ALA E 352 32.66 19.10 4.01
CA ALA E 352 31.76 17.93 3.97
C ALA E 352 31.15 17.53 5.35
N GLY E 353 31.51 18.23 6.44
CA GLY E 353 30.94 17.98 7.77
C GLY E 353 29.46 18.35 7.80
N GLY E 354 29.07 19.37 7.04
CA GLY E 354 27.68 19.80 6.93
C GLY E 354 26.76 18.70 6.42
N VAL E 355 27.08 18.19 5.26
CA VAL E 355 26.43 17.03 4.72
C VAL E 355 26.52 15.82 5.66
N THR E 356 27.62 15.65 6.36
CA THR E 356 27.76 14.50 7.23
C THR E 356 26.78 14.55 8.44
N VAL E 357 26.53 15.73 9.02
CA VAL E 357 25.65 15.76 10.16
C VAL E 357 24.20 15.74 9.74
N SER E 358 23.89 16.13 8.54
CA SER E 358 22.54 15.96 8.00
C SER E 358 22.20 14.43 7.80
N TYR E 359 23.22 13.70 7.39
CA TYR E 359 23.14 12.23 7.34
C TYR E 359 22.93 11.60 8.72
N PHE E 360 23.64 12.09 9.71
CA PHE E 360 23.49 11.59 11.10
C PHE E 360 22.11 11.91 11.67
N GLU E 361 21.55 13.06 11.28
CA GLU E 361 20.16 13.42 11.65
C GLU E 361 19.20 12.31 11.13
N TRP E 362 19.39 11.98 9.86
CA TRP E 362 18.61 10.96 9.22
C TRP E 362 18.75 9.62 9.95
N VAL E 363 19.98 9.19 10.25
CA VAL E 363 20.16 7.94 10.98
C VAL E 363 19.42 7.94 12.35
N GLN E 364 19.45 9.06 13.06
CA GLN E 364 18.77 9.13 14.35
C GLN E 364 17.26 9.03 14.16
N ASN E 365 16.77 9.65 13.09
CA ASN E 365 15.39 9.46 12.66
C ASN E 365 15.05 7.99 12.34
N ASN E 366 15.87 7.30 11.56
CA ASN E 366 15.56 5.87 11.26
C ASN E 366 15.40 5.08 12.54
N GLN E 367 16.29 5.38 13.46
CA GLN E 367 16.32 4.78 14.80
C GLN E 367 15.23 5.25 15.79
N GLY E 368 14.78 6.47 15.64
CA GLY E 368 14.01 7.18 16.70
C GLY E 368 14.83 7.40 17.98
N TYR E 369 16.15 7.58 17.82
CA TYR E 369 17.08 7.66 18.95
C TYR E 369 18.11 8.75 18.69
N TYR E 370 18.30 9.66 19.67
CA TYR E 370 19.01 10.92 19.46
C TYR E 370 20.33 11.00 20.22
N TRP E 371 21.35 11.43 19.49
CA TRP E 371 22.69 11.39 20.04
C TRP E 371 23.08 12.73 20.69
N SER E 372 23.93 12.63 21.70
CA SER E 372 24.53 13.82 22.33
C SER E 372 25.46 14.53 21.35
N GLU E 373 25.62 15.83 21.56
CA GLU E 373 26.60 16.64 20.82
C GLU E 373 28.00 16.00 20.82
N GLU E 374 28.35 15.43 21.95
CA GLU E 374 29.60 14.76 22.08
C GLU E 374 29.68 13.51 21.16
N GLU E 375 28.67 12.66 21.15
CA GLU E 375 28.63 11.54 20.21
C GLU E 375 28.73 12.02 18.75
N VAL E 376 28.03 13.08 18.39
CA VAL E 376 28.04 13.62 17.03
C VAL E 376 29.45 14.06 16.68
N ALA E 377 30.10 14.74 17.64
CA ALA E 377 31.43 15.31 17.41
C ALA E 377 32.42 14.17 17.13
N GLU E 378 32.41 13.17 17.99
CA GLU E 378 33.19 11.93 17.81
C GLU E 378 32.94 11.28 16.40
N LYS E 379 31.67 11.08 16.00
CA LYS E 379 31.39 10.45 14.67
C LYS E 379 31.77 11.34 13.49
N LEU E 380 31.63 12.63 13.65
CA LEU E 380 32.01 13.57 12.62
C LEU E 380 33.53 13.59 12.35
N ARG E 381 34.30 13.65 13.42
CA ARG E 381 35.75 13.55 13.39
C ARG E 381 36.14 12.27 12.64
N SER E 382 35.63 11.16 13.14
CA SER E 382 35.94 9.89 12.55
C SER E 382 35.72 9.85 11.01
N VAL E 383 34.65 10.48 10.50
CA VAL E 383 34.33 10.40 9.08
C VAL E 383 35.25 11.28 8.32
N MET E 384 35.57 12.44 8.90
CA MET E 384 36.38 13.40 8.17
C MET E 384 37.82 12.92 8.07
N VAL E 385 38.32 12.38 9.17
CA VAL E 385 39.63 11.71 9.19
C VAL E 385 39.65 10.65 8.07
N SER E 386 38.63 9.82 8.08
CA SER E 386 38.57 8.75 7.12
C SER E 386 38.55 9.29 5.67
N SER E 387 37.81 10.36 5.40
CA SER E 387 37.70 10.85 4.03
C SER E 387 38.98 11.55 3.59
N PHE E 388 39.67 12.17 4.53
CA PHE E 388 40.97 12.76 4.24
C PHE E 388 42.01 11.74 3.75
N GLU E 389 42.36 10.76 4.59
CA GLU E 389 43.16 9.63 4.14
C GLU E 389 42.73 9.15 2.77
N THR E 390 41.46 8.76 2.63
CA THR E 390 41.02 8.10 1.41
C THR E 390 41.40 8.91 0.19
N ILE E 391 41.07 10.20 0.24
CA ILE E 391 41.32 11.06 -0.91
C ILE E 391 42.82 11.27 -1.10
N TYR E 392 43.53 11.36 0.02
CA TYR E 392 44.99 11.53 0.02
C TYR E 392 45.64 10.32 -0.67
N GLN E 393 45.28 9.11 -0.24
CA GLN E 393 45.79 7.88 -0.91
C GLN E 393 45.52 7.79 -2.38
N THR E 394 44.35 8.26 -2.77
CA THR E 394 43.92 8.17 -4.16
C THR E 394 44.72 9.13 -5.02
N ALA E 395 45.03 10.29 -4.46
CA ALA E 395 45.88 11.28 -5.16
C ALA E 395 47.24 10.60 -5.44
N ALA E 396 47.86 10.13 -4.34
CA ALA E 396 49.13 9.41 -4.35
C ALA E 396 49.13 8.20 -5.30
N THR E 397 48.11 7.34 -5.29
CA THR E 397 48.18 6.15 -6.19
C THR E 397 47.90 6.43 -7.68
N HIS E 398 47.05 7.42 -7.94
CA HIS E 398 46.71 7.75 -9.32
C HIS E 398 47.57 8.84 -9.96
N LYS E 399 48.35 9.51 -9.11
CA LYS E 399 49.27 10.54 -9.55
C LYS E 399 48.44 11.71 -10.06
N VAL E 400 47.62 12.25 -9.15
CA VAL E 400 46.80 13.40 -9.43
C VAL E 400 46.76 14.22 -8.19
N ASP E 401 46.35 15.47 -8.37
CA ASP E 401 46.11 16.37 -7.25
C ASP E 401 44.91 15.95 -6.40
N MET E 402 44.84 16.53 -5.21
CA MET E 402 43.84 16.25 -4.19
C MET E 402 42.39 16.52 -4.65
N ARG E 403 42.20 17.50 -5.52
CA ARG E 403 40.88 17.90 -5.93
C ARG E 403 40.34 16.88 -6.92
N LEU E 404 41.18 16.44 -7.87
CA LEU E 404 40.76 15.37 -8.78
C LEU E 404 40.56 14.03 -8.04
N ALA E 405 41.37 13.80 -7.01
CA ALA E 405 41.24 12.61 -6.20
C ALA E 405 39.85 12.62 -5.50
N ALA E 406 39.48 13.78 -4.95
CA ALA E 406 38.19 14.00 -4.31
C ALA E 406 37.02 13.74 -5.25
N TYR E 407 37.15 14.14 -6.50
CA TYR E 407 36.13 13.92 -7.47
C TYR E 407 36.06 12.44 -7.84
N MET E 408 37.23 11.82 -7.96
CA MET E 408 37.27 10.40 -8.32
C MET E 408 36.59 9.59 -7.19
N THR E 409 37.00 9.85 -5.94
CA THR E 409 36.42 9.16 -4.85
C THR E 409 34.92 9.51 -4.66
N GLY E 410 34.48 10.67 -5.15
CA GLY E 410 33.12 11.08 -5.08
C GLY E 410 32.12 10.27 -5.93
N ILE E 411 32.50 9.92 -7.16
CA ILE E 411 31.63 9.14 -8.06
C ILE E 411 31.91 7.65 -8.00
N ARG E 412 33.07 7.27 -7.48
CA ARG E 412 33.47 5.87 -7.41
C ARG E 412 32.35 4.98 -6.84
N LYS E 413 31.81 5.33 -5.68
CA LYS E 413 30.86 4.48 -5.04
C LYS E 413 29.64 4.27 -5.90
N SER E 414 29.13 5.35 -6.46
CA SER E 414 27.94 5.26 -7.29
C SER E 414 28.20 4.40 -8.48
N ALA E 415 29.40 4.58 -9.00
CA ALA E 415 29.83 3.99 -10.23
C ALA E 415 29.92 2.52 -9.95
N GLU E 416 30.59 2.14 -8.87
CA GLU E 416 30.68 0.70 -8.50
C GLU E 416 29.31 0.03 -8.21
N ALA E 417 28.49 0.77 -7.44
CA ALA E 417 27.12 0.38 -7.14
C ALA E 417 26.30 0.14 -8.44
N SER E 418 26.44 1.04 -9.41
CA SER E 418 25.65 0.96 -10.67
C SER E 418 26.06 -0.26 -11.51
N ARG E 419 27.36 -0.56 -11.52
CA ARG E 419 27.86 -1.82 -12.09
C ARG E 419 27.33 -3.09 -11.43
N PHE E 420 27.45 -3.15 -10.13
CA PHE E 420 26.96 -4.33 -9.41
C PHE E 420 25.48 -4.54 -9.58
N ARG E 421 24.71 -3.46 -9.70
CA ARG E 421 23.25 -3.62 -9.84
C ARG E 421 22.82 -4.02 -11.28
N GLY E 422 23.79 -3.99 -12.21
CA GLY E 422 23.53 -4.44 -13.58
C GLY E 422 23.00 -3.30 -14.43
N TRP E 423 23.29 -2.05 -14.12
CA TRP E 423 22.75 -0.92 -14.93
C TRP E 423 23.56 -0.59 -16.18
N VAL E 424 24.89 -0.72 -16.05
CA VAL E 424 25.84 -0.58 -17.14
C VAL E 424 27.10 -1.42 -16.90
N ALA F 14 -7.80 10.30 41.48
CA ALA F 14 -8.57 11.54 41.92
C ALA F 14 -10.05 11.34 41.53
N LEU F 15 -10.75 12.38 41.07
CA LEU F 15 -12.22 12.35 40.93
C LEU F 15 -12.71 13.24 39.78
N ASN F 16 -12.20 14.47 39.75
CA ASN F 16 -12.23 15.23 38.53
C ASN F 16 -10.80 15.15 37.99
N LEU F 17 -10.28 13.93 37.78
CA LEU F 17 -8.96 13.78 37.17
C LEU F 17 -8.83 14.62 35.85
N PHE F 18 -9.77 14.56 34.92
CA PHE F 18 -9.64 15.37 33.67
C PHE F 18 -9.65 16.89 33.90
N LEU F 19 -10.61 17.38 34.70
CA LEU F 19 -10.67 18.87 35.00
C LEU F 19 -9.37 19.29 35.68
N SER F 20 -8.99 18.50 36.65
CA SER F 20 -7.81 18.73 37.43
C SER F 20 -6.51 18.68 36.60
N THR F 21 -6.42 17.80 35.58
CA THR F 21 -5.22 17.79 34.76
C THR F 21 -5.22 18.96 33.82
N GLN F 22 -6.38 19.32 33.30
CA GLN F 22 -6.51 20.54 32.46
C GLN F 22 -6.03 21.85 33.17
N THR F 23 -6.40 22.02 34.43
CA THR F 23 -5.91 23.16 35.22
C THR F 23 -4.38 23.26 35.25
N ILE F 24 -3.71 22.16 35.58
CA ILE F 24 -2.24 22.03 35.50
C ILE F 24 -1.66 22.45 34.13
N ILE F 25 -2.26 21.94 33.07
CA ILE F 25 -1.78 22.27 31.74
C ILE F 25 -1.88 23.72 31.52
N LYS F 26 -3.04 24.26 31.87
CA LYS F 26 -3.30 25.70 31.76
C LYS F 26 -2.25 26.58 32.47
N GLU F 27 -1.96 26.24 33.72
CA GLU F 27 -1.05 27.01 34.54
C GLU F 27 0.37 26.89 33.99
N ALA F 28 0.78 25.67 33.62
CA ALA F 28 2.11 25.43 33.04
C ALA F 28 2.28 26.18 31.69
N LEU F 29 1.30 26.12 30.82
CA LEU F 29 1.38 26.87 29.55
C LEU F 29 1.42 28.39 29.75
N ARG F 30 0.69 28.88 30.78
CA ARG F 30 0.73 30.32 31.12
C ARG F 30 2.13 30.72 31.55
N LYS F 31 2.70 29.95 32.46
CA LYS F 31 4.02 30.28 32.99
C LYS F 31 5.10 30.21 31.91
N LEU F 32 4.93 29.30 30.95
CA LEU F 32 5.76 29.27 29.77
C LEU F 32 5.57 30.52 28.91
N GLY F 33 4.45 31.21 29.09
CA GLY F 33 4.18 32.43 28.32
C GLY F 33 3.43 32.27 27.00
N TYR F 34 2.71 31.15 26.84
CA TYR F 34 1.93 30.90 25.60
C TYR F 34 0.61 31.61 25.74
N PRO F 35 0.09 32.15 24.65
CA PRO F 35 -1.29 32.59 24.73
C PRO F 35 -2.25 31.39 24.94
N GLY F 36 -3.52 31.70 25.15
CA GLY F 36 -4.54 30.72 25.46
C GLY F 36 -4.87 29.77 24.30
N ASP F 37 -4.60 30.17 23.08
CA ASP F 37 -4.84 29.26 21.93
C ASP F 37 -3.98 27.96 22.01
N MET F 38 -2.79 28.03 22.61
CA MET F 38 -2.04 26.88 22.90
C MET F 38 -2.78 25.96 23.86
N TYR F 39 -3.56 26.51 24.77
CA TYR F 39 -4.21 25.66 25.77
C TYR F 39 -5.45 25.04 25.14
N GLU F 40 -6.11 25.77 24.27
CA GLU F 40 -7.21 25.19 23.51
C GLU F 40 -6.79 23.92 22.73
N LEU F 41 -5.60 24.00 22.16
CA LEU F 41 -5.00 22.91 21.42
C LEU F 41 -4.69 21.74 22.35
N MET F 42 -4.13 22.02 23.52
CA MET F 42 -3.71 20.97 24.41
C MET F 42 -4.76 20.46 25.34
N LYS F 43 -5.89 21.13 25.50
CA LYS F 43 -6.81 20.71 26.60
C LYS F 43 -7.56 19.40 26.32
N GLU F 44 -7.66 19.08 25.04
CA GLU F 44 -8.41 17.91 24.57
C GLU F 44 -7.52 17.05 23.57
N PRO F 45 -7.69 15.69 23.52
CA PRO F 45 -6.80 14.95 22.58
C PRO F 45 -7.08 15.27 21.12
N GLN F 46 -6.05 15.32 20.33
CA GLN F 46 -6.15 15.31 18.88
C GLN F 46 -7.18 14.26 18.32
N ARG F 47 -7.09 13.05 18.85
CA ARG F 47 -8.04 12.04 18.50
C ARG F 47 -8.43 11.23 19.69
N MET F 48 -9.71 10.92 19.73
CA MET F 48 -10.29 10.04 20.73
C MET F 48 -11.16 9.06 19.95
N LEU F 49 -10.90 7.78 20.14
CA LEU F 49 -11.66 6.76 19.44
C LEU F 49 -12.29 5.84 20.46
N THR F 50 -13.58 5.63 20.32
CA THR F 50 -14.31 4.64 21.13
C THR F 50 -14.83 3.54 20.19
N VAL F 51 -14.65 2.33 20.65
CA VAL F 51 -14.97 1.16 19.83
C VAL F 51 -15.84 0.23 20.62
N ARG F 52 -16.63 -0.53 19.88
CA ARG F 52 -17.40 -1.62 20.47
C ARG F 52 -16.91 -2.90 19.87
N ILE F 53 -16.57 -3.84 20.75
CA ILE F 53 -15.83 -5.04 20.48
C ILE F 53 -16.64 -6.25 20.95
N PRO F 54 -17.16 -7.01 19.98
CA PRO F 54 -17.88 -8.24 20.33
C PRO F 54 -16.89 -9.34 20.63
N VAL F 55 -17.18 -10.17 21.61
CA VAL F 55 -16.27 -11.17 22.02
C VAL F 55 -17.07 -12.37 22.41
N LYS F 56 -16.61 -13.53 21.95
CA LYS F 56 -17.22 -14.80 22.25
C LYS F 56 -16.75 -15.23 23.64
N MET F 57 -17.67 -15.54 24.54
CA MET F 57 -17.34 -15.89 25.91
C MET F 57 -17.27 -17.41 26.01
N ASP F 58 -16.58 -17.91 27.02
CA ASP F 58 -16.37 -19.35 27.20
C ASP F 58 -17.70 -20.07 27.23
N ASN F 59 -18.71 -19.44 27.81
CA ASN F 59 -20.03 -20.09 27.89
C ASN F 59 -20.85 -19.99 26.61
N GLY F 60 -20.29 -19.52 25.48
CA GLY F 60 -21.08 -19.53 24.21
C GLY F 60 -21.79 -18.20 23.85
N SER F 61 -22.05 -17.37 24.84
CA SER F 61 -22.62 -16.07 24.65
C SER F 61 -21.62 -15.11 24.02
N VAL F 62 -22.16 -14.02 23.46
CA VAL F 62 -21.37 -12.98 22.88
C VAL F 62 -21.58 -11.74 23.75
N LYS F 63 -20.51 -11.27 24.37
CA LYS F 63 -20.50 -10.02 25.15
C LYS F 63 -19.79 -8.91 24.36
N VAL F 64 -20.38 -7.72 24.31
CA VAL F 64 -19.85 -6.62 23.57
C VAL F 64 -19.25 -5.55 24.50
N PHE F 65 -17.92 -5.29 24.40
CA PHE F 65 -17.17 -4.36 25.27
C PHE F 65 -16.96 -2.98 24.67
N THR F 66 -16.77 -1.97 25.54
CA THR F 66 -16.49 -0.62 25.07
C THR F 66 -15.00 -0.45 25.34
N GLY F 67 -14.32 0.04 24.30
CA GLY F 67 -12.89 0.27 24.34
C GLY F 67 -12.57 1.69 23.94
N TYR F 68 -11.42 2.16 24.32
CA TYR F 68 -11.05 3.53 24.03
C TYR F 68 -9.61 3.65 23.68
N ARG F 69 -9.28 4.65 22.86
CA ARG F 69 -7.86 5.04 22.62
C ARG F 69 -7.77 6.55 22.46
N SER F 70 -7.00 7.21 23.33
CA SER F 70 -6.85 8.68 23.26
C SER F 70 -5.42 8.95 22.86
N GLN F 71 -5.29 9.78 21.83
CA GLN F 71 -4.01 10.14 21.30
C GLN F 71 -3.92 11.62 21.47
N HIS F 72 -3.15 12.04 22.46
CA HIS F 72 -3.25 13.45 22.93
C HIS F 72 -2.72 14.44 21.92
N ASN F 73 -1.46 14.29 21.59
CA ASN F 73 -0.78 15.24 20.70
C ASN F 73 0.47 14.56 20.11
N ASP F 74 0.60 14.59 18.79
CA ASP F 74 1.68 13.85 18.11
C ASP F 74 2.64 14.82 17.42
N ALA F 75 2.71 16.09 17.89
CA ALA F 75 3.62 17.09 17.31
C ALA F 75 5.04 16.64 17.36
N VAL F 76 5.39 15.95 18.42
CA VAL F 76 6.76 15.60 18.65
C VAL F 76 7.08 14.22 18.09
N GLY F 77 6.08 13.38 17.95
CA GLY F 77 6.33 11.99 17.61
C GLY F 77 5.09 11.16 17.79
N PRO F 78 5.23 9.84 17.57
CA PRO F 78 4.07 9.06 17.76
C PRO F 78 3.66 9.10 19.22
N THR F 79 2.38 8.80 19.46
CA THR F 79 1.86 8.75 20.80
C THR F 79 2.23 7.41 21.42
N LYS F 80 2.23 7.38 22.77
CA LYS F 80 2.84 6.31 23.59
C LYS F 80 2.06 6.17 24.90
N GLY F 81 1.60 4.98 25.20
CA GLY F 81 0.97 4.78 26.49
C GLY F 81 0.15 3.56 26.62
N GLY F 82 -0.05 3.16 27.86
CA GLY F 82 -0.59 1.86 28.17
C GLY F 82 -2.08 1.74 27.94
N VAL F 83 -2.53 0.48 28.00
CA VAL F 83 -3.92 0.08 27.97
C VAL F 83 -4.23 -0.62 29.27
N ARG F 84 -5.34 -0.24 29.87
CA ARG F 84 -5.81 -0.88 31.08
C ARG F 84 -7.12 -1.56 30.87
N PHE F 85 -7.32 -2.66 31.57
CA PHE F 85 -8.54 -3.40 31.62
C PHE F 85 -9.13 -3.24 33.05
N HIS F 86 -10.18 -2.45 33.18
CA HIS F 86 -10.74 -2.21 34.47
C HIS F 86 -12.21 -1.88 34.38
N PRO F 87 -12.97 -2.27 35.44
CA PRO F 87 -14.42 -1.92 35.49
C PRO F 87 -14.74 -0.44 35.56
N GLU F 88 -13.82 0.40 36.03
CA GLU F 88 -14.08 1.81 36.16
C GLU F 88 -13.42 2.63 35.07
N VAL F 89 -12.88 1.97 34.02
CA VAL F 89 -12.35 2.70 32.88
C VAL F 89 -13.52 3.57 32.44
N ASN F 90 -13.25 4.82 32.11
CA ASN F 90 -14.17 5.66 31.39
C ASN F 90 -13.38 6.59 30.46
N GLU F 91 -14.09 7.17 29.52
CA GLU F 91 -13.52 8.03 28.51
C GLU F 91 -12.70 9.19 29.04
N GLU F 92 -13.24 9.95 30.01
CA GLU F 92 -12.51 11.12 30.56
C GLU F 92 -11.26 10.68 31.24
N LYS F 93 -11.29 9.58 31.95
CA LYS F 93 -10.09 9.13 32.61
C LYS F 93 -8.98 8.78 31.60
N VAL F 94 -9.33 8.08 30.53
CA VAL F 94 -8.40 7.74 29.47
C VAL F 94 -7.80 8.97 28.88
N LYS F 95 -8.62 9.96 28.56
CA LYS F 95 -8.04 11.22 28.06
C LYS F 95 -7.11 11.89 29.08
N ALA F 96 -7.50 11.88 30.36
CA ALA F 96 -6.69 12.57 31.41
C ALA F 96 -5.35 11.90 31.42
N LEU F 97 -5.38 10.58 31.41
CA LEU F 97 -4.13 9.84 31.50
C LEU F 97 -3.23 10.04 30.28
N SER F 98 -3.82 10.32 29.11
CA SER F 98 -2.99 10.49 27.93
C SER F 98 -2.22 11.77 28.00
N ILE F 99 -2.85 12.78 28.58
CA ILE F 99 -2.18 14.10 28.79
C ILE F 99 -1.04 13.92 29.76
N TRP F 100 -1.28 13.17 30.83
CA TRP F 100 -0.19 12.86 31.78
C TRP F 100 1.00 12.20 31.10
N MET F 101 0.71 11.26 30.17
CA MET F 101 1.76 10.66 29.34
C MET F 101 2.49 11.69 28.55
N THR F 102 1.76 12.61 27.93
CA THR F 102 2.48 13.64 27.19
C THR F 102 3.52 14.23 28.16
N LEU F 103 3.12 14.53 29.41
CA LEU F 103 4.03 15.21 30.33
C LEU F 103 5.24 14.37 30.62
N LYS F 104 5.03 13.09 30.89
CA LYS F 104 6.16 12.23 31.16
C LYS F 104 7.17 12.17 29.97
N CYS F 105 6.63 12.08 28.73
CA CYS F 105 7.43 12.08 27.51
C CYS F 105 8.28 13.34 27.45
N GLY F 106 7.66 14.49 27.71
CA GLY F 106 8.40 15.77 27.79
C GLY F 106 9.50 15.75 28.84
N ILE F 107 9.19 15.20 30.00
CA ILE F 107 10.12 15.20 31.10
C ILE F 107 11.38 14.40 30.74
N ALA F 108 11.19 13.20 30.21
CA ALA F 108 12.30 12.36 29.78
C ALA F 108 12.83 12.77 28.36
N ASN F 109 12.26 13.80 27.72
CA ASN F 109 12.73 14.21 26.35
C ASN F 109 12.58 13.07 25.31
N LEU F 110 11.55 12.25 25.48
CA LEU F 110 11.24 11.20 24.55
C LEU F 110 10.64 11.83 23.25
N PRO F 111 10.92 11.24 22.08
CA PRO F 111 10.38 11.69 20.81
C PRO F 111 9.00 11.09 20.61
N TYR F 112 8.14 11.32 21.62
CA TYR F 112 6.80 10.82 21.74
C TYR F 112 5.85 11.92 22.23
N GLY F 113 4.58 11.81 21.84
CA GLY F 113 3.43 12.37 22.54
C GLY F 113 2.72 11.31 23.33
N GLY F 114 1.74 11.71 24.14
CA GLY F 114 1.06 10.78 25.00
C GLY F 114 -0.18 10.10 24.40
N GLY F 115 -0.42 8.86 24.83
CA GLY F 115 -1.62 8.15 24.40
C GLY F 115 -2.01 7.22 25.52
N LYS F 116 -3.26 6.80 25.51
CA LYS F 116 -3.74 5.85 26.50
C LYS F 116 -4.90 5.11 25.94
N GLY F 117 -5.14 3.93 26.47
CA GLY F 117 -6.38 3.26 26.14
C GLY F 117 -6.92 2.59 27.36
N GLY F 118 -8.13 2.10 27.20
CA GLY F 118 -8.66 1.14 28.16
C GLY F 118 -9.86 0.41 27.65
N ILE F 119 -10.16 -0.64 28.38
CA ILE F 119 -11.38 -1.37 28.20
C ILE F 119 -12.17 -1.56 29.50
N ILE F 120 -13.46 -1.30 29.38
CA ILE F 120 -14.40 -1.49 30.42
C ILE F 120 -14.69 -2.95 30.54
N CYS F 121 -14.05 -3.53 31.54
CA CYS F 121 -14.24 -4.93 31.79
C CYS F 121 -13.62 -5.26 33.12
N ASP F 122 -13.84 -6.50 33.53
CA ASP F 122 -13.21 -7.00 34.73
C ASP F 122 -12.48 -8.30 34.52
N PRO F 123 -11.16 -8.22 34.33
CA PRO F 123 -10.30 -9.36 34.02
C PRO F 123 -10.30 -10.41 35.10
N ARG F 124 -10.61 -10.00 36.32
CA ARG F 124 -10.57 -10.94 37.43
C ARG F 124 -11.63 -12.02 37.32
N THR F 125 -12.72 -11.75 36.63
CA THR F 125 -13.71 -12.77 36.44
C THR F 125 -13.75 -13.34 35.00
N MET F 126 -12.66 -13.17 34.25
CA MET F 126 -12.58 -13.57 32.84
C MET F 126 -11.51 -14.61 32.72
N SER F 127 -11.73 -15.63 31.89
CA SER F 127 -10.71 -16.65 31.60
C SER F 127 -9.53 -16.14 30.77
N PHE F 128 -8.44 -16.90 30.73
CA PHE F 128 -7.30 -16.58 29.86
C PHE F 128 -7.77 -16.51 28.41
N GLY F 129 -8.49 -17.52 27.92
CA GLY F 129 -8.98 -17.48 26.54
C GLY F 129 -9.80 -16.23 26.27
N GLU F 130 -10.65 -15.85 27.23
CA GLU F 130 -11.50 -14.67 27.01
C GLU F 130 -10.69 -13.38 26.92
N LEU F 131 -9.64 -13.30 27.71
CA LEU F 131 -8.81 -12.10 27.74
C LEU F 131 -7.99 -12.01 26.47
N GLU F 132 -7.60 -13.18 25.94
CA GLU F 132 -6.90 -13.25 24.67
C GLU F 132 -7.82 -12.76 23.60
N ARG F 133 -9.06 -13.23 23.59
CA ARG F 133 -10.02 -12.82 22.53
C ARG F 133 -10.44 -11.38 22.59
N LEU F 134 -10.47 -10.81 23.79
CA LEU F 134 -10.80 -9.37 23.95
C LEU F 134 -9.60 -8.58 23.42
N SER F 135 -8.39 -9.06 23.80
CA SER F 135 -7.15 -8.39 23.41
C SER F 135 -7.01 -8.27 21.90
N ARG F 136 -7.24 -9.38 21.19
CA ARG F 136 -7.18 -9.37 19.73
C ARG F 136 -8.25 -8.51 19.20
N GLY F 137 -9.44 -8.58 19.81
CA GLY F 137 -10.56 -7.69 19.43
C GLY F 137 -10.24 -6.18 19.50
N TYR F 138 -9.56 -5.78 20.56
CA TYR F 138 -9.18 -4.37 20.75
C TYR F 138 -8.25 -3.98 19.60
N VAL F 139 -7.25 -4.83 19.32
CA VAL F 139 -6.33 -4.55 18.27
C VAL F 139 -7.06 -4.39 16.92
N ARG F 140 -7.93 -5.36 16.56
CA ARG F 140 -8.64 -5.31 15.29
C ARG F 140 -9.52 -4.07 15.24
N ALA F 141 -10.08 -3.65 16.38
CA ALA F 141 -10.94 -2.44 16.41
C ALA F 141 -10.21 -1.15 16.17
N ILE F 142 -8.97 -1.02 16.64
CA ILE F 142 -8.25 0.25 16.55
C ILE F 142 -7.02 0.30 15.58
N SER F 143 -6.77 -0.83 14.91
CA SER F 143 -5.63 -1.00 13.97
C SER F 143 -5.39 0.16 13.00
N GLN F 144 -6.48 0.76 12.49
CA GLN F 144 -6.36 1.84 11.51
C GLN F 144 -5.60 3.08 12.00
N ILE F 145 -5.50 3.27 13.31
CA ILE F 145 -4.93 4.51 13.86
C ILE F 145 -3.78 4.20 14.78
N VAL F 146 -3.24 2.99 14.67
CA VAL F 146 -2.25 2.54 15.63
C VAL F 146 -1.11 1.83 14.85
N GLY F 147 0.07 1.74 15.50
CA GLY F 147 1.20 0.93 15.11
C GLY F 147 2.51 1.65 15.39
N PRO F 148 3.64 1.08 14.92
CA PRO F 148 4.99 1.50 15.33
C PRO F 148 5.35 2.95 15.01
N THR F 149 4.72 3.53 13.97
CA THR F 149 5.05 4.88 13.58
C THR F 149 3.96 5.87 14.04
N LYS F 150 2.93 5.37 14.75
CA LYS F 150 1.74 6.14 15.10
C LYS F 150 1.40 6.27 16.63
N ASP F 151 1.27 5.14 17.28
CA ASP F 151 0.72 5.04 18.58
C ASP F 151 1.04 3.67 19.06
N ILE F 152 1.93 3.62 20.06
CA ILE F 152 2.54 2.42 20.61
C ILE F 152 2.08 2.13 22.04
N PRO F 153 1.25 1.07 22.21
CA PRO F 153 0.75 0.85 23.55
C PRO F 153 1.67 0.12 24.48
N ALA F 154 1.14 -0.18 25.65
CA ALA F 154 1.96 -0.73 26.79
C ALA F 154 1.08 -1.36 27.84
N PRO F 155 1.68 -2.06 28.80
CA PRO F 155 0.96 -2.61 29.92
C PRO F 155 0.43 -1.51 30.91
N ASP F 156 -0.60 -1.81 31.67
CA ASP F 156 -1.17 -0.84 32.62
C ASP F 156 -1.99 -1.67 33.59
N VAL F 157 -3.02 -1.09 34.18
CA VAL F 157 -3.77 -1.80 35.21
C VAL F 157 -4.38 -3.04 34.60
N TYR F 158 -4.00 -4.19 35.17
CA TYR F 158 -4.52 -5.49 34.79
C TYR F 158 -4.23 -5.89 33.33
N THR F 159 -3.21 -5.29 32.73
CA THR F 159 -2.59 -5.84 31.53
C THR F 159 -1.11 -6.06 31.86
N ASN F 160 -0.60 -7.14 31.31
CA ASN F 160 0.78 -7.53 31.50
C ASN F 160 1.42 -7.89 30.14
N SER F 161 2.62 -8.49 30.18
CA SER F 161 3.36 -8.92 28.99
C SER F 161 2.69 -10.00 28.09
N GLN F 162 1.85 -10.86 28.68
CA GLN F 162 1.09 -11.84 27.88
C GLN F 162 0.02 -11.11 27.05
N ILE F 163 -0.68 -10.17 27.67
CA ILE F 163 -1.56 -9.34 26.92
C ILE F 163 -0.83 -8.61 25.78
N MET F 164 0.36 -8.04 26.04
CA MET F 164 1.18 -7.40 24.96
C MET F 164 1.55 -8.37 23.78
N ALA F 165 1.89 -9.60 24.16
CA ALA F 165 2.23 -10.67 23.22
C ALA F 165 1.08 -10.97 22.29
N TRP F 166 -0.13 -11.13 22.86
CA TRP F 166 -1.33 -11.39 22.10
C TRP F 166 -1.66 -10.27 21.16
N MET F 167 -1.48 -9.04 21.65
CA MET F 167 -1.80 -7.91 20.85
C MET F 167 -0.80 -7.73 19.69
N MET F 168 0.48 -7.89 20.03
CA MET F 168 1.53 -7.79 19.03
C MET F 168 1.25 -8.87 17.94
N ASP F 169 0.92 -10.09 18.35
CA ASP F 169 0.71 -11.15 17.38
C ASP F 169 -0.41 -10.79 16.41
N GLU F 170 -1.49 -10.24 16.98
CA GLU F 170 -2.59 -9.91 16.18
C GLU F 170 -2.30 -8.81 15.18
N TYR F 171 -1.60 -7.79 15.64
CA TYR F 171 -1.27 -6.71 14.78
C TYR F 171 -0.36 -7.18 13.60
N SER F 172 0.56 -8.08 13.89
CA SER F 172 1.47 -8.65 12.89
C SER F 172 0.72 -9.43 11.79
N ARG F 173 -0.32 -10.16 12.16
CA ARG F 173 -1.14 -10.87 11.21
C ARG F 173 -1.87 -9.95 10.26
N LEU F 174 -2.47 -8.90 10.82
CA LEU F 174 -3.14 -7.91 10.02
C LEU F 174 -2.21 -7.33 8.99
N ARG F 175 -0.96 -7.09 9.42
CA ARG F 175 0.04 -6.48 8.56
C ARG F 175 0.81 -7.45 7.65
N GLU F 176 0.84 -8.73 7.96
CA GLU F 176 1.65 -9.75 7.20
C GLU F 176 3.19 -9.70 7.44
N PHE F 177 3.59 -9.12 8.58
CA PHE F 177 4.95 -9.12 9.05
C PHE F 177 5.03 -8.80 10.53
N ASP F 178 6.01 -9.41 11.15
CA ASP F 178 6.25 -9.22 12.58
C ASP F 178 6.46 -7.75 12.90
N SER F 179 5.65 -7.23 13.81
CA SER F 179 5.61 -5.83 14.10
C SER F 179 5.85 -5.59 15.64
N PRO F 180 7.04 -5.96 16.13
CA PRO F 180 7.30 -5.81 17.57
C PRO F 180 7.21 -4.34 18.08
N GLY F 181 7.49 -3.36 17.23
CA GLY F 181 7.47 -1.99 17.58
C GLY F 181 6.10 -1.41 17.81
N PHE F 182 5.06 -2.23 17.59
CA PHE F 182 3.69 -1.71 17.76
C PHE F 182 3.42 -1.43 19.25
N ILE F 183 4.04 -2.21 20.14
CA ILE F 183 3.62 -2.32 21.52
C ILE F 183 4.77 -2.74 22.40
N THR F 184 4.92 -2.08 23.55
CA THR F 184 6.04 -2.37 24.46
C THR F 184 5.62 -3.18 25.69
N GLY F 185 6.57 -3.49 26.58
CA GLY F 185 6.37 -4.47 27.67
C GLY F 185 6.25 -5.92 27.21
N LYS F 186 6.76 -6.19 26.00
CA LYS F 186 6.72 -7.54 25.47
C LYS F 186 7.65 -8.44 26.25
N PRO F 187 7.38 -9.74 26.22
CA PRO F 187 8.41 -10.70 26.67
C PRO F 187 9.70 -10.57 25.83
N LEU F 188 10.83 -10.90 26.46
CA LEU F 188 12.15 -10.84 25.80
C LEU F 188 12.18 -11.56 24.46
N VAL F 189 11.57 -12.72 24.40
CA VAL F 189 11.63 -13.56 23.19
C VAL F 189 10.83 -12.96 22.04
N LEU F 190 10.00 -11.93 22.32
CA LEU F 190 9.24 -11.28 21.30
C LEU F 190 9.76 -9.89 21.10
N GLY F 191 10.95 -9.57 21.60
CA GLY F 191 11.52 -8.27 21.36
C GLY F 191 11.34 -7.32 22.50
N GLY F 192 11.15 -7.83 23.69
CA GLY F 192 11.19 -6.99 24.87
C GLY F 192 12.62 -6.51 25.20
N SER F 193 12.73 -5.58 26.13
CA SER F 193 13.98 -4.98 26.56
C SER F 193 14.39 -5.56 27.89
N GLN F 194 15.69 -5.70 28.02
CA GLN F 194 16.35 -5.93 29.29
C GLN F 194 16.15 -4.60 30.11
N GLY F 195 16.24 -4.67 31.46
CA GLY F 195 16.36 -3.48 32.36
C GLY F 195 15.04 -2.93 32.89
N ARG F 196 13.98 -3.68 32.63
CA ARG F 196 12.63 -3.24 32.81
C ARG F 196 12.17 -3.31 34.25
N GLU F 197 12.58 -4.37 34.96
CA GLU F 197 12.10 -4.63 36.31
C GLU F 197 12.62 -3.69 37.39
N THR F 198 13.79 -3.11 37.18
CA THR F 198 14.37 -2.15 38.13
C THR F 198 14.27 -0.68 37.61
N ALA F 199 13.72 -0.48 36.41
CA ALA F 199 13.90 0.79 35.73
C ALA F 199 13.36 1.97 36.54
N THR F 200 12.21 1.76 37.19
CA THR F 200 11.54 2.79 37.95
C THR F 200 12.34 3.18 39.23
N ALA F 201 12.74 2.14 39.98
CA ALA F 201 13.51 2.23 41.23
C ALA F 201 14.92 2.74 41.02
N GLN F 202 15.62 2.26 40.00
CA GLN F 202 16.91 2.83 39.56
C GLN F 202 16.82 4.34 39.43
N GLY F 203 15.78 4.79 38.72
CA GLY F 203 15.61 6.21 38.40
C GLY F 203 15.41 7.07 39.63
N VAL F 204 14.77 6.51 40.66
CA VAL F 204 14.64 7.16 41.96
C VAL F 204 16.00 7.35 42.68
N THR F 205 16.87 6.33 42.62
CA THR F 205 18.22 6.41 43.22
C THR F 205 19.04 7.47 42.49
N ILE F 206 18.91 7.50 41.17
CA ILE F 206 19.60 8.51 40.40
C ILE F 206 19.13 9.90 40.87
N CYS F 207 17.84 10.10 41.03
CA CYS F 207 17.35 11.40 41.53
C CYS F 207 17.91 11.77 42.92
N ILE F 208 18.10 10.78 43.78
CA ILE F 208 18.74 11.02 45.08
C ILE F 208 20.18 11.50 44.86
N GLU F 209 20.94 10.73 44.08
CA GLU F 209 22.33 11.08 43.78
C GLU F 209 22.47 12.52 43.24
N GLU F 210 21.61 12.93 42.34
CA GLU F 210 21.75 14.30 41.78
C GLU F 210 21.31 15.39 42.76
N ALA F 211 20.38 15.06 43.66
CA ALA F 211 19.84 16.01 44.64
C ALA F 211 20.91 16.30 45.69
N VAL F 212 21.38 15.21 46.31
CA VAL F 212 22.53 15.20 47.19
C VAL F 212 23.60 16.16 46.63
N LYS F 213 24.12 15.90 45.43
CA LYS F 213 25.09 16.79 44.77
C LYS F 213 24.79 18.30 44.90
N LYS F 214 23.50 18.66 44.85
CA LYS F 214 23.07 20.06 44.81
C LYS F 214 23.07 20.75 46.18
N LYS F 215 22.82 19.98 47.25
CA LYS F 215 22.92 20.50 48.61
C LYS F 215 24.39 20.51 49.15
N GLY F 216 25.36 20.17 48.29
CA GLY F 216 26.78 20.22 48.61
C GLY F 216 27.21 19.08 49.52
N ILE F 217 26.42 18.02 49.57
CA ILE F 217 26.70 16.90 50.46
C ILE F 217 27.01 15.64 49.64
N LYS F 218 27.79 14.73 50.22
CA LYS F 218 28.19 13.49 49.55
C LYS F 218 27.15 12.43 49.83
N LEU F 219 27.15 11.39 49.00
CA LEU F 219 26.19 10.30 49.13
C LEU F 219 26.49 9.50 50.41
N GLN F 220 27.75 9.11 50.55
CA GLN F 220 28.18 8.29 51.70
C GLN F 220 28.00 8.99 53.06
N ASN F 221 27.94 10.33 53.07
CA ASN F 221 27.65 11.10 54.28
C ASN F 221 26.17 11.49 54.49
N ALA F 222 25.34 11.25 53.49
CA ALA F 222 23.92 11.59 53.58
C ALA F 222 23.14 10.62 54.50
N ARG F 223 22.09 11.17 55.13
CA ARG F 223 21.30 10.46 56.15
C ARG F 223 19.83 10.43 55.71
N ILE F 224 19.31 9.22 55.53
CA ILE F 224 18.09 9.01 54.79
C ILE F 224 17.00 8.38 55.67
N ILE F 225 15.82 9.01 55.72
CA ILE F 225 14.59 8.40 56.27
C ILE F 225 13.75 7.77 55.13
N ILE F 226 13.34 6.51 55.28
CA ILE F 226 12.62 5.82 54.20
C ILE F 226 11.28 5.23 54.67
N GLN F 227 10.20 6.00 54.44
CA GLN F 227 8.80 5.63 54.76
C GLN F 227 8.32 4.53 53.80
N GLY F 228 7.64 3.52 54.32
CA GLY F 228 7.28 2.36 53.51
C GLY F 228 8.52 1.51 53.32
N PHE F 229 8.35 0.20 53.44
CA PHE F 229 9.46 -0.75 53.46
C PHE F 229 9.13 -1.99 52.62
N GLY F 230 8.37 -1.77 51.55
CA GLY F 230 7.95 -2.83 50.66
C GLY F 230 8.95 -3.01 49.53
N ASN F 231 8.44 -3.44 48.38
CA ASN F 231 9.22 -3.61 47.15
C ASN F 231 9.89 -2.28 46.73
N ALA F 232 9.11 -1.20 46.80
CA ALA F 232 9.60 0.14 46.51
C ALA F 232 10.73 0.50 47.47
N GLY F 233 10.37 0.70 48.74
CA GLY F 233 11.29 1.28 49.73
C GLY F 233 12.46 0.43 50.19
N SER F 234 12.44 -0.87 49.88
CA SER F 234 13.56 -1.74 50.24
C SER F 234 14.71 -1.62 49.24
N PHE F 235 14.41 -1.62 47.95
CA PHE F 235 15.42 -1.41 46.91
C PHE F 235 16.28 -0.18 47.18
N LEU F 236 15.61 0.93 47.53
CA LEU F 236 16.28 2.19 47.92
C LEU F 236 17.00 2.07 49.28
N ALA F 237 16.39 1.39 50.24
CA ALA F 237 17.03 1.19 51.55
C ALA F 237 18.37 0.44 51.40
N LYS F 238 18.41 -0.53 50.46
CA LYS F 238 19.62 -1.30 50.12
C LYS F 238 20.63 -0.44 49.39
N PHE F 239 20.22 0.07 48.24
CA PHE F 239 21.08 0.92 47.44
C PHE F 239 21.89 1.91 48.31
N MET F 240 21.20 2.59 49.23
CA MET F 240 21.81 3.63 50.07
C MET F 240 22.86 3.08 51.04
N HIS F 241 22.55 1.91 51.60
CA HIS F 241 23.47 1.20 52.46
C HIS F 241 24.74 0.87 51.69
N ASP F 242 24.58 0.16 50.57
CA ASP F 242 25.70 -0.21 49.71
C ASP F 242 26.52 1.00 49.26
N ALA F 243 25.91 2.18 49.22
CA ALA F 243 26.58 3.43 48.85
C ALA F 243 27.26 4.10 50.04
N GLY F 244 27.17 3.49 51.21
CA GLY F 244 27.93 3.95 52.36
C GLY F 244 27.22 5.02 53.17
N ALA F 245 25.93 5.22 52.92
CA ALA F 245 25.17 6.22 53.66
C ALA F 245 24.37 5.60 54.81
N LYS F 246 23.88 6.47 55.68
CA LYS F 246 23.19 6.09 56.92
C LYS F 246 21.67 6.06 56.70
N VAL F 247 21.06 4.88 56.85
CA VAL F 247 19.61 4.77 56.75
C VAL F 247 19.03 5.08 58.16
N ILE F 248 19.07 6.38 58.47
CA ILE F 248 18.64 6.96 59.77
C ILE F 248 17.18 6.67 60.15
N GLY F 249 16.31 6.50 59.15
CA GLY F 249 14.87 6.25 59.40
C GLY F 249 14.21 5.25 58.45
N ILE F 250 13.58 4.23 59.01
CA ILE F 250 12.78 3.26 58.26
C ILE F 250 11.33 3.29 58.80
N SER F 251 10.38 2.82 57.99
CA SER F 251 8.98 2.85 58.40
C SER F 251 8.07 1.96 57.55
N ASP F 252 6.91 1.65 58.13
CA ASP F 252 5.94 0.69 57.61
C ASP F 252 4.56 1.00 58.25
N ALA F 253 3.61 0.07 58.12
CA ALA F 253 2.33 0.13 58.85
C ALA F 253 2.43 0.54 60.36
N ASN F 254 3.04 -0.29 61.20
CA ASN F 254 2.86 -0.22 62.68
C ASN F 254 3.46 1.01 63.43
N GLY F 255 4.65 1.45 63.00
CA GLY F 255 5.36 2.57 63.65
C GLY F 255 6.54 2.97 62.77
N GLY F 256 7.69 3.28 63.36
CA GLY F 256 8.91 3.58 62.59
C GLY F 256 10.15 3.71 63.46
N LEU F 257 11.29 3.20 62.95
CA LEU F 257 12.57 3.09 63.71
C LEU F 257 13.62 4.15 63.30
N TYR F 258 13.92 5.10 64.19
CA TYR F 258 14.85 6.21 63.90
C TYR F 258 16.12 6.14 64.73
N ASN F 259 17.26 5.95 64.07
CA ASN F 259 18.55 5.81 64.75
C ASN F 259 19.61 6.78 64.17
N PRO F 260 19.92 7.88 64.88
CA PRO F 260 20.96 8.86 64.44
C PRO F 260 22.37 8.25 64.20
N ASP F 261 22.53 6.95 64.48
CA ASP F 261 23.72 6.17 64.15
C ASP F 261 23.56 5.52 62.78
N GLY F 262 22.35 5.06 62.49
CA GLY F 262 22.10 4.33 61.27
C GLY F 262 21.57 2.97 61.64
N LEU F 263 20.57 2.51 60.89
CA LEU F 263 19.90 1.25 61.14
C LEU F 263 20.65 0.09 60.48
N ASP F 264 20.38 -1.11 60.98
CA ASP F 264 21.15 -2.30 60.65
C ASP F 264 20.55 -2.97 59.41
N ILE F 265 20.58 -2.26 58.29
CA ILE F 265 19.80 -2.60 57.07
C ILE F 265 19.77 -4.10 56.66
N PRO F 266 20.95 -4.77 56.62
CA PRO F 266 20.95 -6.15 56.14
C PRO F 266 20.31 -7.11 57.12
N TYR F 267 20.65 -6.93 58.41
CA TYR F 267 19.97 -7.60 59.52
C TYR F 267 18.48 -7.41 59.30
N LEU F 268 18.09 -6.16 59.04
CA LEU F 268 16.71 -5.80 58.66
C LEU F 268 16.30 -6.45 57.30
N LEU F 269 16.42 -7.78 57.23
CA LEU F 269 16.02 -8.60 56.08
C LEU F 269 16.14 -10.07 56.49
N ILE F 286 8.33 4.46 67.40
CA ILE F 286 7.41 5.59 67.47
C ILE F 286 6.57 5.76 66.17
N THR F 287 5.72 6.78 66.14
CA THR F 287 4.78 6.99 65.03
C THR F 287 5.44 7.65 63.79
N ASN F 288 4.80 7.47 62.63
CA ASN F 288 5.31 8.02 61.35
C ASN F 288 5.38 9.54 61.32
N GLU F 289 4.44 10.21 62.01
CA GLU F 289 4.25 11.67 61.91
C GLU F 289 5.38 12.45 62.64
N GLU F 290 5.93 11.85 63.70
CA GLU F 290 7.14 12.35 64.37
C GLU F 290 8.36 12.16 63.47
N LEU F 291 8.43 10.98 62.83
CA LEU F 291 9.58 10.55 62.00
C LEU F 291 9.88 11.50 60.85
N LEU F 292 8.82 11.96 60.19
CA LEU F 292 8.95 12.88 59.04
C LEU F 292 9.57 14.22 59.44
N GLU F 293 9.41 14.60 60.72
CA GLU F 293 9.96 15.87 61.23
C GLU F 293 11.32 15.68 61.94
N LYS F 294 11.68 14.43 62.23
CA LYS F 294 13.00 14.12 62.78
C LYS F 294 14.08 14.68 61.86
N ASP F 295 15.24 14.96 62.44
CA ASP F 295 16.32 15.61 61.72
C ASP F 295 17.07 14.63 60.79
N CYS F 296 17.26 15.05 59.53
CA CYS F 296 18.07 14.33 58.52
C CYS F 296 18.31 15.21 57.26
N ASP F 297 18.98 14.65 56.26
CA ASP F 297 19.19 15.31 54.96
C ASP F 297 18.06 15.00 53.96
N ILE F 298 17.71 13.72 53.85
CA ILE F 298 16.79 13.17 52.82
C ILE F 298 15.59 12.48 53.42
N LEU F 299 14.38 12.80 52.99
CA LEU F 299 13.19 12.06 53.39
C LEU F 299 12.50 11.48 52.16
N VAL F 300 12.19 10.18 52.20
CA VAL F 300 11.58 9.49 51.08
C VAL F 300 10.30 8.79 51.53
N PRO F 301 9.13 9.29 51.12
CA PRO F 301 7.88 8.58 51.43
C PRO F 301 7.57 7.39 50.50
N ALA F 302 6.42 6.74 50.69
CA ALA F 302 5.99 5.63 49.80
C ALA F 302 4.47 5.69 49.56
N ALA F 303 4.02 4.91 48.56
CA ALA F 303 2.59 4.71 48.18
C ALA F 303 1.53 5.77 48.60
N ILE F 304 1.11 5.75 49.87
CA ILE F 304 -0.10 6.49 50.29
C ILE F 304 0.09 8.02 50.36
N SER F 305 -1.02 8.73 50.19
CA SER F 305 -1.01 10.15 49.93
C SER F 305 -1.30 10.97 51.15
N ASN F 306 -1.01 12.26 51.02
CA ASN F 306 -1.17 13.25 52.08
C ASN F 306 -0.34 12.99 53.37
N GLN F 307 0.76 12.24 53.28
CA GLN F 307 1.64 12.04 54.43
C GLN F 307 2.25 13.37 54.84
N ILE F 308 2.54 14.23 53.87
CA ILE F 308 2.92 15.60 54.14
C ILE F 308 1.78 16.56 53.77
N THR F 309 1.14 17.12 54.80
CA THR F 309 0.13 18.17 54.65
C THR F 309 0.77 19.52 55.06
N ALA F 310 -0.05 20.58 55.17
CA ALA F 310 0.45 21.88 55.66
C ALA F 310 0.51 21.90 57.20
N LYS F 311 0.02 20.82 57.83
CA LYS F 311 0.34 20.49 59.23
C LYS F 311 1.84 20.12 59.39
N ASN F 312 2.31 19.14 58.59
CA ASN F 312 3.70 18.64 58.66
C ASN F 312 4.72 19.56 57.96
N ALA F 313 4.25 20.41 57.05
CA ALA F 313 5.12 21.15 56.10
C ALA F 313 6.16 22.08 56.74
N HIS F 314 5.81 22.73 57.84
CA HIS F 314 6.70 23.68 58.52
C HIS F 314 7.70 22.99 59.44
N ASN F 315 7.35 21.78 59.84
CA ASN F 315 8.07 21.04 60.87
C ASN F 315 9.11 20.04 60.30
N ILE F 316 8.94 19.69 59.02
CA ILE F 316 9.88 18.85 58.23
C ILE F 316 11.32 19.41 58.18
N GLN F 317 12.29 18.54 58.38
CA GLN F 317 13.67 18.99 58.59
C GLN F 317 14.69 18.36 57.67
N ALA F 318 14.27 17.42 56.80
CA ALA F 318 15.10 16.96 55.68
C ALA F 318 15.26 18.14 54.76
N SER F 319 16.43 18.27 54.14
CA SER F 319 16.67 19.30 53.11
C SER F 319 16.31 18.81 51.68
N ILE F 320 16.00 17.52 51.55
CA ILE F 320 15.70 16.89 50.27
C ILE F 320 14.55 15.91 50.44
N VAL F 321 13.43 16.17 49.79
CA VAL F 321 12.30 15.24 49.78
C VAL F 321 12.16 14.60 48.39
N VAL F 322 12.20 13.28 48.34
CA VAL F 322 12.04 12.56 47.08
C VAL F 322 10.75 11.76 47.15
N GLU F 323 9.78 12.11 46.30
CA GLU F 323 8.56 11.30 46.12
C GLU F 323 8.89 10.04 45.31
N ARG F 324 8.93 8.89 45.99
CA ARG F 324 9.11 7.58 45.36
C ARG F 324 7.81 7.25 44.61
N ALA F 325 6.68 7.28 45.35
CA ALA F 325 5.33 7.02 44.82
C ALA F 325 4.45 8.30 44.81
N ASN F 326 3.16 8.13 44.52
CA ASN F 326 2.29 9.22 44.07
C ASN F 326 1.41 9.94 45.12
N GLY F 327 1.45 11.27 45.07
CA GLY F 327 0.61 12.14 45.88
C GLY F 327 0.90 12.22 47.38
N PRO F 328 2.15 11.99 47.79
CA PRO F 328 2.40 12.06 49.22
C PRO F 328 2.36 13.49 49.79
N THR F 329 2.83 14.49 49.03
CA THR F 329 2.84 15.90 49.45
C THR F 329 1.61 16.65 48.92
N THR F 330 0.93 17.42 49.78
CA THR F 330 -0.28 18.16 49.36
C THR F 330 0.10 19.34 48.46
N ILE F 331 -0.90 19.93 47.80
CA ILE F 331 -0.62 21.10 46.94
C ILE F 331 -0.02 22.24 47.80
N ASP F 332 -0.56 22.46 49.00
CA ASP F 332 0.01 23.43 49.95
C ASP F 332 1.35 22.99 50.57
N ALA F 333 1.40 21.75 51.08
CA ALA F 333 2.63 21.21 51.73
C ALA F 333 3.90 21.47 50.89
N THR F 334 3.73 21.50 49.56
CA THR F 334 4.79 21.82 48.60
C THR F 334 5.08 23.32 48.45
N LYS F 335 4.05 24.16 48.64
CA LYS F 335 4.25 25.61 48.66
C LYS F 335 5.19 25.97 49.80
N ILE F 336 4.76 25.63 51.03
CA ILE F 336 5.52 25.86 52.27
C ILE F 336 6.98 25.45 52.13
N LEU F 337 7.16 24.16 51.78
CA LEU F 337 8.48 23.58 51.57
C LEU F 337 9.36 24.38 50.61
N ASN F 338 8.86 24.63 49.41
CA ASN F 338 9.65 25.39 48.43
C ASN F 338 9.93 26.84 48.90
N GLU F 339 9.01 27.42 49.70
CA GLU F 339 9.22 28.76 50.30
C GLU F 339 10.50 28.79 51.13
N ARG F 340 10.75 27.67 51.81
CA ARG F 340 11.79 27.56 52.79
C ARG F 340 12.83 26.50 52.44
N GLY F 341 13.35 26.56 51.21
CA GLY F 341 14.65 25.97 50.83
C GLY F 341 14.82 24.46 50.62
N VAL F 342 13.84 23.66 51.01
CA VAL F 342 13.91 22.20 50.82
C VAL F 342 13.75 21.76 49.35
N LEU F 343 14.73 21.02 48.82
CA LEU F 343 14.69 20.55 47.43
C LEU F 343 13.83 19.32 47.28
N LEU F 344 12.64 19.51 46.69
CA LEU F 344 11.60 18.45 46.50
C LEU F 344 11.66 17.83 45.06
N VAL F 345 11.93 16.53 45.00
CA VAL F 345 11.92 15.77 43.75
C VAL F 345 10.52 15.12 43.51
N PRO F 346 9.79 15.63 42.53
CA PRO F 346 8.44 15.11 42.33
C PRO F 346 8.39 13.67 41.72
N ASP F 347 7.33 12.96 42.07
CA ASP F 347 7.13 11.60 41.60
C ASP F 347 7.15 11.53 40.10
N ILE F 348 6.48 12.45 39.44
CA ILE F 348 6.45 12.45 37.99
C ILE F 348 7.86 12.43 37.34
N LEU F 349 8.89 12.96 38.03
CA LEU F 349 10.26 12.91 37.55
C LEU F 349 10.92 11.66 38.04
N ALA F 350 10.89 11.48 39.36
CA ALA F 350 11.56 10.34 40.00
C ALA F 350 11.16 9.02 39.37
N SER F 351 9.93 8.95 38.85
CA SER F 351 9.41 7.66 38.38
C SER F 351 9.51 7.45 36.83
N ALA F 352 10.08 8.42 36.12
CA ALA F 352 10.17 8.40 34.65
C ALA F 352 11.02 7.24 34.04
N GLY F 353 11.85 6.57 34.81
CA GLY F 353 12.50 5.41 34.30
C GLY F 353 11.54 4.44 33.60
N GLY F 354 10.31 4.29 34.12
CA GLY F 354 9.35 3.35 33.59
C GLY F 354 9.08 3.67 32.11
N VAL F 355 8.70 4.91 31.85
CA VAL F 355 8.39 5.34 30.55
C VAL F 355 9.65 5.26 29.65
N THR F 356 10.82 5.56 30.22
CA THR F 356 12.06 5.59 29.52
C THR F 356 12.51 4.21 28.98
N VAL F 357 12.43 3.16 29.80
CA VAL F 357 12.77 1.84 29.34
C VAL F 357 11.79 1.33 28.27
N SER F 358 10.57 1.86 28.28
CA SER F 358 9.55 1.42 27.35
C SER F 358 9.85 1.98 25.96
N TYR F 359 10.28 3.22 25.94
CA TYR F 359 10.85 3.84 24.76
C TYR F 359 12.08 3.09 24.21
N PHE F 360 13.04 2.75 25.06
CA PHE F 360 14.23 2.07 24.66
C PHE F 360 13.86 0.72 23.97
N GLU F 361 12.88 0.00 24.51
CA GLU F 361 12.36 -1.21 23.89
C GLU F 361 11.96 -0.93 22.38
N TRP F 362 11.26 0.17 22.16
CA TRP F 362 10.84 0.57 20.86
C TRP F 362 12.02 0.93 19.95
N VAL F 363 13.03 1.65 20.50
CA VAL F 363 14.23 1.92 19.73
C VAL F 363 14.85 0.57 19.27
N GLN F 364 14.94 -0.39 20.16
CA GLN F 364 15.53 -1.65 19.82
C GLN F 364 14.75 -2.42 18.70
N ASN F 365 13.42 -2.27 18.73
CA ASN F 365 12.53 -2.83 17.78
C ASN F 365 12.80 -2.18 16.43
N ASN F 366 13.01 -0.86 16.45
CA ASN F 366 13.27 -0.08 15.23
C ASN F 366 14.55 -0.53 14.49
N GLN F 367 15.56 -0.79 15.30
CA GLN F 367 16.86 -1.24 14.88
C GLN F 367 16.92 -2.71 14.57
N GLY F 368 16.09 -3.50 15.24
CA GLY F 368 16.21 -4.93 15.24
C GLY F 368 17.41 -5.42 16.03
N TYR F 369 17.84 -4.62 17.01
CA TYR F 369 19.04 -4.91 17.74
C TYR F 369 18.83 -4.62 19.25
N TYR F 370 19.22 -5.60 20.08
CA TYR F 370 18.87 -5.62 21.49
C TYR F 370 20.05 -5.43 22.44
N TRP F 371 19.84 -4.56 23.41
CA TRP F 371 20.87 -4.05 24.29
C TRP F 371 21.01 -4.90 25.57
N SER F 372 22.22 -4.98 26.10
CA SER F 372 22.42 -5.69 27.42
C SER F 372 21.81 -4.89 28.57
N GLU F 373 21.54 -5.62 29.64
CA GLU F 373 21.17 -5.05 30.95
C GLU F 373 21.99 -3.80 31.29
N GLU F 374 23.31 -3.95 31.11
CA GLU F 374 24.28 -2.88 31.40
C GLU F 374 24.17 -1.67 30.49
N GLU F 375 24.02 -1.88 29.20
CA GLU F 375 23.78 -0.74 28.32
C GLU F 375 22.47 -0.06 28.64
N VAL F 376 21.43 -0.83 28.94
CA VAL F 376 20.16 -0.19 29.28
C VAL F 376 20.26 0.68 30.53
N ALA F 377 20.84 0.12 31.61
CA ALA F 377 21.06 0.85 32.93
C ALA F 377 21.75 2.16 32.68
N GLU F 378 22.79 2.11 31.86
CA GLU F 378 23.58 3.30 31.57
C GLU F 378 22.86 4.36 30.77
N LYS F 379 22.10 3.97 29.74
CA LYS F 379 21.32 4.96 29.00
C LYS F 379 20.18 5.49 29.87
N LEU F 380 19.64 4.67 30.76
CA LEU F 380 18.57 5.13 31.65
C LEU F 380 19.10 6.22 32.55
N ARG F 381 20.37 6.12 32.95
CA ARG F 381 20.96 7.07 33.87
C ARG F 381 21.22 8.40 33.20
N SER F 382 21.77 8.40 32.01
CA SER F 382 21.97 9.68 31.35
C SER F 382 20.62 10.39 31.07
N VAL F 383 19.55 9.60 30.83
CA VAL F 383 18.25 10.25 30.66
C VAL F 383 17.83 10.91 31.94
N MET F 384 17.92 10.19 33.04
CA MET F 384 17.45 10.75 34.30
C MET F 384 18.29 11.97 34.77
N VAL F 385 19.61 11.91 34.54
CA VAL F 385 20.49 13.03 34.89
C VAL F 385 20.16 14.28 34.09
N SER F 386 19.98 14.14 32.78
CA SER F 386 19.57 15.29 31.99
C SER F 386 18.19 15.85 32.39
N SER F 387 17.25 14.98 32.73
CA SER F 387 15.93 15.46 33.11
C SER F 387 15.97 16.25 34.41
N PHE F 388 16.71 15.76 35.40
CA PHE F 388 16.85 16.41 36.70
C PHE F 388 17.38 17.83 36.53
N GLU F 389 18.49 17.97 35.81
CA GLU F 389 19.06 19.29 35.51
C GLU F 389 18.10 20.20 34.84
N THR F 390 17.48 19.74 33.75
CA THR F 390 16.67 20.68 33.01
C THR F 390 15.41 21.07 33.86
N ILE F 391 14.94 20.21 34.73
CA ILE F 391 13.79 20.59 35.55
C ILE F 391 14.19 21.56 36.72
N TYR F 392 15.35 21.30 37.32
CA TYR F 392 16.03 22.20 38.30
C TYR F 392 16.23 23.59 37.70
N GLN F 393 16.91 23.64 36.55
CA GLN F 393 17.19 24.91 35.92
C GLN F 393 15.95 25.75 35.61
N THR F 394 14.87 25.06 35.21
CA THR F 394 13.58 25.66 34.89
C THR F 394 12.89 26.16 36.16
N ALA F 395 13.00 25.40 37.23
CA ALA F 395 12.48 25.82 38.53
C ALA F 395 13.22 27.11 38.97
N ALA F 396 14.54 27.17 38.71
CA ALA F 396 15.38 28.32 39.06
C ALA F 396 15.09 29.51 38.16
N THR F 397 15.05 29.32 36.85
CA THR F 397 14.84 30.51 35.98
C THR F 397 13.43 31.06 36.05
N HIS F 398 12.41 30.26 36.39
CA HIS F 398 11.06 30.79 36.62
C HIS F 398 10.73 30.92 38.09
N LYS F 399 11.64 30.55 39.00
CA LYS F 399 11.34 30.60 40.45
C LYS F 399 9.95 30.01 40.75
N VAL F 400 9.87 28.66 40.66
CA VAL F 400 8.70 27.87 41.05
C VAL F 400 9.28 26.59 41.57
N ASP F 401 8.50 25.76 42.25
CA ASP F 401 9.03 24.47 42.70
C ASP F 401 9.23 23.53 41.50
N MET F 402 9.79 22.36 41.79
CA MET F 402 10.11 21.37 40.79
C MET F 402 8.87 20.72 40.14
N ARG F 403 7.85 20.45 40.94
CA ARG F 403 6.63 19.94 40.38
C ARG F 403 6.14 20.81 39.24
N LEU F 404 5.97 22.11 39.49
CA LEU F 404 5.45 23.01 38.43
C LEU F 404 6.49 23.03 37.29
N ALA F 405 7.77 23.00 37.67
CA ALA F 405 8.88 22.94 36.71
C ALA F 405 8.79 21.65 35.86
N ALA F 406 8.53 20.49 36.48
CA ALA F 406 8.26 19.24 35.77
C ALA F 406 7.07 19.42 34.80
N TYR F 407 5.95 19.93 35.29
CA TYR F 407 4.77 20.09 34.46
C TYR F 407 5.13 20.91 33.25
N MET F 408 5.93 21.95 33.49
CA MET F 408 6.29 22.86 32.42
C MET F 408 7.19 22.21 31.38
N THR F 409 8.20 21.47 31.83
CA THR F 409 9.12 20.94 30.86
C THR F 409 8.36 19.85 30.09
N GLY F 410 7.52 19.15 30.82
CA GLY F 410 6.52 18.26 30.30
C GLY F 410 5.78 18.64 29.04
N ILE F 411 5.06 19.78 29.00
CA ILE F 411 4.26 20.16 27.80
C ILE F 411 4.97 21.03 26.80
N ARG F 412 6.03 21.67 27.23
CA ARG F 412 6.82 22.59 26.46
C ARG F 412 7.26 21.97 25.08
N LYS F 413 7.73 20.74 25.08
CA LYS F 413 8.15 20.04 23.85
C LYS F 413 7.02 19.99 22.88
N SER F 414 5.90 19.44 23.32
CA SER F 414 4.75 19.36 22.45
C SER F 414 4.33 20.73 21.96
N ALA F 415 4.42 21.72 22.87
CA ALA F 415 4.02 23.06 22.54
C ALA F 415 4.93 23.62 21.48
N GLU F 416 6.22 23.51 21.72
CA GLU F 416 7.21 23.97 20.75
C GLU F 416 7.07 23.28 19.37
N ALA F 417 6.97 21.94 19.41
CA ALA F 417 6.77 21.11 18.23
C ALA F 417 5.49 21.59 17.50
N SER F 418 4.43 21.88 18.26
CA SER F 418 3.14 22.24 17.61
C SER F 418 3.27 23.60 16.91
N ARG F 419 4.05 24.49 17.53
CA ARG F 419 4.28 25.81 17.00
C ARG F 419 5.14 25.72 15.76
N PHE F 420 6.26 25.02 15.83
CA PHE F 420 7.10 24.90 14.61
C PHE F 420 6.38 24.25 13.44
N ARG F 421 5.45 23.36 13.74
CA ARG F 421 4.73 22.67 12.69
C ARG F 421 3.61 23.50 12.11
N GLY F 422 3.40 24.67 12.69
CA GLY F 422 2.42 25.61 12.15
C GLY F 422 0.98 25.35 12.59
N TRP F 423 0.77 24.61 13.66
CA TRP F 423 -0.61 24.29 14.07
C TRP F 423 -1.37 25.38 14.87
N VAL F 424 -0.62 26.16 15.66
CA VAL F 424 -1.11 27.29 16.48
C VAL F 424 0.02 28.33 16.65
#